data_3W3G
#
_entry.id   3W3G
#
_cell.length_a   137.525
_cell.length_b   101.970
_cell.length_c   141.340
_cell.angle_alpha   90.00
_cell.angle_beta   104.75
_cell.angle_gamma   90.00
#
_symmetry.space_group_name_H-M   'C 1 2 1'
#
loop_
_entity.id
_entity.type
_entity.pdbx_description
1 polymer 'Toll-like receptor 8'
2 branched beta-D-mannopyranose-(1-4)-2-acetamido-2-deoxy-beta-D-glucopyranose-(1-4)-2-acetamido-2-deoxy-beta-D-glucopyranose
3 branched 2-acetamido-2-deoxy-beta-D-glucopyranose-(1-4)-2-acetamido-2-deoxy-beta-D-glucopyranose
4 non-polymer 2-acetamido-2-deoxy-beta-D-glucopyranose
5 non-polymer (R,R)-2,3-BUTANEDIOL
6 water water
#
_entity_poly.entity_id   1
_entity_poly.type   'polypeptide(L)'
_entity_poly.pdbx_seq_one_letter_code
;RSPWEENFSRSYPCDEKKQNDSVIAECSNRRLQEVPQTVGKYVTELDLSDNFITHITNESFQGLQNLTKINLNHNPNVQH
QNGNPGIQSNGLNITDGAFLNLKNLRELLLEDNQLPQIPSGLPESLTELSLIQNNIYNITKEGISRLINLKNLYLAWNCY
FNKVCEKTNIEDGVFETLTNLELLSLSFNSLSHVPPKLPSSLRKLFLSNTQIKYISEEDFKGLINLTLLDLSGNCPRCFN
APFPCVPCDGGASINIDRFAFQNLTQLRYLNLSSTSLRKINAAWFKNMPHLKVLDLEFNYLVGEIASGAFLTMLPRLEIL
DLSFNYIKGSYPQHINISRNFSKLLSLRALHLRGYVFQELREDDFQPLMQLPNLSTINLGINFIKQIDFKLFQNFSNLEI
IYLSENRISPLVKDTRQSYANSSSFQRHIRKRRSTDFEFDPHSNFYHFTRPLIKPQCAAYGKALDLSLNSIFFIGPNQFE
NLPDIACLNLSANSNAQVLSGTEFSAIPHVKYLDLTNNRLDFDNASALTELSDLEVLDLSYNSHYFRIAGVTHHLEFIQN
FTNLKVLNLSHNNIYTLTDKYNLESKSLVELVFSGNRLDILWNDDDNRYISIFKGLKNLTRLDLSLNRLKHIPNEAFLNL
PASLTELHINDNMLKFFNWTLLQQFPRLELLDLRGNKLLFLTDSLSDFTSSLRTLLLSHNRISHLPSGFLSEVSSLKHLD
LSSNLLKTINKSALETKTTTKLSMLELHGNPFECTCDIGDFRRWMDEHLNVKIPRLVDVICASPGDQRGKSIVSLELTTC
VSDVTEFLVPR
;
_entity_poly.pdbx_strand_id   A,B
#
loop_
_chem_comp.id
_chem_comp.type
_chem_comp.name
_chem_comp.formula
BMA D-saccharide, beta linking beta-D-mannopyranose 'C6 H12 O6'
BU3 non-polymer (R,R)-2,3-BUTANEDIOL 'C4 H10 O2'
NAG D-saccharide, beta linking 2-acetamido-2-deoxy-beta-D-glucopyranose 'C8 H15 N O6'
#
# COMPACT_ATOMS: atom_id res chain seq x y z
N ARG A 10 -9.80 -17.55 41.39
CA ARG A 10 -10.03 -16.74 40.16
C ARG A 10 -10.48 -15.32 40.48
N SER A 11 -9.55 -14.37 40.31
CA SER A 11 -9.88 -12.98 40.61
C SER A 11 -10.68 -12.37 39.44
N TYR A 12 -11.54 -11.41 39.77
CA TYR A 12 -12.34 -10.76 38.76
C TYR A 12 -12.65 -9.34 39.21
N PRO A 13 -12.58 -8.35 38.29
CA PRO A 13 -12.32 -8.33 36.85
C PRO A 13 -10.87 -8.26 36.42
N CYS A 14 -9.97 -8.20 37.38
CA CYS A 14 -8.55 -8.11 37.08
C CYS A 14 -7.97 -9.50 36.86
N ASP A 15 -6.90 -9.57 36.09
CA ASP A 15 -6.05 -10.75 36.04
C ASP A 15 -4.89 -10.57 37.03
N GLU A 16 -4.92 -11.33 38.13
CA GLU A 16 -3.83 -11.36 39.10
C GLU A 16 -2.67 -12.22 38.62
N LYS A 17 -1.44 -11.69 38.73
CA LYS A 17 -0.24 -12.41 38.33
C LYS A 17 0.96 -12.33 39.30
N LYS A 18 1.78 -13.36 39.31
CA LYS A 18 2.98 -13.36 40.16
C LYS A 18 4.12 -12.60 39.49
N GLN A 19 4.91 -11.91 40.31
CA GLN A 19 6.08 -11.15 39.90
C GLN A 19 6.99 -11.19 41.12
N ASN A 20 8.07 -11.96 41.03
CA ASN A 20 8.88 -12.28 42.22
C ASN A 20 7.99 -12.46 43.46
N ASP A 21 8.16 -11.57 44.43
CA ASP A 21 7.29 -11.48 45.61
C ASP A 21 5.94 -10.80 45.31
N SER A 22 6.01 -9.60 44.71
CA SER A 22 4.90 -8.64 44.52
C SER A 22 3.81 -8.96 43.45
N VAL A 23 2.59 -9.24 43.90
CA VAL A 23 1.42 -9.61 43.04
C VAL A 23 0.71 -8.43 42.33
N ILE A 24 0.69 -8.45 41.00
CA ILE A 24 0.09 -7.38 40.21
C ILE A 24 -1.35 -7.67 39.73
N ALA A 25 -2.22 -6.67 39.85
CA ALA A 25 -3.55 -6.79 39.27
C ALA A 25 -3.56 -6.03 37.96
N GLU A 26 -3.58 -6.77 36.84
CA GLU A 26 -3.76 -6.19 35.50
C GLU A 26 -5.25 -6.02 35.29
N CYS A 27 -5.70 -4.76 35.22
CA CYS A 27 -7.12 -4.43 35.27
C CYS A 27 -7.44 -3.32 34.29
N SER A 28 -6.66 -3.21 33.22
CA SER A 28 -6.81 -2.08 32.31
C SER A 28 -7.70 -2.40 31.10
N ASN A 29 -8.26 -1.35 30.47
CA ASN A 29 -8.88 -1.50 29.16
C ASN A 29 -9.96 -2.60 29.14
N ARG A 30 -10.86 -2.48 30.10
CA ARG A 30 -11.78 -3.49 30.55
C ARG A 30 -13.16 -2.82 30.80
N ARG A 31 -13.36 -1.60 30.30
CA ARG A 31 -14.65 -0.89 30.43
C ARG A 31 -15.23 -0.67 31.87
N LEU A 32 -14.37 -0.66 32.90
CA LEU A 32 -14.84 -0.46 34.28
C LEU A 32 -15.26 0.98 34.54
N GLN A 33 -16.26 1.15 35.40
CA GLN A 33 -16.88 2.43 35.67
C GLN A 33 -16.58 2.86 37.09
N GLU A 34 -15.99 1.96 37.84
CA GLU A 34 -15.60 2.28 39.19
C GLU A 34 -14.47 1.37 39.57
N VAL A 35 -13.73 1.74 40.60
CA VAL A 35 -12.71 0.87 41.13
C VAL A 35 -13.40 -0.42 41.64
N PRO A 36 -12.95 -1.59 41.16
CA PRO A 36 -13.53 -2.86 41.63
C PRO A 36 -13.30 -3.05 43.11
N GLN A 37 -14.28 -3.63 43.81
CA GLN A 37 -14.16 -3.95 45.23
C GLN A 37 -13.72 -5.40 45.44
N THR A 38 -13.36 -6.05 44.35
CA THR A 38 -12.98 -7.45 44.39
C THR A 38 -11.50 -7.60 44.01
N VAL A 39 -10.70 -6.60 44.36
CA VAL A 39 -9.27 -6.69 44.17
C VAL A 39 -8.69 -7.45 45.36
N GLY A 40 -7.86 -8.45 45.04
CA GLY A 40 -7.18 -9.27 46.05
C GLY A 40 -6.47 -8.41 47.06
N LYS A 41 -6.70 -8.69 48.34
CA LYS A 41 -6.12 -7.89 49.43
C LYS A 41 -4.57 -8.01 49.54
N TYR A 42 -4.00 -8.91 48.76
CA TYR A 42 -2.58 -9.19 48.81
C TYR A 42 -1.87 -8.51 47.63
N VAL A 43 -2.64 -7.93 46.71
CA VAL A 43 -2.13 -7.24 45.54
C VAL A 43 -1.18 -6.08 45.94
N THR A 44 -0.10 -5.89 45.20
CA THR A 44 0.84 -4.81 45.53
C THR A 44 0.87 -3.70 44.46
N GLU A 45 0.53 -4.05 43.23
CA GLU A 45 0.40 -3.06 42.17
C GLU A 45 -0.94 -3.22 41.43
N LEU A 46 -1.54 -2.11 41.01
CA LEU A 46 -2.89 -2.12 40.45
C LEU A 46 -2.92 -1.20 39.25
N ASP A 47 -3.04 -1.77 38.06
CA ASP A 47 -3.11 -1.02 36.82
C ASP A 47 -4.60 -0.97 36.45
N LEU A 48 -5.22 0.19 36.61
CA LEU A 48 -6.64 0.41 36.29
C LEU A 48 -6.75 1.41 35.12
N SER A 49 -5.73 1.46 34.27
CA SER A 49 -5.69 2.43 33.20
C SER A 49 -6.68 2.07 32.07
N ASP A 50 -7.00 3.05 31.21
CA ASP A 50 -7.91 2.83 30.08
C ASP A 50 -9.25 2.18 30.46
N ASN A 51 -9.91 2.74 31.48
CA ASN A 51 -11.28 2.39 31.86
C ASN A 51 -12.22 3.60 31.78
N PHE A 52 -13.40 3.52 32.41
CA PHE A 52 -14.33 4.65 32.43
C PHE A 52 -14.56 5.13 33.87
N ILE A 53 -13.54 5.06 34.72
CA ILE A 53 -13.68 5.50 36.08
C ILE A 53 -13.77 7.02 36.12
N THR A 54 -14.76 7.55 36.86
CA THR A 54 -15.03 8.99 36.92
C THR A 54 -14.84 9.48 38.37
N HIS A 55 -14.87 8.58 39.34
CA HIS A 55 -14.85 8.96 40.77
C HIS A 55 -13.93 8.11 41.60
N ILE A 56 -13.03 8.77 42.32
CA ILE A 56 -12.17 8.12 43.30
C ILE A 56 -12.46 8.76 44.68
N THR A 57 -12.74 7.91 45.68
CA THR A 57 -12.81 8.36 47.09
C THR A 57 -11.87 7.52 47.95
N ASN A 58 -11.82 7.78 49.25
CA ASN A 58 -10.96 6.96 50.11
C ASN A 58 -11.59 5.58 50.42
N GLU A 59 -12.80 5.35 49.89
CA GLU A 59 -13.44 4.03 49.87
C GLU A 59 -12.93 3.20 48.72
N SER A 60 -12.51 3.86 47.64
CA SER A 60 -12.11 3.16 46.44
C SER A 60 -10.98 2.17 46.71
N PHE A 61 -10.06 2.51 47.60
CA PHE A 61 -8.91 1.64 47.86
C PHE A 61 -8.87 1.13 49.30
N GLN A 62 -10.04 0.90 49.89
CA GLN A 62 -10.16 0.53 51.30
C GLN A 62 -9.67 -0.89 51.46
N GLY A 63 -8.91 -1.12 52.52
CA GLY A 63 -8.33 -2.43 52.80
C GLY A 63 -7.49 -2.98 51.67
N LEU A 64 -6.76 -2.09 51.00
CA LEU A 64 -5.70 -2.49 50.05
C LEU A 64 -4.40 -1.86 50.49
N GLN A 65 -4.05 -2.12 51.74
CA GLN A 65 -2.87 -1.58 52.42
C GLN A 65 -1.52 -2.00 51.88
N ASN A 66 -1.49 -3.11 51.16
CA ASN A 66 -0.25 -3.57 50.54
C ASN A 66 0.04 -2.89 49.22
N LEU A 67 -0.82 -1.97 48.76
CA LEU A 67 -0.61 -1.23 47.49
C LEU A 67 0.57 -0.25 47.55
N THR A 68 1.41 -0.44 46.55
CA THR A 68 2.68 0.19 46.38
C THR A 68 2.63 1.08 45.14
N LYS A 69 1.85 0.65 44.17
CA LYS A 69 1.73 1.33 42.89
C LYS A 69 0.27 1.34 42.44
N ILE A 70 -0.22 2.49 42.01
CA ILE A 70 -1.53 2.56 41.38
C ILE A 70 -1.40 3.33 40.08
N ASN A 71 -1.92 2.75 39.01
CA ASN A 71 -1.97 3.38 37.69
C ASN A 71 -3.43 3.61 37.34
N LEU A 72 -3.80 4.90 37.27
CA LEU A 72 -5.17 5.31 36.92
C LEU A 72 -5.25 6.05 35.59
N ASN A 73 -4.19 5.89 34.79
CA ASN A 73 -4.04 6.63 33.54
C ASN A 73 -5.26 6.45 32.61
N HIS A 74 -5.64 7.52 31.93
CA HIS A 74 -6.70 7.45 30.91
C HIS A 74 -8.05 7.00 31.46
N ASN A 75 -8.49 7.64 32.54
CA ASN A 75 -9.82 7.48 33.02
C ASN A 75 -10.46 8.84 33.17
N PRO A 76 -11.68 9.04 32.64
CA PRO A 76 -12.46 8.11 31.84
C PRO A 76 -11.98 8.18 30.40
N ASN A 77 -11.88 7.03 29.76
CA ASN A 77 -11.21 6.95 28.46
C ASN A 77 -12.18 7.35 27.36
N VAL A 78 -11.90 8.49 26.72
CA VAL A 78 -12.69 8.99 25.58
C VAL A 78 -14.14 9.27 26.02
N ASN A 90 -15.61 15.10 30.78
CA ASN A 90 -15.38 15.69 32.10
C ASN A 90 -14.43 14.82 32.94
N GLY A 91 -13.53 15.46 33.68
CA GLY A 91 -12.44 14.76 34.36
C GLY A 91 -12.72 13.72 35.43
N LEU A 92 -11.66 13.03 35.84
CA LEU A 92 -11.68 12.13 36.97
C LEU A 92 -11.77 12.99 38.24
N ASN A 93 -12.74 12.68 39.10
CA ASN A 93 -13.00 13.40 40.35
C ASN A 93 -12.30 12.64 41.48
N ILE A 94 -11.30 13.27 42.09
CA ILE A 94 -10.61 12.66 43.22
C ILE A 94 -10.82 13.52 44.44
N THR A 95 -11.48 12.94 45.43
CA THR A 95 -11.70 13.62 46.69
C THR A 95 -10.39 13.85 47.44
N ASP A 96 -10.36 14.95 48.17
CA ASP A 96 -9.28 15.30 49.11
C ASP A 96 -8.92 14.09 49.98
N GLY A 97 -7.63 13.74 50.03
CA GLY A 97 -7.13 12.68 50.89
C GLY A 97 -7.51 11.28 50.47
N ALA A 98 -8.03 11.10 49.25
CA ALA A 98 -8.45 9.77 48.77
C ALA A 98 -7.37 8.69 48.89
N PHE A 99 -6.11 9.10 48.77
CA PHE A 99 -5.03 8.12 48.75
C PHE A 99 -4.32 8.09 50.09
N LEU A 100 -4.74 8.96 51.01
CA LEU A 100 -3.99 9.27 52.21
C LEU A 100 -3.80 8.12 53.17
N ASN A 101 -4.70 7.13 53.15
CA ASN A 101 -4.56 6.00 54.07
C ASN A 101 -3.79 4.82 53.48
N LEU A 102 -3.21 5.00 52.29
CA LEU A 102 -2.41 3.95 51.69
C LEU A 102 -0.95 4.24 52.03
N LYS A 103 -0.50 3.60 53.12
CA LYS A 103 0.75 3.95 53.80
C LYS A 103 1.96 3.46 53.05
N ASN A 104 1.76 2.45 52.25
CA ASN A 104 2.82 1.89 51.49
C ASN A 104 2.87 2.41 50.06
N LEU A 105 2.02 3.39 49.72
CA LEU A 105 1.92 3.80 48.30
C LEU A 105 3.15 4.63 47.88
N ARG A 106 3.86 4.15 46.87
CA ARG A 106 5.09 4.76 46.38
C ARG A 106 4.90 5.42 45.03
N GLU A 107 4.14 4.75 44.16
CA GLU A 107 3.97 5.26 42.80
C GLU A 107 2.53 5.48 42.43
N LEU A 108 2.22 6.69 41.98
CA LEU A 108 0.88 7.03 41.66
C LEU A 108 0.93 7.66 40.29
N LEU A 109 0.23 7.01 39.36
CA LEU A 109 0.19 7.44 37.96
C LEU A 109 -1.22 7.95 37.65
N LEU A 110 -1.31 9.24 37.36
CA LEU A 110 -2.59 9.86 37.12
C LEU A 110 -2.53 10.66 35.85
N GLU A 111 -2.21 9.96 34.76
CA GLU A 111 -2.01 10.63 33.46
C GLU A 111 -3.30 10.71 32.65
N ASP A 112 -3.49 11.82 31.97
CA ASP A 112 -4.57 11.93 31.00
C ASP A 112 -5.95 11.61 31.63
N ASN A 113 -6.23 12.31 32.73
CA ASN A 113 -7.45 12.19 33.51
C ASN A 113 -8.23 13.53 33.53
N GLN A 114 -7.77 14.54 32.78
CA GLN A 114 -8.43 15.87 32.71
C GLN A 114 -8.49 16.58 34.05
N LEU A 115 -7.52 16.32 34.92
CA LEU A 115 -7.52 16.91 36.24
C LEU A 115 -7.36 18.41 36.12
N PRO A 116 -8.23 19.19 36.81
CA PRO A 116 -8.11 20.63 36.77
C PRO A 116 -7.09 21.13 37.78
N GLN A 117 -6.68 20.28 38.71
CA GLN A 117 -5.67 20.64 39.68
C GLN A 117 -4.95 19.42 40.24
N ILE A 118 -3.83 19.65 40.92
CA ILE A 118 -3.22 18.60 41.71
C ILE A 118 -4.16 18.13 42.84
N PRO A 119 -4.45 16.81 42.91
CA PRO A 119 -5.27 16.28 44.03
C PRO A 119 -4.67 16.70 45.39
N SER A 120 -5.54 17.09 46.31
CA SER A 120 -5.01 17.48 47.62
C SER A 120 -4.95 16.29 48.52
N GLY A 121 -4.07 16.43 49.51
CA GLY A 121 -3.86 15.40 50.53
C GLY A 121 -3.24 14.17 49.91
N LEU A 122 -2.32 14.31 48.96
CA LEU A 122 -1.59 13.11 48.51
C LEU A 122 -0.72 12.56 49.63
N PRO A 123 -0.50 11.22 49.68
CA PRO A 123 0.30 10.63 50.80
C PRO A 123 1.81 10.93 50.70
N GLU A 124 2.43 11.17 51.85
CA GLU A 124 3.85 11.60 51.87
C GLU A 124 4.78 10.44 51.58
N SER A 125 4.27 9.21 51.60
CA SER A 125 5.07 8.05 51.22
C SER A 125 5.44 8.04 49.71
N LEU A 126 4.78 8.84 48.89
CA LEU A 126 5.06 8.89 47.43
C LEU A 126 6.52 9.19 47.08
N THR A 127 7.10 8.32 46.25
CA THR A 127 8.40 8.59 45.65
C THR A 127 8.26 8.92 44.16
N GLU A 128 7.16 8.54 43.55
CA GLU A 128 6.97 8.82 42.14
C GLU A 128 5.55 9.29 41.85
N LEU A 129 5.41 10.45 41.20
CA LEU A 129 4.09 10.92 40.86
C LEU A 129 4.00 11.41 39.41
N SER A 130 3.11 10.82 38.59
CA SER A 130 2.94 11.31 37.24
C SER A 130 1.56 11.98 37.06
N LEU A 131 1.59 13.23 36.63
CA LEU A 131 0.37 13.99 36.38
C LEU A 131 0.35 14.56 34.99
N ILE A 132 1.01 13.89 34.03
CA ILE A 132 1.07 14.41 32.69
C ILE A 132 -0.29 14.41 31.98
N GLN A 133 -0.44 15.26 30.96
CA GLN A 133 -1.64 15.28 30.13
C GLN A 133 -2.93 15.57 30.90
N ASN A 134 -2.91 16.54 31.78
CA ASN A 134 -4.11 16.93 32.51
C ASN A 134 -4.38 18.38 32.19
N ASN A 135 -5.16 19.08 33.01
CA ASN A 135 -5.32 20.51 32.79
C ASN A 135 -4.82 21.28 33.98
N ILE A 136 -3.58 20.98 34.40
CA ILE A 136 -3.07 21.61 35.61
C ILE A 136 -2.30 22.91 35.28
N TYR A 137 -2.90 24.03 35.65
CA TYR A 137 -2.36 25.34 35.27
C TYR A 137 -1.59 25.95 36.42
N ASN A 138 -1.81 25.38 37.59
CA ASN A 138 -1.35 25.91 38.86
C ASN A 138 -0.59 24.82 39.61
N ILE A 139 0.72 24.99 39.74
CA ILE A 139 1.51 24.09 40.55
C ILE A 139 1.70 24.76 41.90
N THR A 140 1.09 24.20 42.95
CA THR A 140 0.99 24.92 44.25
C THR A 140 1.73 24.16 45.35
N LYS A 141 2.16 24.90 46.38
CA LYS A 141 2.68 24.32 47.60
C LYS A 141 1.67 23.40 48.28
N GLU A 142 0.41 23.81 48.27
CA GLU A 142 -0.67 23.03 48.84
C GLU A 142 -0.73 21.66 48.17
N GLY A 143 -0.49 21.63 46.86
CA GLY A 143 -0.49 20.39 46.10
C GLY A 143 0.65 19.42 46.42
N ILE A 144 1.89 19.90 46.45
CA ILE A 144 3.06 18.99 46.43
C ILE A 144 4.17 19.22 47.45
N SER A 145 4.21 20.39 48.09
CA SER A 145 5.29 20.73 49.03
C SER A 145 5.46 19.77 50.21
N ARG A 146 4.41 19.05 50.57
CA ARG A 146 4.53 18.04 51.62
C ARG A 146 5.00 16.68 51.15
N LEU A 147 5.24 16.54 49.84
CA LEU A 147 5.68 15.27 49.31
C LEU A 147 7.21 15.14 49.39
N ILE A 148 7.73 15.13 50.63
CA ILE A 148 9.14 15.28 50.86
C ILE A 148 9.95 14.02 50.52
N ASN A 149 9.27 12.92 50.20
CA ASN A 149 9.98 11.73 49.69
C ASN A 149 10.03 11.65 48.16
N LEU A 150 9.38 12.59 47.50
CA LEU A 150 9.27 12.49 46.05
C LEU A 150 10.64 12.49 45.40
N LYS A 151 10.87 11.51 44.53
CA LYS A 151 12.03 11.47 43.67
C LYS A 151 11.75 11.87 42.21
N ASN A 152 10.63 11.42 41.65
CA ASN A 152 10.33 11.68 40.28
C ASN A 152 8.93 12.33 40.23
N LEU A 153 8.83 13.46 39.53
CA LEU A 153 7.59 14.20 39.39
C LEU A 153 7.42 14.57 37.92
N TYR A 154 6.37 14.06 37.29
CA TYR A 154 6.10 14.34 35.87
C TYR A 154 4.91 15.24 35.68
N LEU A 155 5.17 16.42 35.13
CA LEU A 155 4.09 17.41 34.96
C LEU A 155 3.89 17.88 33.53
N ALA A 156 4.47 17.16 32.57
CA ALA A 156 4.44 17.51 31.16
C ALA A 156 3.00 17.52 30.60
N TRP A 157 2.80 18.24 29.50
CA TRP A 157 1.56 18.29 28.73
C TRP A 157 0.38 18.74 29.55
N ASN A 158 0.51 19.85 30.28
CA ASN A 158 -0.61 20.33 31.05
C ASN A 158 -1.10 21.68 30.53
N CYS A 159 -0.20 22.63 30.36
CA CYS A 159 -0.67 23.94 29.92
C CYS A 159 -0.11 24.07 28.52
N TYR A 160 -0.79 23.40 27.60
CA TYR A 160 -0.21 23.13 26.31
C TYR A 160 -1.14 23.38 25.13
N PHE A 161 -0.83 24.42 24.37
CA PHE A 161 -1.68 24.89 23.25
C PHE A 161 -3.15 24.92 23.70
N ASN A 162 -3.36 25.68 24.77
CA ASN A 162 -4.59 25.67 25.53
C ASN A 162 -5.04 27.11 25.60
N LYS A 163 -6.22 27.42 25.04
CA LYS A 163 -6.76 28.79 24.98
C LYS A 163 -7.04 29.39 26.35
N VAL A 164 -7.39 28.54 27.31
CA VAL A 164 -7.70 28.93 28.69
C VAL A 164 -6.45 29.24 29.55
N CYS A 165 -5.34 28.57 29.28
CA CYS A 165 -4.11 28.81 30.05
C CYS A 165 -3.02 29.37 29.12
N GLU A 166 -2.73 30.66 29.29
CA GLU A 166 -1.64 31.33 28.58
C GLU A 166 -0.26 30.88 29.07
N LYS A 167 -0.15 30.56 30.37
CA LYS A 167 1.11 30.25 31.00
C LYS A 167 0.94 29.54 32.33
N THR A 168 1.62 28.37 32.48
CA THR A 168 1.69 27.60 33.74
C THR A 168 2.03 28.52 34.90
N ASN A 169 1.23 28.46 35.95
CA ASN A 169 1.50 29.23 37.14
C ASN A 169 2.26 28.33 38.13
N ILE A 170 3.54 28.62 38.31
CA ILE A 170 4.37 27.87 39.26
C ILE A 170 4.59 28.70 40.50
N GLU A 171 3.93 28.29 41.59
CA GLU A 171 4.01 29.05 42.81
C GLU A 171 5.47 29.13 43.21
N ASP A 172 5.92 30.34 43.54
CA ASP A 172 7.31 30.62 43.83
C ASP A 172 7.83 29.73 44.96
N GLY A 173 8.99 29.10 44.71
CA GLY A 173 9.53 28.09 45.63
C GLY A 173 8.79 26.76 45.82
N VAL A 174 7.76 26.48 45.01
CA VAL A 174 7.01 25.21 45.16
C VAL A 174 7.86 23.93 45.24
N PHE A 175 8.97 23.86 44.52
CA PHE A 175 9.77 22.66 44.45
C PHE A 175 10.93 22.66 45.42
N GLU A 176 11.19 23.80 46.09
CA GLU A 176 12.38 23.93 46.92
C GLU A 176 12.35 23.05 48.16
N THR A 177 11.15 22.75 48.66
CA THR A 177 11.04 21.85 49.82
C THR A 177 11.18 20.35 49.44
N LEU A 178 11.18 20.05 48.15
CA LEU A 178 11.29 18.67 47.68
C LEU A 178 12.76 18.28 47.62
N THR A 179 13.35 18.04 48.80
CA THR A 179 14.81 17.94 48.90
C THR A 179 15.33 16.59 48.47
N ASN A 180 14.43 15.65 48.19
CA ASN A 180 14.83 14.38 47.61
C ASN A 180 14.58 14.28 46.07
N LEU A 181 13.99 15.31 45.48
CA LEU A 181 13.58 15.31 44.05
C LEU A 181 14.77 15.14 43.09
N GLU A 182 14.73 14.11 42.27
CA GLU A 182 15.88 13.80 41.40
C GLU A 182 15.53 14.04 39.95
N LEU A 183 14.25 13.85 39.62
CA LEU A 183 13.77 14.02 38.26
C LEU A 183 12.58 14.96 38.26
N LEU A 184 12.65 16.01 37.46
CA LEU A 184 11.50 16.88 37.28
C LEU A 184 11.28 17.10 35.80
N SER A 185 10.08 16.79 35.32
CA SER A 185 9.74 17.03 33.96
C SER A 185 8.59 18.05 33.82
N LEU A 186 8.87 19.15 33.11
CA LEU A 186 7.89 20.22 32.84
C LEU A 186 7.66 20.44 31.32
N SER A 187 8.15 19.53 30.50
CA SER A 187 8.10 19.63 29.05
C SER A 187 6.67 19.81 28.56
N PHE A 188 6.51 20.40 27.37
CA PHE A 188 5.17 20.56 26.77
C PHE A 188 4.20 21.31 27.72
N ASN A 189 4.69 22.41 28.28
CA ASN A 189 3.90 23.37 29.08
C ASN A 189 4.33 24.76 28.61
N SER A 190 3.43 25.73 28.60
CA SER A 190 3.83 27.09 28.28
C SER A 190 4.55 27.65 29.50
N LEU A 191 5.87 27.54 29.54
CA LEU A 191 6.54 28.06 30.72
C LEU A 191 7.07 29.45 30.54
N SER A 192 7.71 29.69 29.40
CA SER A 192 8.33 30.99 29.13
C SER A 192 9.67 31.22 29.86
N HIS A 193 9.78 30.84 31.12
CA HIS A 193 11.07 30.90 31.79
C HIS A 193 11.28 29.74 32.74
N VAL A 194 12.54 29.37 32.96
CA VAL A 194 12.89 28.33 33.90
C VAL A 194 12.41 28.75 35.30
N PRO A 195 11.65 27.87 36.02
CA PRO A 195 11.25 28.23 37.38
C PRO A 195 12.45 28.37 38.33
N PRO A 196 12.49 29.45 39.17
CA PRO A 196 13.58 29.58 40.17
C PRO A 196 13.33 28.61 41.29
N LYS A 197 14.36 28.41 42.14
CA LYS A 197 14.22 27.74 43.44
C LYS A 197 13.93 26.26 43.24
N LEU A 198 14.78 25.65 42.43
CA LEU A 198 14.68 24.21 42.18
C LEU A 198 15.60 23.52 43.21
N PRO A 199 15.21 22.32 43.68
CA PRO A 199 16.08 21.74 44.73
C PRO A 199 17.42 21.21 44.17
N SER A 200 18.48 21.32 44.94
CA SER A 200 19.82 21.03 44.45
C SER A 200 20.05 19.49 44.39
N SER A 201 19.08 18.71 44.85
CA SER A 201 19.10 17.29 44.68
C SER A 201 18.82 16.94 43.17
N LEU A 202 18.27 17.88 42.41
CA LEU A 202 17.88 17.56 41.04
C LEU A 202 19.01 16.95 40.20
N ARG A 203 18.69 15.82 39.56
CA ARG A 203 19.56 15.12 38.62
C ARG A 203 19.18 15.32 37.15
N LYS A 204 17.87 15.35 36.88
CA LYS A 204 17.35 15.32 35.54
C LYS A 204 16.25 16.33 35.42
N LEU A 205 16.42 17.24 34.48
CA LEU A 205 15.48 18.34 34.30
C LEU A 205 15.10 18.46 32.84
N PHE A 206 13.82 18.20 32.60
CA PHE A 206 13.28 18.15 31.26
C PHE A 206 12.41 19.40 31.06
N LEU A 207 12.79 20.21 30.08
CA LEU A 207 12.12 21.46 29.79
C LEU A 207 11.91 21.54 28.28
N SER A 208 11.61 20.41 27.66
CA SER A 208 11.33 20.39 26.22
C SER A 208 10.03 21.09 25.89
N ASN A 209 10.03 21.84 24.80
CA ASN A 209 8.80 22.38 24.28
C ASN A 209 8.05 23.17 25.37
N THR A 210 8.75 24.16 25.94
CA THR A 210 8.19 24.95 27.01
C THR A 210 8.13 26.45 26.67
N GLN A 211 8.52 26.78 25.43
CA GLN A 211 8.56 28.18 24.99
C GLN A 211 9.53 29.09 25.77
N ILE A 212 10.64 28.51 26.20
CA ILE A 212 11.69 29.26 26.85
C ILE A 212 12.62 29.69 25.73
N LYS A 213 12.73 30.99 25.50
CA LYS A 213 13.61 31.45 24.42
C LYS A 213 14.93 32.00 24.92
N TYR A 214 15.04 32.19 26.23
CA TYR A 214 16.26 32.70 26.84
C TYR A 214 16.67 31.91 28.09
N ILE A 215 17.94 31.53 28.14
CA ILE A 215 18.50 30.82 29.27
C ILE A 215 19.63 31.68 29.78
N SER A 216 19.59 32.02 31.06
CA SER A 216 20.68 32.85 31.62
C SER A 216 21.51 32.05 32.61
N GLU A 217 22.55 32.71 33.11
CA GLU A 217 23.45 32.13 34.08
C GLU A 217 22.76 31.73 35.38
N GLU A 218 21.62 32.37 35.69
CA GLU A 218 20.90 32.14 36.94
C GLU A 218 19.71 31.15 36.88
N ASP A 219 19.46 30.52 35.74
CA ASP A 219 18.35 29.59 35.65
C ASP A 219 18.65 28.27 36.31
N PHE A 220 19.92 27.90 36.32
CA PHE A 220 20.38 26.63 36.81
C PHE A 220 21.19 26.83 38.11
N LYS A 221 20.57 27.60 39.00
CA LYS A 221 21.17 28.06 40.26
C LYS A 221 21.15 26.97 41.32
N GLY A 222 22.34 26.58 41.72
CA GLY A 222 22.53 25.57 42.73
C GLY A 222 22.32 24.15 42.22
N LEU A 223 22.07 23.96 40.92
CA LEU A 223 21.86 22.59 40.40
C LEU A 223 23.17 21.88 40.11
N ILE A 224 24.02 21.81 41.14
CA ILE A 224 25.34 21.18 41.03
C ILE A 224 25.33 19.67 40.75
N ASN A 225 24.23 18.98 41.02
CA ASN A 225 24.11 17.57 40.72
C ASN A 225 23.53 17.23 39.34
N LEU A 226 23.15 18.22 38.53
CA LEU A 226 22.40 17.88 37.32
C LEU A 226 23.22 16.98 36.43
N THR A 227 22.60 15.90 35.93
CA THR A 227 23.25 14.98 34.98
C THR A 227 22.56 14.99 33.63
N LEU A 228 21.33 15.47 33.61
CA LEU A 228 20.62 15.64 32.35
C LEU A 228 19.87 16.97 32.26
N LEU A 229 20.00 17.63 31.11
CA LEU A 229 19.26 18.82 30.80
C LEU A 229 18.66 18.72 29.41
N ASP A 230 17.33 18.90 29.33
CA ASP A 230 16.63 18.77 28.08
C ASP A 230 15.97 20.09 27.75
N LEU A 231 16.47 20.77 26.73
CA LEU A 231 15.93 22.07 26.33
C LEU A 231 15.45 22.04 24.87
N SER A 232 15.25 20.85 24.33
CA SER A 232 14.87 20.67 22.95
C SER A 232 13.53 21.36 22.64
N GLY A 233 13.35 21.78 21.40
CA GLY A 233 12.03 22.23 20.91
C GLY A 233 11.66 23.62 21.38
N ASN A 234 12.60 24.37 21.91
CA ASN A 234 12.36 25.76 22.24
C ASN A 234 12.93 26.63 21.10
N CYS A 235 12.08 27.27 20.32
CA CYS A 235 12.49 27.86 19.00
C CYS A 235 12.80 26.70 18.04
N PRO A 236 11.77 25.90 17.69
CA PRO A 236 11.96 24.72 16.88
C PRO A 236 12.25 24.97 15.42
N ARG A 237 12.89 23.98 14.79
CA ARG A 237 12.89 23.84 13.37
C ARG A 237 11.84 22.72 13.14
N CYS A 238 10.72 23.13 12.58
CA CYS A 238 9.54 22.29 12.53
C CYS A 238 9.70 21.34 11.36
N PHE A 239 9.98 20.09 11.66
CA PHE A 239 10.20 19.12 10.63
C PHE A 239 9.49 17.85 11.06
N ASN A 240 8.26 17.71 10.60
CA ASN A 240 7.49 16.49 10.78
C ASN A 240 7.19 16.10 12.24
N ALA A 241 7.01 17.10 13.09
CA ALA A 241 6.69 16.85 14.48
C ALA A 241 5.30 16.25 14.65
N PRO A 242 5.15 15.29 15.57
CA PRO A 242 3.85 14.69 15.90
C PRO A 242 3.01 15.56 16.83
N PHE A 243 3.52 16.72 17.23
CA PHE A 243 2.78 17.61 18.12
C PHE A 243 2.76 18.99 17.45
N PRO A 244 1.88 19.89 17.91
CA PRO A 244 1.92 21.26 17.35
C PRO A 244 3.30 21.91 17.49
N CYS A 245 3.74 22.56 16.42
CA CYS A 245 5.07 23.15 16.36
C CYS A 245 5.00 24.61 15.87
N VAL A 246 5.68 25.51 16.55
CA VAL A 246 5.62 26.93 16.20
C VAL A 246 7.00 27.54 16.37
N PRO A 247 7.66 27.98 15.26
CA PRO A 247 9.01 28.60 15.36
C PRO A 247 9.00 29.91 16.14
N CYS A 248 10.15 30.27 16.71
CA CYS A 248 10.34 31.59 17.30
C CYS A 248 10.19 32.62 16.14
N ASP A 249 9.68 33.81 16.48
CA ASP A 249 9.64 34.94 15.53
C ASP A 249 10.93 35.10 14.77
N GLY A 250 10.81 35.05 13.45
CA GLY A 250 11.95 35.22 12.54
C GLY A 250 12.70 33.92 12.39
N GLY A 251 11.99 32.81 12.59
CA GLY A 251 12.62 31.51 12.88
C GLY A 251 13.90 31.61 13.71
N ALA A 252 14.02 32.66 14.55
CA ALA A 252 15.19 32.84 15.43
C ALA A 252 15.51 31.63 16.32
N SER A 253 16.72 31.62 16.87
CA SER A 253 17.24 30.57 17.72
C SER A 253 17.05 30.81 19.24
N ILE A 254 17.10 29.73 20.03
CA ILE A 254 17.13 29.87 21.48
C ILE A 254 18.35 30.72 21.82
N ASN A 255 18.24 31.54 22.86
CA ASN A 255 19.37 32.37 23.29
C ASN A 255 19.87 31.86 24.62
N ILE A 256 21.09 31.32 24.64
CA ILE A 256 21.65 30.72 25.86
C ILE A 256 22.91 31.48 26.22
N ASP A 257 22.87 32.24 27.31
CA ASP A 257 24.06 32.94 27.75
C ASP A 257 25.30 32.02 27.75
N ARG A 258 26.45 32.56 27.34
CA ARG A 258 27.79 31.91 27.42
C ARG A 258 28.02 31.12 28.71
N PHE A 259 27.57 31.66 29.84
CA PHE A 259 27.82 31.11 31.15
C PHE A 259 26.65 30.33 31.73
N ALA A 260 25.62 30.05 30.94
CA ALA A 260 24.45 29.34 31.51
C ALA A 260 24.81 28.00 32.19
N PHE A 261 25.84 27.29 31.69
CA PHE A 261 26.11 25.91 32.14
C PHE A 261 27.43 25.78 32.94
N GLN A 262 27.98 26.90 33.36
CA GLN A 262 29.30 26.92 33.97
C GLN A 262 29.36 26.14 35.29
N ASN A 263 28.23 26.02 35.99
CA ASN A 263 28.19 25.23 37.23
C ASN A 263 27.71 23.79 37.07
N LEU A 264 27.48 23.35 35.81
CA LEU A 264 26.85 22.03 35.56
C LEU A 264 27.91 20.95 35.30
N THR A 265 28.74 20.68 36.30
CA THR A 265 29.97 19.92 36.10
C THR A 265 29.66 18.43 36.05
N GLN A 266 28.51 18.01 36.56
CA GLN A 266 28.14 16.60 36.41
C GLN A 266 27.33 16.27 35.12
N LEU A 267 27.05 17.27 34.25
CA LEU A 267 26.14 16.98 33.12
C LEU A 267 26.68 15.84 32.24
N ARG A 268 25.85 14.81 32.01
CA ARG A 268 26.14 13.69 31.08
C ARG A 268 25.32 13.72 29.79
N TYR A 269 24.12 14.28 29.87
CA TYR A 269 23.16 14.30 28.77
C TYR A 269 22.67 15.73 28.53
N LEU A 270 22.80 16.20 27.31
CA LEU A 270 22.32 17.54 26.99
C LEU A 270 21.53 17.47 25.67
N ASN A 271 20.27 17.86 25.71
CA ASN A 271 19.42 17.79 24.52
C ASN A 271 19.10 19.19 24.08
N LEU A 272 19.68 19.56 22.94
CA LEU A 272 19.42 20.86 22.35
C LEU A 272 18.79 20.72 20.97
N SER A 273 18.14 19.59 20.73
CA SER A 273 17.46 19.37 19.46
C SER A 273 16.39 20.42 19.19
N SER A 274 16.27 20.85 17.95
CA SER A 274 15.18 21.71 17.51
C SER A 274 15.13 22.97 18.35
N THR A 275 16.28 23.65 18.42
CA THR A 275 16.33 24.95 19.08
C THR A 275 16.76 26.03 18.06
N SER A 276 16.73 25.67 16.76
CA SER A 276 17.17 26.52 15.63
C SER A 276 18.56 27.16 15.82
N LEU A 277 19.48 26.44 16.45
CA LEU A 277 20.84 26.96 16.66
C LEU A 277 21.57 27.11 15.34
N ARG A 278 22.32 28.20 15.23
CA ARG A 278 23.19 28.45 14.11
C ARG A 278 24.65 28.53 14.56
N LYS A 279 24.86 28.64 15.86
CA LYS A 279 26.15 28.88 16.43
C LYS A 279 26.18 28.10 17.76
N ILE A 280 27.29 27.44 18.03
CA ILE A 280 27.49 26.80 19.30
C ILE A 280 28.68 27.45 20.02
N ASN A 281 28.42 27.99 21.20
CA ASN A 281 29.44 28.57 22.02
C ASN A 281 30.25 27.49 22.68
N ALA A 282 31.51 27.37 22.27
CA ALA A 282 32.44 26.43 22.88
C ALA A 282 32.44 26.51 24.39
N ALA A 283 32.26 27.72 24.90
CA ALA A 283 32.35 27.91 26.34
C ALA A 283 31.21 27.24 27.09
N TRP A 284 30.09 26.94 26.42
CA TRP A 284 29.03 26.17 27.07
C TRP A 284 29.53 24.87 27.66
N PHE A 285 30.55 24.24 27.05
CA PHE A 285 31.02 22.89 27.47
C PHE A 285 32.27 22.86 28.34
N LYS A 286 32.75 24.06 28.67
CA LYS A 286 34.00 24.30 29.36
C LYS A 286 34.04 23.58 30.69
N ASN A 287 32.97 23.65 31.48
CA ASN A 287 32.99 23.03 32.83
C ASN A 287 32.27 21.71 32.88
N MET A 288 32.11 21.10 31.72
CA MET A 288 31.19 19.97 31.55
C MET A 288 31.99 18.81 30.88
N PRO A 289 33.21 18.53 31.39
CA PRO A 289 34.07 17.67 30.61
C PRO A 289 33.72 16.19 30.72
N HIS A 290 32.63 15.84 31.39
CA HIS A 290 32.16 14.46 31.34
C HIS A 290 30.94 14.27 30.47
N LEU A 291 30.56 15.28 29.69
CA LEU A 291 29.37 15.12 28.89
C LEU A 291 29.55 13.88 28.02
N LYS A 292 28.50 13.04 27.96
CA LYS A 292 28.50 11.75 27.29
C LYS A 292 27.62 11.74 26.02
N VAL A 293 26.51 12.45 26.06
CA VAL A 293 25.54 12.41 24.98
C VAL A 293 25.09 13.81 24.68
N LEU A 294 25.16 14.20 23.40
CA LEU A 294 24.83 15.58 22.99
C LEU A 294 23.92 15.47 21.77
N ASP A 295 22.70 15.98 21.91
CA ASP A 295 21.73 16.04 20.80
C ASP A 295 21.63 17.45 20.19
N LEU A 296 21.96 17.52 18.90
CA LEU A 296 21.99 18.77 18.17
C LEU A 296 21.21 18.65 16.81
N GLU A 297 20.36 17.63 16.73
CA GLU A 297 19.42 17.37 15.62
C GLU A 297 18.49 18.58 15.37
N PHE A 298 18.04 18.76 14.13
CA PHE A 298 17.02 19.75 13.79
C PHE A 298 17.43 21.16 14.17
N ASN A 299 18.67 21.49 13.87
CA ASN A 299 19.18 22.86 14.04
C ASN A 299 19.70 23.34 12.69
N TYR A 300 20.52 24.39 12.66
CA TYR A 300 21.08 24.87 11.37
C TYR A 300 22.60 24.97 11.45
N LEU A 301 23.23 23.81 11.61
CA LEU A 301 24.58 23.76 12.16
C LEU A 301 25.62 23.28 11.15
N VAL A 302 25.31 23.33 9.86
CA VAL A 302 26.26 22.95 8.81
C VAL A 302 27.54 23.76 8.91
N GLY A 303 27.40 25.07 9.10
CA GLY A 303 28.56 25.96 9.34
C GLY A 303 29.41 25.47 10.52
N GLU A 304 28.74 25.20 11.65
CA GLU A 304 29.37 24.67 12.86
C GLU A 304 30.00 23.29 12.68
N ILE A 305 29.38 22.46 11.85
CA ILE A 305 29.94 21.14 11.57
C ILE A 305 31.28 21.32 10.81
N ALA A 306 31.38 22.40 10.02
CA ALA A 306 32.62 22.73 9.30
C ALA A 306 33.74 23.43 10.13
N SER A 307 33.39 24.33 11.02
CA SER A 307 34.45 24.98 11.79
C SER A 307 34.56 24.38 13.17
N GLY A 308 33.41 24.28 13.83
CA GLY A 308 33.31 23.55 15.09
C GLY A 308 34.35 23.72 16.17
N ALA A 309 34.45 24.91 16.73
CA ALA A 309 35.30 25.15 17.93
C ALA A 309 34.87 24.25 19.10
N PHE A 310 33.55 24.05 19.24
CA PHE A 310 32.97 23.33 20.38
C PHE A 310 33.41 21.86 20.41
N LEU A 311 33.76 21.31 19.25
CA LEU A 311 34.21 19.92 19.14
C LEU A 311 35.45 19.62 19.96
N THR A 312 36.22 20.63 20.35
CA THR A 312 37.47 20.44 21.10
C THR A 312 37.18 20.33 22.59
N MET A 313 35.93 20.65 22.97
CA MET A 313 35.52 20.75 24.38
C MET A 313 34.82 19.50 24.90
N LEU A 314 34.84 18.40 24.12
CA LEU A 314 34.02 17.21 24.35
C LEU A 314 34.86 15.96 24.38
N PRO A 315 35.93 15.89 25.22
CA PRO A 315 36.83 14.72 25.18
C PRO A 315 36.16 13.40 25.59
N ARG A 316 35.07 13.45 26.34
CA ARG A 316 34.43 12.20 26.78
C ARG A 316 33.06 11.93 26.12
N LEU A 317 32.68 12.71 25.13
CA LEU A 317 31.37 12.50 24.49
C LEU A 317 31.37 11.15 23.76
N GLU A 318 30.32 10.35 23.93
CA GLU A 318 30.20 9.03 23.27
C GLU A 318 29.18 9.02 22.13
N ILE A 319 28.12 9.79 22.26
CA ILE A 319 27.10 9.86 21.21
C ILE A 319 26.84 11.30 20.81
N LEU A 320 27.04 11.57 19.52
CA LEU A 320 26.77 12.88 19.01
C LEU A 320 25.72 12.74 17.91
N ASP A 321 24.59 13.44 18.05
CA ASP A 321 23.58 13.49 16.97
C ASP A 321 23.52 14.90 16.34
N LEU A 322 23.82 14.98 15.04
CA LEU A 322 23.78 16.19 14.28
C LEU A 322 22.84 16.08 13.06
N SER A 323 21.82 15.24 13.18
CA SER A 323 20.92 14.94 12.09
C SER A 323 20.03 16.11 11.69
N PHE A 324 19.60 16.11 10.42
CA PHE A 324 18.68 17.14 9.93
C PHE A 324 19.13 18.55 10.27
N ASN A 325 20.40 18.85 9.94
CA ASN A 325 20.88 20.21 10.00
C ASN A 325 21.02 20.84 8.59
N TYR A 326 20.52 20.15 7.57
CA TYR A 326 20.69 20.62 6.17
C TYR A 326 20.27 22.06 5.93
N ILE A 327 20.97 22.72 5.02
CA ILE A 327 20.55 24.05 4.54
C ILE A 327 19.48 23.87 3.44
N LYS A 328 18.31 24.52 3.59
CA LYS A 328 17.24 24.41 2.56
C LYS A 328 17.73 24.87 1.17
N GLY A 329 17.44 24.07 0.15
CA GLY A 329 17.79 24.38 -1.24
C GLY A 329 19.24 24.12 -1.61
N SER A 330 19.92 23.35 -0.79
CA SER A 330 21.34 23.14 -0.94
C SER A 330 21.61 21.64 -1.20
N TYR A 331 22.58 21.32 -2.03
CA TYR A 331 22.99 19.93 -2.30
C TYR A 331 24.48 19.96 -2.59
N PRO A 332 25.29 20.24 -1.56
CA PRO A 332 26.70 20.41 -1.80
C PRO A 332 27.31 19.09 -2.25
N GLN A 333 28.39 19.22 -2.99
CA GLN A 333 29.15 18.08 -3.50
C GLN A 333 29.64 17.13 -2.40
N HIS A 334 30.14 17.73 -1.31
CA HIS A 334 30.82 17.00 -0.26
C HIS A 334 30.35 17.44 1.09
N ILE A 335 30.35 16.51 2.05
CA ILE A 335 30.11 16.86 3.43
C ILE A 335 31.40 17.53 3.95
N ASN A 336 31.25 18.63 4.68
CA ASN A 336 32.41 19.34 5.21
C ASN A 336 32.54 19.16 6.72
N ILE A 337 33.43 18.25 7.10
CA ILE A 337 33.66 17.84 8.49
C ILE A 337 34.94 18.49 9.08
N SER A 338 34.78 19.31 10.12
CA SER A 338 35.93 19.96 10.77
C SER A 338 36.97 18.94 11.16
N ARG A 339 38.24 19.30 11.05
CA ARG A 339 39.36 18.44 11.52
C ARG A 339 39.28 18.27 13.04
N ASN A 340 38.60 19.22 13.67
CA ASN A 340 38.31 19.13 15.09
C ASN A 340 37.48 17.93 15.56
N PHE A 341 36.78 17.23 14.66
CA PHE A 341 36.17 15.96 15.01
C PHE A 341 37.16 14.96 15.58
N SER A 342 38.45 15.14 15.24
CA SER A 342 39.49 14.19 15.71
C SER A 342 39.75 14.38 17.21
N LYS A 343 39.13 15.39 17.80
CA LYS A 343 39.24 15.61 19.23
C LYS A 343 38.21 14.85 20.06
N LEU A 344 37.26 14.20 19.36
CA LEU A 344 36.18 13.44 20.01
C LEU A 344 36.67 12.04 20.31
N LEU A 345 37.56 11.94 21.28
CA LEU A 345 38.34 10.74 21.50
C LEU A 345 37.48 9.60 22.04
N SER A 346 36.46 9.91 22.84
CA SER A 346 35.60 8.85 23.34
C SER A 346 34.42 8.44 22.42
N LEU A 347 34.29 9.06 21.24
CA LEU A 347 33.07 8.90 20.42
C LEU A 347 32.79 7.46 20.04
N ARG A 348 31.53 7.06 20.18
CA ARG A 348 31.16 5.71 19.82
C ARG A 348 30.15 5.70 18.67
N ALA A 349 29.30 6.72 18.62
CA ALA A 349 28.23 6.73 17.63
C ALA A 349 28.09 8.15 17.10
N LEU A 350 28.08 8.29 15.78
CA LEU A 350 27.85 9.56 15.12
C LEU A 350 26.60 9.49 14.27
N HIS A 351 25.63 10.36 14.52
CA HIS A 351 24.43 10.39 13.71
C HIS A 351 24.43 11.64 12.89
N LEU A 352 24.43 11.42 11.57
CA LEU A 352 24.48 12.52 10.62
C LEU A 352 23.45 12.34 9.51
N ARG A 353 22.25 11.92 9.83
CA ARG A 353 21.23 11.89 8.80
C ARG A 353 20.89 13.32 8.32
N GLY A 354 20.36 13.43 7.11
CA GLY A 354 19.75 14.69 6.68
C GLY A 354 20.68 15.89 6.68
N TYR A 355 21.98 15.69 6.44
CA TYR A 355 22.91 16.78 6.13
C TYR A 355 22.69 17.20 4.68
N VAL A 356 22.57 16.17 3.81
CA VAL A 356 22.21 16.26 2.36
C VAL A 356 23.46 16.62 1.52
N PHE A 357 24.04 15.65 0.81
CA PHE A 357 25.27 15.89 0.06
C PHE A 357 25.47 14.81 -0.98
N GLN A 358 26.25 15.10 -2.01
CA GLN A 358 26.28 14.24 -3.20
C GLN A 358 27.27 13.10 -3.16
N GLU A 359 28.38 13.30 -2.48
CA GLU A 359 29.37 12.23 -2.49
C GLU A 359 30.28 12.21 -1.27
N LEU A 360 30.57 11.02 -0.80
CA LEU A 360 31.45 10.90 0.35
C LEU A 360 32.81 10.46 -0.15
N ARG A 361 33.82 11.31 0.06
CA ARG A 361 35.20 10.97 -0.32
C ARG A 361 35.98 10.55 0.90
N GLU A 362 36.97 9.71 0.67
CA GLU A 362 37.97 9.24 1.62
C GLU A 362 38.51 10.36 2.53
N ASP A 363 38.75 11.50 1.91
CA ASP A 363 39.36 12.66 2.54
C ASP A 363 38.43 13.40 3.50
N ASP A 364 37.14 13.43 3.16
CA ASP A 364 36.15 14.13 3.97
C ASP A 364 35.97 13.50 5.35
N PHE A 365 36.23 12.20 5.46
CA PHE A 365 36.09 11.53 6.73
C PHE A 365 37.40 11.33 7.50
N GLN A 366 38.50 11.95 7.05
CA GLN A 366 39.81 11.78 7.73
C GLN A 366 39.76 12.03 9.25
N PRO A 367 39.09 13.11 9.70
CA PRO A 367 38.99 13.36 11.15
C PRO A 367 38.44 12.18 11.99
N LEU A 368 37.59 11.35 11.40
CA LEU A 368 36.91 10.29 12.15
C LEU A 368 37.76 9.03 12.23
N MET A 369 38.71 8.89 11.29
CA MET A 369 39.52 7.65 11.19
C MET A 369 40.44 7.44 12.37
N GLN A 370 40.64 8.51 13.15
CA GLN A 370 41.48 8.50 14.33
C GLN A 370 40.71 8.02 15.58
N LEU A 371 39.39 7.99 15.51
CA LEU A 371 38.63 7.75 16.72
C LEU A 371 38.59 6.27 17.11
N PRO A 372 39.26 5.89 18.21
CA PRO A 372 39.45 4.45 18.38
C PRO A 372 38.18 3.67 18.69
N ASN A 373 37.14 4.35 19.22
CA ASN A 373 35.92 3.66 19.64
C ASN A 373 34.68 3.87 18.75
N LEU A 374 34.86 4.60 17.66
CA LEU A 374 33.73 4.90 16.79
C LEU A 374 33.19 3.62 16.15
N SER A 375 32.03 3.14 16.60
CA SER A 375 31.50 1.87 16.06
C SER A 375 30.22 2.02 15.24
N THR A 376 29.55 3.16 15.34
CA THR A 376 28.36 3.48 14.55
C THR A 376 28.54 4.75 13.77
N ILE A 377 28.37 4.65 12.47
CA ILE A 377 28.27 5.81 11.60
C ILE A 377 26.92 5.75 10.89
N ASN A 378 26.11 6.77 11.16
CA ASN A 378 24.75 6.84 10.64
C ASN A 378 24.63 7.96 9.61
N LEU A 379 24.48 7.57 8.36
CA LEU A 379 24.37 8.52 7.27
C LEU A 379 23.08 8.34 6.47
N GLY A 380 22.02 7.83 7.10
CA GLY A 380 20.76 7.66 6.42
C GLY A 380 20.21 8.99 5.91
N ILE A 381 19.40 8.95 4.85
CA ILE A 381 18.71 10.15 4.33
C ILE A 381 19.69 11.32 4.08
N ASN A 382 20.70 11.08 3.24
CA ASN A 382 21.60 12.15 2.81
C ASN A 382 21.58 12.34 1.27
N PHE A 383 20.84 11.46 0.60
CA PHE A 383 20.78 11.43 -0.88
C PHE A 383 22.18 11.34 -1.49
N ILE A 384 23.09 10.66 -0.81
CA ILE A 384 24.45 10.45 -1.30
C ILE A 384 24.44 9.63 -2.60
N LYS A 385 25.04 10.17 -3.66
CA LYS A 385 25.09 9.46 -4.96
C LYS A 385 26.23 8.47 -5.10
N GLN A 386 27.33 8.74 -4.41
CA GLN A 386 28.59 8.02 -4.58
C GLN A 386 29.33 8.08 -3.30
N ILE A 387 29.90 6.92 -2.93
CA ILE A 387 30.81 6.84 -1.82
C ILE A 387 32.05 6.04 -2.20
N ASP A 388 33.23 6.51 -1.80
CA ASP A 388 34.44 5.70 -1.90
C ASP A 388 34.45 4.65 -0.77
N PHE A 389 33.86 3.48 -1.02
CA PHE A 389 33.67 2.48 0.03
C PHE A 389 34.95 2.05 0.79
N LYS A 390 36.11 2.13 0.15
CA LYS A 390 37.31 1.71 0.86
C LYS A 390 37.63 2.57 2.09
N LEU A 391 37.14 3.80 2.16
CA LEU A 391 37.37 4.62 3.35
C LEU A 391 36.96 3.90 4.65
N PHE A 392 35.92 3.07 4.57
CA PHE A 392 35.42 2.31 5.73
C PHE A 392 36.38 1.27 6.32
N GLN A 393 37.36 0.81 5.53
CA GLN A 393 38.41 -0.10 6.04
C GLN A 393 39.35 0.60 7.02
N ASN A 394 39.41 1.92 6.97
CA ASN A 394 40.35 2.64 7.77
C ASN A 394 39.80 3.09 9.13
N PHE A 395 39.06 2.22 9.81
CA PHE A 395 38.55 2.50 11.16
C PHE A 395 38.95 1.35 12.07
N SER A 396 39.15 1.58 13.37
CA SER A 396 39.57 0.48 14.26
C SER A 396 38.39 -0.43 14.68
N ASN A 397 37.21 0.18 14.88
CA ASN A 397 36.12 -0.55 15.52
C ASN A 397 34.77 -0.27 14.87
N LEU A 398 34.78 0.05 13.58
CA LEU A 398 33.52 0.23 12.89
C LEU A 398 32.74 -1.08 12.86
N GLU A 399 31.53 -1.04 13.38
CA GLU A 399 30.64 -2.20 13.42
C GLU A 399 29.28 -1.99 12.72
N ILE A 400 28.85 -0.74 12.58
CA ILE A 400 27.54 -0.44 11.97
C ILE A 400 27.77 0.73 11.00
N ILE A 401 27.56 0.44 9.72
CA ILE A 401 27.61 1.45 8.69
C ILE A 401 26.23 1.54 8.11
N TYR A 402 25.54 2.61 8.49
CA TYR A 402 24.13 2.74 8.14
C TYR A 402 23.96 3.77 7.02
N LEU A 403 23.53 3.30 5.84
CA LEU A 403 23.51 4.15 4.64
C LEU A 403 22.18 4.07 3.92
N SER A 404 21.12 3.68 4.65
CA SER A 404 19.77 3.50 4.09
C SER A 404 19.29 4.86 3.60
N GLU A 405 18.44 4.85 2.58
CA GLU A 405 17.90 6.08 1.94
C GLU A 405 18.95 7.02 1.40
N ASN A 406 19.81 6.52 0.53
CA ASN A 406 20.71 7.39 -0.17
C ASN A 406 20.53 7.03 -1.62
N ARG A 407 21.46 7.41 -2.51
CA ARG A 407 21.29 7.20 -3.96
C ARG A 407 22.46 6.42 -4.62
N ILE A 408 23.09 5.54 -3.85
CA ILE A 408 24.09 4.63 -4.36
C ILE A 408 23.51 3.83 -5.55
N SER A 409 24.31 3.71 -6.64
CA SER A 409 23.94 3.02 -7.88
C SER A 409 24.79 1.73 -8.05
N PRO A 410 24.51 0.94 -9.11
CA PRO A 410 25.35 -0.22 -9.37
C PRO A 410 26.74 0.23 -9.69
N LEU A 411 27.74 -0.36 -9.04
CA LEU A 411 29.11 0.03 -9.33
C LEU A 411 29.67 -0.84 -10.45
N VAL A 412 29.90 -0.21 -11.60
CA VAL A 412 30.30 -0.93 -12.83
C VAL A 412 31.66 -0.46 -13.31
N LYS A 413 32.37 0.22 -12.41
CA LYS A 413 33.60 0.94 -12.68
C LYS A 413 34.46 0.85 -11.42
N PHE A 439 0.37 9.20 19.50
CA PHE A 439 1.80 9.11 19.81
C PHE A 439 2.04 8.92 21.31
N ASP A 440 3.23 8.48 21.67
CA ASP A 440 3.57 8.24 23.07
C ASP A 440 4.13 9.53 23.68
N PRO A 441 3.46 10.07 24.71
CA PRO A 441 3.91 11.37 25.26
C PRO A 441 5.26 11.33 26.02
N HIS A 442 5.70 10.13 26.43
CA HIS A 442 7.03 9.91 27.00
C HIS A 442 8.14 9.57 25.99
N SER A 443 7.92 9.74 24.68
CA SER A 443 8.95 9.41 23.67
C SER A 443 10.17 10.29 23.75
N ASN A 444 11.29 9.73 23.30
CA ASN A 444 12.41 10.54 22.84
C ASN A 444 12.01 10.92 21.43
N PHE A 445 11.63 12.18 21.19
CA PHE A 445 11.04 12.56 19.87
C PHE A 445 12.07 12.91 18.84
N TYR A 446 13.23 13.43 19.26
CA TYR A 446 14.15 13.95 18.23
C TYR A 446 15.23 12.92 17.82
N HIS A 447 15.44 11.93 18.65
CA HIS A 447 16.53 10.98 18.37
C HIS A 447 15.99 9.67 17.80
N PHE A 448 16.71 9.13 16.80
CA PHE A 448 16.47 7.77 16.24
C PHE A 448 16.92 6.71 17.26
N THR A 449 15.92 6.14 17.88
CA THR A 449 16.03 5.40 19.10
C THR A 449 16.02 3.83 18.91
N ARG A 450 15.32 3.34 17.89
CA ARG A 450 15.35 1.93 17.56
C ARG A 450 16.77 1.49 17.03
N PRO A 451 17.13 0.21 17.20
CA PRO A 451 18.41 -0.18 16.56
C PRO A 451 18.36 0.16 15.03
N LEU A 452 19.45 0.71 14.52
CA LEU A 452 19.55 1.10 13.11
C LEU A 452 19.42 -0.10 12.22
N ILE A 453 20.02 -1.22 12.65
CA ILE A 453 20.01 -2.45 11.90
C ILE A 453 19.45 -3.51 12.84
N LYS A 454 18.70 -4.49 12.35
CA LYS A 454 18.18 -5.54 13.25
C LYS A 454 19.30 -6.17 14.11
N PRO A 455 19.06 -6.32 15.43
CA PRO A 455 20.11 -6.91 16.30
C PRO A 455 20.39 -8.37 15.91
N GLN A 456 19.38 -9.09 15.44
CA GLN A 456 19.59 -10.46 14.90
C GLN A 456 20.64 -10.47 13.76
N CYS A 457 20.71 -9.38 12.97
CA CYS A 457 21.69 -9.24 11.88
C CYS A 457 23.04 -8.69 12.39
N ALA A 458 22.98 -7.56 13.08
CA ALA A 458 24.20 -6.97 13.62
C ALA A 458 24.96 -7.87 14.58
N ALA A 459 24.28 -8.80 15.29
CA ALA A 459 25.01 -9.67 16.22
C ALA A 459 26.10 -10.51 15.53
N TYR A 460 25.97 -10.72 14.22
CA TYR A 460 26.92 -11.55 13.51
C TYR A 460 28.29 -10.87 13.33
N GLY A 461 28.33 -9.53 13.36
CA GLY A 461 29.62 -8.79 13.21
C GLY A 461 29.39 -7.54 12.34
N LYS A 462 30.38 -7.09 11.59
CA LYS A 462 30.28 -5.78 10.92
C LYS A 462 29.05 -5.75 10.01
N ALA A 463 28.32 -4.64 10.06
CA ALA A 463 27.01 -4.55 9.45
C ALA A 463 26.94 -3.36 8.49
N LEU A 464 26.42 -3.59 7.29
CA LEU A 464 26.33 -2.59 6.25
C LEU A 464 24.88 -2.52 5.77
N ASP A 465 24.26 -1.35 5.87
CA ASP A 465 22.84 -1.24 5.43
C ASP A 465 22.78 -0.30 4.23
N LEU A 466 22.41 -0.86 3.07
CA LEU A 466 22.24 -0.11 1.82
C LEU A 466 20.80 -0.21 1.29
N SER A 467 19.84 -0.42 2.17
CA SER A 467 18.44 -0.52 1.79
C SER A 467 18.01 0.81 1.24
N LEU A 468 16.98 0.81 0.40
CA LEU A 468 16.36 2.03 -0.12
C LEU A 468 17.39 2.93 -0.83
N ASN A 469 18.26 2.33 -1.63
CA ASN A 469 19.14 3.14 -2.47
C ASN A 469 18.70 2.94 -3.95
N SER A 470 19.58 3.19 -4.93
CA SER A 470 19.28 2.92 -6.37
C SER A 470 20.09 1.74 -6.92
N ILE A 471 20.32 0.75 -6.08
CA ILE A 471 21.12 -0.40 -6.55
C ILE A 471 20.22 -1.40 -7.27
N PHE A 472 19.87 -1.03 -8.49
CA PHE A 472 18.94 -1.80 -9.30
C PHE A 472 19.53 -3.04 -9.95
N PHE A 473 20.84 -3.25 -9.89
CA PHE A 473 21.39 -4.62 -10.00
C PHE A 473 22.71 -4.57 -9.23
N ILE A 474 23.36 -5.71 -9.08
CA ILE A 474 24.60 -5.67 -8.30
C ILE A 474 25.73 -5.56 -9.28
N GLY A 475 26.40 -4.40 -9.28
CA GLY A 475 27.53 -4.18 -10.16
C GLY A 475 28.69 -5.06 -9.76
N PRO A 476 29.58 -5.39 -10.72
CA PRO A 476 30.74 -6.26 -10.39
C PRO A 476 31.69 -5.63 -9.37
N ASN A 477 31.64 -4.32 -9.16
CA ASN A 477 32.46 -3.64 -8.14
C ASN A 477 31.72 -3.21 -6.87
N GLN A 478 30.49 -3.69 -6.68
CA GLN A 478 29.60 -3.17 -5.65
C GLN A 478 30.21 -3.27 -4.27
N PHE A 479 30.97 -4.34 -4.00
CA PHE A 479 31.41 -4.61 -2.66
C PHE A 479 32.95 -4.57 -2.51
N GLU A 480 33.62 -4.18 -3.58
CA GLU A 480 35.06 -4.01 -3.63
C GLU A 480 35.59 -3.15 -2.47
N ASN A 481 36.63 -3.61 -1.79
CA ASN A 481 37.26 -2.82 -0.72
C ASN A 481 36.39 -2.54 0.50
N LEU A 482 35.37 -3.37 0.70
CA LEU A 482 34.60 -3.30 1.90
C LEU A 482 35.34 -4.01 3.00
N PRO A 483 35.14 -3.56 4.25
CA PRO A 483 35.62 -4.39 5.35
C PRO A 483 34.89 -5.75 5.32
N ASP A 484 35.31 -6.66 6.19
CA ASP A 484 34.76 -7.99 6.28
C ASP A 484 33.30 -8.00 6.83
N ILE A 485 32.32 -7.85 5.94
CA ILE A 485 30.93 -7.63 6.33
C ILE A 485 30.28 -8.98 6.74
N ALA A 486 29.60 -9.00 7.87
CA ALA A 486 28.89 -10.19 8.34
C ALA A 486 27.38 -10.03 8.16
N CYS A 487 26.94 -8.80 8.00
CA CYS A 487 25.50 -8.50 8.00
C CYS A 487 25.29 -7.45 6.95
N LEU A 488 24.41 -7.76 6.01
CA LEU A 488 24.24 -6.90 4.85
C LEU A 488 22.75 -6.70 4.52
N ASN A 489 22.34 -5.45 4.33
CA ASN A 489 20.96 -5.11 3.97
C ASN A 489 20.89 -4.43 2.62
N LEU A 490 20.24 -5.07 1.65
CA LEU A 490 20.00 -4.46 0.33
C LEU A 490 18.51 -4.35 -0.02
N SER A 491 17.66 -4.29 0.99
CA SER A 491 16.20 -4.30 0.85
C SER A 491 15.77 -3.12 -0.01
N ALA A 492 14.78 -3.32 -0.87
CA ALA A 492 14.06 -2.19 -1.48
C ALA A 492 14.97 -1.31 -2.31
N ASN A 493 15.68 -1.97 -3.22
CA ASN A 493 16.51 -1.30 -4.18
C ASN A 493 16.03 -1.50 -5.62
N SER A 494 14.82 -2.03 -5.77
CA SER A 494 14.34 -2.50 -7.08
C SER A 494 15.38 -3.35 -7.77
N ASN A 495 16.05 -4.21 -7.01
CA ASN A 495 17.20 -4.91 -7.54
C ASN A 495 16.79 -6.16 -8.35
N ALA A 496 17.11 -6.16 -9.66
CA ALA A 496 16.73 -7.23 -10.58
C ALA A 496 17.90 -8.16 -10.95
N GLN A 497 18.88 -8.28 -10.07
CA GLN A 497 20.01 -9.17 -10.33
C GLN A 497 19.59 -10.62 -10.58
N VAL A 498 20.16 -11.22 -11.65
CA VAL A 498 20.12 -12.66 -11.86
C VAL A 498 21.30 -13.22 -11.05
N LEU A 499 21.02 -13.88 -9.92
CA LEU A 499 22.09 -14.35 -9.04
C LEU A 499 22.77 -15.59 -9.63
N SER A 500 24.11 -15.60 -9.58
CA SER A 500 24.90 -16.55 -10.35
C SER A 500 26.06 -17.16 -9.55
N GLY A 501 26.27 -16.72 -8.31
CA GLY A 501 27.33 -17.29 -7.45
C GLY A 501 28.64 -16.49 -7.39
N THR A 502 28.66 -15.29 -7.97
CA THR A 502 29.88 -14.47 -7.97
C THR A 502 29.67 -13.01 -7.50
N GLU A 503 28.41 -12.63 -7.29
CA GLU A 503 28.06 -11.24 -6.97
C GLU A 503 28.55 -10.77 -5.60
N PHE A 504 28.64 -11.68 -4.63
CA PHE A 504 29.02 -11.33 -3.25
C PHE A 504 30.42 -11.85 -2.87
N SER A 505 31.22 -12.19 -3.86
CA SER A 505 32.48 -12.82 -3.56
C SER A 505 33.52 -11.89 -2.91
N ALA A 506 33.39 -10.56 -3.04
CA ALA A 506 34.32 -9.68 -2.31
C ALA A 506 33.94 -9.54 -0.80
N ILE A 507 32.75 -10.00 -0.42
CA ILE A 507 32.36 -10.03 0.99
C ILE A 507 31.83 -11.43 1.35
N PRO A 508 32.73 -12.44 1.33
CA PRO A 508 32.32 -13.85 1.37
C PRO A 508 31.85 -14.33 2.75
N HIS A 509 31.99 -13.51 3.78
CA HIS A 509 31.58 -13.99 5.11
C HIS A 509 30.22 -13.52 5.62
N VAL A 510 29.41 -12.92 4.77
CA VAL A 510 28.04 -12.56 5.12
C VAL A 510 27.28 -13.76 5.73
N LYS A 511 26.72 -13.52 6.91
CA LYS A 511 25.94 -14.54 7.65
C LYS A 511 24.47 -14.26 7.65
N TYR A 512 24.13 -12.98 7.52
CA TYR A 512 22.76 -12.52 7.55
C TYR A 512 22.61 -11.58 6.37
N LEU A 513 21.75 -11.99 5.44
CA LEU A 513 21.62 -11.29 4.19
C LEU A 513 20.18 -10.95 3.98
N ASP A 514 19.87 -9.64 4.01
CA ASP A 514 18.51 -9.16 3.82
C ASP A 514 18.37 -8.61 2.37
N LEU A 515 17.56 -9.29 1.59
CA LEU A 515 17.36 -8.96 0.18
C LEU A 515 15.89 -8.66 -0.14
N THR A 516 15.13 -8.32 0.89
CA THR A 516 13.65 -8.20 0.79
C THR A 516 13.23 -7.08 -0.14
N ASN A 517 12.01 -7.19 -0.67
CA ASN A 517 11.38 -6.16 -1.52
C ASN A 517 12.23 -5.77 -2.78
N ASN A 518 12.74 -6.79 -3.47
CA ASN A 518 13.48 -6.60 -4.69
C ASN A 518 12.84 -7.45 -5.77
N ARG A 519 13.57 -7.69 -6.86
CA ARG A 519 13.07 -8.35 -8.06
C ARG A 519 14.08 -9.37 -8.56
N LEU A 520 14.62 -10.14 -7.63
CA LEU A 520 15.80 -10.96 -7.85
C LEU A 520 15.45 -12.27 -8.53
N ASP A 521 16.38 -12.84 -9.28
CA ASP A 521 16.19 -14.20 -9.83
C ASP A 521 17.23 -15.13 -9.21
N PHE A 522 16.75 -16.18 -8.53
CA PHE A 522 17.63 -17.13 -7.86
C PHE A 522 17.31 -18.53 -8.34
N ASP A 523 16.90 -18.62 -9.62
CA ASP A 523 16.60 -19.88 -10.29
C ASP A 523 17.89 -20.70 -10.51
N ASN A 524 19.05 -20.04 -10.54
CA ASN A 524 20.31 -20.72 -10.78
C ASN A 524 20.79 -21.46 -9.52
N ALA A 525 21.15 -22.72 -9.65
CA ALA A 525 21.55 -23.57 -8.52
C ALA A 525 22.78 -22.99 -7.81
N SER A 526 23.55 -22.16 -8.51
CA SER A 526 24.66 -21.45 -7.88
C SER A 526 24.34 -20.12 -7.16
N ALA A 527 23.11 -19.63 -7.21
CA ALA A 527 22.74 -18.37 -6.53
C ALA A 527 23.28 -18.33 -5.10
N LEU A 528 24.04 -17.28 -4.75
CA LEU A 528 24.46 -17.03 -3.38
C LEU A 528 25.46 -18.02 -2.77
N THR A 529 25.95 -18.97 -3.58
CA THR A 529 26.77 -20.05 -3.04
C THR A 529 28.19 -19.60 -2.76
N GLU A 530 28.56 -18.40 -3.19
CA GLU A 530 29.83 -17.80 -2.70
C GLU A 530 29.76 -17.46 -1.18
N LEU A 531 28.54 -17.39 -0.62
CA LEU A 531 28.33 -17.12 0.81
C LEU A 531 28.20 -18.43 1.64
N SER A 532 29.32 -19.09 1.86
CA SER A 532 29.28 -20.41 2.42
C SER A 532 28.94 -20.44 3.94
N ASP A 533 29.10 -19.31 4.63
CA ASP A 533 28.78 -19.24 6.04
C ASP A 533 27.37 -18.71 6.27
N LEU A 534 26.59 -18.56 5.20
CA LEU A 534 25.28 -17.90 5.28
C LEU A 534 24.39 -18.67 6.22
N GLU A 535 23.75 -17.93 7.14
CA GLU A 535 22.86 -18.50 8.18
C GLU A 535 21.41 -18.07 8.06
N VAL A 536 21.20 -16.84 7.62
CA VAL A 536 19.87 -16.25 7.52
C VAL A 536 19.77 -15.51 6.19
N LEU A 537 18.78 -15.88 5.41
CA LEU A 537 18.49 -15.26 4.12
C LEU A 537 17.03 -14.83 4.13
N ASP A 538 16.81 -13.55 3.91
CA ASP A 538 15.43 -13.01 3.90
C ASP A 538 15.15 -12.55 2.48
N LEU A 539 14.26 -13.30 1.79
CA LEU A 539 13.81 -12.95 0.45
C LEU A 539 12.36 -12.52 0.43
N SER A 540 11.82 -12.12 1.57
CA SER A 540 10.42 -11.67 1.62
C SER A 540 10.09 -10.64 0.54
N TYR A 541 8.93 -10.79 -0.08
CA TYR A 541 8.40 -9.83 -1.04
C TYR A 541 9.21 -9.72 -2.36
N ASN A 542 10.01 -10.72 -2.67
CA ASN A 542 10.61 -10.79 -3.99
C ASN A 542 9.60 -11.08 -5.10
N SER A 543 9.52 -10.20 -6.09
CA SER A 543 8.69 -10.51 -7.27
C SER A 543 9.58 -10.75 -8.46
N HIS A 544 9.38 -11.92 -9.03
CA HIS A 544 10.26 -12.40 -10.02
C HIS A 544 9.90 -11.75 -11.34
N TYR A 545 10.89 -11.13 -11.96
CA TYR A 545 10.70 -10.41 -13.24
C TYR A 545 11.12 -11.21 -14.49
N PHE A 546 11.68 -12.41 -14.31
CA PHE A 546 12.09 -13.23 -15.42
C PHE A 546 11.50 -14.66 -15.43
N ARG A 547 10.21 -14.81 -15.16
CA ARG A 547 9.61 -16.15 -15.04
C ARG A 547 9.78 -16.91 -16.32
N ILE A 548 10.41 -18.09 -16.23
CA ILE A 548 10.53 -18.99 -17.39
C ILE A 548 9.76 -20.25 -17.05
N ALA A 549 8.77 -20.57 -17.88
CA ALA A 549 7.92 -21.76 -17.65
C ALA A 549 8.78 -23.01 -17.75
N GLY A 550 8.68 -23.87 -16.74
CA GLY A 550 9.57 -25.04 -16.63
C GLY A 550 10.89 -24.78 -15.89
N VAL A 551 11.12 -23.53 -15.45
CA VAL A 551 12.32 -23.24 -14.65
C VAL A 551 11.98 -22.54 -13.33
N THR A 552 11.25 -21.43 -13.40
CA THR A 552 10.87 -20.68 -12.24
C THR A 552 9.74 -21.39 -11.49
N HIS A 553 9.82 -21.56 -10.16
CA HIS A 553 10.93 -21.22 -9.30
C HIS A 553 11.77 -22.46 -9.15
N HIS A 554 13.08 -22.30 -9.23
CA HIS A 554 14.02 -23.38 -9.04
C HIS A 554 14.78 -23.11 -7.75
N LEU A 555 14.54 -23.90 -6.71
CA LEU A 555 15.05 -23.54 -5.38
C LEU A 555 16.30 -24.33 -4.94
N GLU A 556 16.89 -25.04 -5.89
CA GLU A 556 18.07 -25.90 -5.67
C GLU A 556 19.25 -25.26 -4.91
N PHE A 557 19.47 -23.95 -5.06
CA PHE A 557 20.61 -23.27 -4.42
C PHE A 557 20.67 -23.47 -2.89
N ILE A 558 19.49 -23.64 -2.30
CA ILE A 558 19.35 -23.82 -0.84
C ILE A 558 20.19 -24.99 -0.30
N GLN A 559 20.38 -26.05 -1.10
CA GLN A 559 21.01 -27.31 -0.66
C GLN A 559 22.47 -27.11 -0.49
N ASN A 560 22.95 -26.02 -1.04
CA ASN A 560 24.37 -25.79 -1.04
C ASN A 560 24.91 -25.40 0.32
N PHE A 561 24.11 -24.74 1.14
CA PHE A 561 24.62 -24.11 2.34
C PHE A 561 24.72 -25.07 3.52
N THR A 562 25.93 -25.23 4.05
CA THR A 562 26.13 -26.08 5.23
C THR A 562 25.56 -25.49 6.52
N ASN A 563 25.38 -24.16 6.59
CA ASN A 563 25.04 -23.48 7.85
C ASN A 563 23.74 -22.66 7.80
N LEU A 564 23.03 -22.74 6.66
CA LEU A 564 21.73 -22.06 6.52
C LEU A 564 20.69 -22.56 7.54
N LYS A 565 20.20 -21.64 8.35
CA LYS A 565 19.31 -21.95 9.48
C LYS A 565 17.92 -21.35 9.28
N VAL A 566 17.88 -20.15 8.68
CA VAL A 566 16.60 -19.42 8.56
C VAL A 566 16.41 -18.92 7.14
N LEU A 567 15.24 -19.23 6.55
CA LEU A 567 14.97 -18.81 5.18
C LEU A 567 13.54 -18.29 5.09
N ASN A 568 13.42 -17.06 4.62
CA ASN A 568 12.15 -16.41 4.48
C ASN A 568 11.86 -16.21 3.00
N LEU A 569 10.89 -16.99 2.51
CA LEU A 569 10.42 -16.87 1.13
C LEU A 569 9.02 -16.31 1.05
N SER A 570 8.60 -15.61 2.10
CA SER A 570 7.25 -15.08 2.17
C SER A 570 6.91 -14.13 1.01
N HIS A 571 5.63 -14.11 0.62
CA HIS A 571 5.15 -13.22 -0.45
C HIS A 571 6.01 -13.18 -1.71
N ASN A 572 6.46 -14.34 -2.15
CA ASN A 572 7.27 -14.49 -3.35
C ASN A 572 6.35 -14.98 -4.47
N ASN A 573 5.06 -15.18 -4.15
CA ASN A 573 4.07 -15.66 -5.14
C ASN A 573 4.59 -16.88 -5.88
N ILE A 574 5.02 -17.87 -5.12
CA ILE A 574 5.54 -19.04 -5.75
C ILE A 574 4.35 -19.94 -6.06
N TYR A 575 4.10 -20.23 -7.35
CA TYR A 575 3.03 -21.13 -7.72
C TYR A 575 3.51 -22.28 -8.58
N THR A 576 4.82 -22.29 -8.92
CA THR A 576 5.43 -23.35 -9.71
C THR A 576 6.79 -23.71 -9.13
N LEU A 577 7.16 -24.98 -9.18
CA LEU A 577 8.47 -25.42 -8.69
C LEU A 577 9.04 -26.43 -9.65
N THR A 578 10.34 -26.44 -9.85
CA THR A 578 10.92 -27.26 -10.93
C THR A 578 12.14 -28.04 -10.49
N ASP A 579 12.28 -28.22 -9.18
CA ASP A 579 13.36 -29.06 -8.66
C ASP A 579 13.06 -30.53 -8.87
N LYS A 580 14.05 -31.23 -9.42
CA LYS A 580 13.92 -32.64 -9.76
C LYS A 580 13.53 -33.49 -8.55
N TYR A 581 14.24 -33.33 -7.44
CA TYR A 581 14.06 -34.15 -6.24
C TYR A 581 13.71 -33.25 -5.07
N ASN A 582 13.23 -33.85 -3.97
CA ASN A 582 13.06 -33.11 -2.70
C ASN A 582 14.35 -32.39 -2.35
N LEU A 583 14.27 -31.07 -2.20
CA LEU A 583 15.44 -30.34 -1.81
C LEU A 583 15.79 -30.71 -0.39
N GLU A 584 17.06 -30.98 -0.18
CA GLU A 584 17.58 -31.50 1.07
C GLU A 584 18.42 -30.42 1.79
N SER A 585 18.16 -30.22 3.07
CA SER A 585 19.03 -29.42 3.91
C SER A 585 19.15 -30.10 5.25
N LYS A 586 20.37 -30.25 5.73
CA LYS A 586 20.52 -30.84 7.03
C LYS A 586 20.70 -29.80 8.09
N SER A 587 20.61 -28.53 7.73
CA SER A 587 20.86 -27.46 8.68
C SER A 587 19.57 -26.65 8.94
N LEU A 588 18.78 -26.38 7.89
CA LEU A 588 17.65 -25.43 7.96
C LEU A 588 16.69 -25.68 9.15
N VAL A 589 16.48 -24.65 9.98
CA VAL A 589 15.68 -24.73 11.18
C VAL A 589 14.30 -24.20 10.92
N GLU A 590 14.22 -23.12 10.17
CA GLU A 590 12.99 -22.37 10.01
C GLU A 590 12.78 -21.96 8.56
N LEU A 591 11.63 -22.30 8.01
CA LEU A 591 11.27 -21.88 6.66
C LEU A 591 9.95 -21.14 6.75
N VAL A 592 9.95 -19.88 6.29
CA VAL A 592 8.76 -19.07 6.13
C VAL A 592 8.29 -19.13 4.67
N PHE A 593 7.09 -19.68 4.44
CA PHE A 593 6.59 -19.83 3.07
C PHE A 593 5.20 -19.20 2.90
N SER A 594 4.87 -18.22 3.71
CA SER A 594 3.57 -17.58 3.64
C SER A 594 3.45 -16.68 2.41
N GLY A 595 2.21 -16.39 1.98
CA GLY A 595 2.02 -15.50 0.86
C GLY A 595 2.51 -16.10 -0.44
N ASN A 596 2.40 -17.42 -0.59
CA ASN A 596 2.69 -18.08 -1.83
C ASN A 596 1.42 -18.84 -2.29
N ARG A 597 1.55 -19.77 -3.21
CA ARG A 597 0.36 -20.38 -3.77
C ARG A 597 0.40 -21.90 -3.66
N LEU A 598 0.52 -22.41 -2.42
CA LEU A 598 0.54 -23.83 -2.15
C LEU A 598 -0.79 -24.48 -2.48
N ASP A 599 -1.85 -23.70 -2.47
CA ASP A 599 -3.15 -24.14 -2.97
C ASP A 599 -3.01 -24.65 -4.42
N ILE A 600 -2.37 -23.89 -5.29
CA ILE A 600 -2.01 -24.40 -6.64
C ILE A 600 -0.99 -25.56 -6.65
N LEU A 601 0.10 -25.46 -5.91
CA LEU A 601 1.11 -26.53 -5.93
C LEU A 601 0.52 -27.86 -5.45
N TRP A 602 -0.32 -27.80 -4.42
CA TRP A 602 -0.98 -28.99 -3.87
C TRP A 602 -2.26 -29.43 -4.60
N ASN A 603 -2.83 -28.58 -5.46
CA ASN A 603 -3.90 -29.02 -6.36
C ASN A 603 -3.36 -29.59 -7.67
N ASP A 604 -2.04 -29.82 -7.72
CA ASP A 604 -1.40 -30.37 -8.91
C ASP A 604 -1.96 -31.74 -9.32
N ASP A 605 -2.49 -31.80 -10.54
CA ASP A 605 -3.10 -33.00 -11.12
C ASP A 605 -2.22 -34.21 -11.00
N ASP A 606 -0.93 -34.00 -11.14
CA ASP A 606 0.04 -35.09 -11.12
C ASP A 606 0.71 -35.25 -9.76
N ASN A 607 0.25 -34.46 -8.78
CA ASN A 607 0.74 -34.59 -7.40
C ASN A 607 2.25 -34.48 -7.27
N ARG A 608 2.87 -33.60 -8.06
CA ARG A 608 4.32 -33.50 -8.10
C ARG A 608 4.89 -32.86 -6.82
N TYR A 609 4.10 -32.03 -6.14
CA TYR A 609 4.60 -31.21 -5.02
C TYR A 609 4.23 -31.70 -3.61
N ILE A 610 3.70 -32.92 -3.56
CA ILE A 610 3.28 -33.66 -2.35
C ILE A 610 4.35 -33.73 -1.23
N SER A 611 5.61 -33.63 -1.64
CA SER A 611 6.73 -33.97 -0.83
C SER A 611 7.76 -32.83 -0.70
N ILE A 612 7.40 -31.65 -1.19
CA ILE A 612 8.38 -30.56 -1.28
C ILE A 612 9.17 -30.14 -0.02
N PHE A 613 8.67 -30.40 1.17
CA PHE A 613 9.40 -29.95 2.36
C PHE A 613 10.10 -31.10 3.03
N LYS A 614 9.92 -32.30 2.49
CA LYS A 614 10.32 -33.52 3.20
C LYS A 614 11.83 -33.64 3.51
N GLY A 615 12.66 -33.27 2.55
CA GLY A 615 14.11 -33.23 2.74
C GLY A 615 14.66 -32.12 3.63
N LEU A 616 13.78 -31.35 4.29
CA LEU A 616 14.21 -30.37 5.32
C LEU A 616 14.29 -31.11 6.67
N LYS A 617 15.39 -31.83 6.81
CA LYS A 617 15.61 -32.79 7.84
C LYS A 617 15.87 -32.22 9.22
N ASN A 618 16.21 -30.94 9.29
CA ASN A 618 16.41 -30.30 10.61
C ASN A 618 15.27 -29.32 10.95
N LEU A 619 14.24 -29.25 10.12
CA LEU A 619 13.29 -28.13 10.19
C LEU A 619 12.41 -28.28 11.42
N THR A 620 12.40 -27.28 12.30
CA THR A 620 11.44 -27.33 13.42
C THR A 620 10.29 -26.33 13.27
N ARG A 621 10.51 -25.26 12.48
CA ARG A 621 9.47 -24.21 12.35
C ARG A 621 9.07 -23.98 10.89
N LEU A 622 7.77 -24.12 10.62
CA LEU A 622 7.28 -23.95 9.26
C LEU A 622 6.06 -23.06 9.25
N ASP A 623 6.09 -22.04 8.40
CA ASP A 623 5.00 -21.08 8.25
C ASP A 623 4.38 -21.22 6.86
N LEU A 624 3.15 -21.76 6.82
CA LEU A 624 2.41 -21.89 5.57
C LEU A 624 1.20 -20.96 5.57
N SER A 625 1.24 -19.90 6.39
CA SER A 625 0.11 -18.99 6.44
C SER A 625 -0.15 -18.33 5.08
N LEU A 626 -1.37 -17.81 4.87
CA LEU A 626 -1.67 -16.91 3.72
C LEU A 626 -1.33 -17.57 2.39
N ASN A 627 -1.67 -18.84 2.26
CA ASN A 627 -1.42 -19.56 1.02
C ASN A 627 -2.73 -20.00 0.39
N ARG A 628 -3.86 -19.40 0.81
CA ARG A 628 -5.19 -19.68 0.21
C ARG A 628 -5.62 -21.15 0.26
N LEU A 629 -5.08 -21.89 1.22
CA LEU A 629 -5.39 -23.30 1.34
C LEU A 629 -6.85 -23.53 1.75
N LYS A 630 -7.53 -24.38 0.98
CA LYS A 630 -8.90 -24.83 1.24
C LYS A 630 -8.92 -26.18 1.93
N HIS A 631 -8.14 -27.13 1.41
CA HIS A 631 -7.84 -28.40 2.10
C HIS A 631 -6.43 -28.83 1.78
N ILE A 632 -5.69 -29.32 2.76
CA ILE A 632 -4.38 -29.88 2.49
C ILE A 632 -4.58 -31.37 2.24
N PRO A 633 -4.08 -31.91 1.10
CA PRO A 633 -4.21 -33.36 0.85
C PRO A 633 -3.54 -34.15 1.95
N ASN A 634 -4.16 -35.25 2.37
CA ASN A 634 -3.58 -36.07 3.45
C ASN A 634 -2.11 -36.41 3.24
N GLU A 635 -1.75 -36.77 2.01
CA GLU A 635 -0.37 -37.19 1.73
C GLU A 635 0.58 -36.00 1.73
N ALA A 636 0.12 -34.83 1.32
CA ALA A 636 0.93 -33.62 1.46
C ALA A 636 1.21 -33.33 2.94
N PHE A 637 0.18 -33.39 3.80
CA PHE A 637 0.35 -33.19 5.24
C PHE A 637 1.29 -34.19 5.90
N LEU A 638 1.15 -35.47 5.55
CA LEU A 638 2.01 -36.52 6.09
C LEU A 638 3.48 -36.41 5.66
N ASN A 639 3.75 -35.68 4.56
CA ASN A 639 5.14 -35.49 4.10
C ASN A 639 5.83 -34.21 4.60
N LEU A 640 5.15 -33.47 5.48
CA LEU A 640 5.80 -32.34 6.14
C LEU A 640 6.95 -32.89 7.03
N PRO A 641 7.97 -32.09 7.28
CA PRO A 641 9.16 -32.54 8.02
C PRO A 641 8.79 -33.14 9.36
N ALA A 642 9.26 -34.36 9.57
CA ALA A 642 9.02 -35.18 10.76
C ALA A 642 9.44 -34.47 12.02
N SER A 643 10.45 -33.64 11.88
CA SER A 643 11.08 -32.88 12.98
C SER A 643 10.24 -31.69 13.50
N LEU A 644 9.17 -31.30 12.80
CA LEU A 644 8.38 -30.12 13.15
C LEU A 644 7.96 -30.01 14.61
N THR A 645 8.16 -28.82 15.13
CA THR A 645 7.84 -28.45 16.48
C THR A 645 6.75 -27.36 16.43
N GLU A 646 6.83 -26.48 15.40
CA GLU A 646 5.82 -25.44 15.17
C GLU A 646 5.39 -25.32 13.74
N LEU A 647 4.07 -25.35 13.56
CA LEU A 647 3.47 -25.32 12.27
C LEU A 647 2.35 -24.28 12.29
N HIS A 648 2.47 -23.30 11.39
CA HIS A 648 1.50 -22.22 11.24
C HIS A 648 0.74 -22.42 9.98
N ILE A 649 -0.58 -22.55 10.08
CA ILE A 649 -1.39 -22.57 8.86
C ILE A 649 -2.53 -21.56 8.96
N ASN A 650 -2.26 -20.51 9.71
CA ASN A 650 -3.21 -19.44 9.89
C ASN A 650 -3.49 -18.70 8.58
N ASP A 651 -4.64 -18.01 8.57
CA ASP A 651 -5.01 -17.08 7.49
C ASP A 651 -4.94 -17.74 6.12
N ASN A 652 -5.45 -18.96 6.10
CA ASN A 652 -5.78 -19.62 4.88
C ASN A 652 -7.28 -19.63 4.77
N MET A 653 -7.84 -20.62 4.10
CA MET A 653 -9.29 -20.74 4.01
C MET A 653 -9.75 -22.15 4.33
N LEU A 654 -9.03 -22.83 5.23
CA LEU A 654 -9.34 -24.24 5.55
C LEU A 654 -10.75 -24.45 6.09
N LYS A 655 -11.47 -25.36 5.44
CA LYS A 655 -12.79 -25.79 5.93
C LYS A 655 -12.74 -27.22 6.48
N PHE A 656 -11.62 -27.90 6.26
CA PHE A 656 -11.42 -29.28 6.70
C PHE A 656 -10.01 -29.41 7.32
N PHE A 657 -9.90 -30.02 8.48
CA PHE A 657 -8.60 -30.39 9.00
C PHE A 657 -8.64 -31.82 9.54
N ASN A 658 -7.79 -32.69 8.98
CA ASN A 658 -7.68 -34.06 9.46
C ASN A 658 -6.81 -34.20 10.72
N TRP A 659 -7.44 -34.21 11.88
CA TRP A 659 -6.72 -34.32 13.16
C TRP A 659 -5.86 -35.55 13.34
N THR A 660 -6.28 -36.64 12.71
CA THR A 660 -5.56 -37.91 12.87
C THR A 660 -4.13 -37.83 12.29
N LEU A 661 -3.89 -36.90 11.39
CA LEU A 661 -2.55 -36.79 10.82
C LEU A 661 -1.47 -36.26 11.80
N LEU A 662 -1.91 -35.75 12.95
CA LEU A 662 -0.97 -35.33 14.00
C LEU A 662 -0.11 -36.47 14.62
N GLN A 663 -0.58 -37.71 14.46
CA GLN A 663 0.18 -38.94 14.87
C GLN A 663 1.56 -39.02 14.23
N GLN A 664 1.69 -38.48 13.03
CA GLN A 664 2.93 -38.41 12.32
C GLN A 664 3.94 -37.38 12.87
N PHE A 665 3.55 -36.54 13.83
CA PHE A 665 4.43 -35.45 14.30
C PHE A 665 4.61 -35.47 15.81
N PRO A 666 5.50 -36.36 16.31
CA PRO A 666 5.58 -36.55 17.75
C PRO A 666 6.33 -35.43 18.40
N ARG A 667 6.97 -34.56 17.63
CA ARG A 667 7.59 -33.40 18.26
C ARG A 667 6.72 -32.13 18.20
N LEU A 668 5.48 -32.24 17.71
CA LEU A 668 4.69 -31.01 17.44
C LEU A 668 4.24 -30.35 18.72
N GLU A 669 4.61 -29.09 18.90
CA GLU A 669 4.26 -28.42 20.17
C GLU A 669 3.26 -27.29 19.95
N LEU A 670 3.37 -26.66 18.78
CA LEU A 670 2.52 -25.51 18.46
C LEU A 670 1.82 -25.74 17.13
N LEU A 671 0.50 -25.65 17.13
CA LEU A 671 -0.21 -25.78 15.90
C LEU A 671 -1.09 -24.52 15.81
N ASP A 672 -0.94 -23.78 14.73
CA ASP A 672 -1.60 -22.49 14.61
C ASP A 672 -2.55 -22.53 13.43
N LEU A 673 -3.83 -22.65 13.74
CA LEU A 673 -4.90 -22.74 12.74
C LEU A 673 -5.83 -21.49 12.70
N ARG A 674 -5.42 -20.42 13.34
CA ARG A 674 -6.23 -19.19 13.39
C ARG A 674 -6.62 -18.62 12.03
N GLY A 675 -7.79 -18.00 11.93
CA GLY A 675 -8.14 -17.25 10.75
C GLY A 675 -8.53 -18.13 9.61
N ASN A 676 -9.19 -19.22 9.89
CA ASN A 676 -9.54 -20.14 8.81
C ASN A 676 -11.05 -20.27 8.73
N LYS A 677 -11.57 -21.35 8.17
CA LYS A 677 -13.02 -21.54 8.15
C LYS A 677 -13.46 -22.87 8.79
N LEU A 678 -12.73 -23.32 9.82
CA LEU A 678 -13.02 -24.62 10.37
C LEU A 678 -14.36 -24.70 11.14
N LEU A 679 -15.07 -25.81 10.94
CA LEU A 679 -16.33 -26.13 11.64
C LEU A 679 -16.15 -27.21 12.70
N PHE A 680 -15.43 -28.26 12.38
CA PHE A 680 -15.41 -29.35 13.32
C PHE A 680 -14.04 -29.62 13.93
N LEU A 681 -14.08 -30.09 15.15
CA LEU A 681 -12.91 -30.62 15.81
C LEU A 681 -13.11 -32.11 16.03
N THR A 682 -12.03 -32.86 16.19
CA THR A 682 -12.09 -34.25 16.67
C THR A 682 -12.55 -34.39 18.13
N ASP A 683 -13.24 -35.47 18.45
CA ASP A 683 -13.52 -35.80 19.86
C ASP A 683 -12.43 -36.65 20.54
N SER A 684 -11.31 -36.89 19.85
CA SER A 684 -10.20 -37.64 20.46
C SER A 684 -8.80 -37.14 20.07
N LEU A 685 -8.58 -35.86 20.30
CA LEU A 685 -7.28 -35.23 20.07
C LEU A 685 -6.12 -36.02 20.69
N SER A 686 -6.32 -36.55 21.88
CA SER A 686 -5.23 -37.20 22.60
C SER A 686 -4.87 -38.55 22.02
N ASP A 687 -5.71 -39.10 21.15
CA ASP A 687 -5.28 -40.26 20.39
C ASP A 687 -4.32 -39.88 19.26
N PHE A 688 -4.19 -38.57 19.02
CA PHE A 688 -3.46 -38.11 17.85
C PHE A 688 -2.15 -37.37 18.25
N THR A 689 -2.07 -36.92 19.49
CA THR A 689 -0.88 -36.20 19.92
C THR A 689 -0.64 -36.35 21.41
N SER A 690 0.63 -36.44 21.81
CA SER A 690 0.96 -36.35 23.22
C SER A 690 1.90 -35.19 23.47
N SER A 691 2.20 -34.42 22.42
CA SER A 691 3.22 -33.37 22.54
C SER A 691 2.60 -31.96 22.46
N LEU A 692 1.40 -31.87 21.91
CA LEU A 692 0.88 -30.59 21.53
C LEU A 692 0.64 -29.71 22.76
N ARG A 693 1.27 -28.53 22.78
CA ARG A 693 1.20 -27.61 23.94
C ARG A 693 0.29 -26.41 23.70
N THR A 694 0.34 -25.87 22.47
CA THR A 694 -0.39 -24.68 22.12
C THR A 694 -1.22 -24.93 20.87
N LEU A 695 -2.51 -24.67 20.97
CA LEU A 695 -3.36 -24.95 19.86
C LEU A 695 -4.20 -23.72 19.63
N LEU A 696 -4.00 -23.05 18.53
CA LEU A 696 -4.60 -21.75 18.34
C LEU A 696 -5.72 -21.86 17.32
N LEU A 697 -6.95 -21.60 17.72
CA LEU A 697 -8.11 -21.79 16.85
C LEU A 697 -9.04 -20.57 16.74
N SER A 698 -8.57 -19.38 17.13
CA SER A 698 -9.35 -18.17 16.97
C SER A 698 -9.69 -17.82 15.53
N HIS A 699 -10.82 -17.14 15.35
CA HIS A 699 -11.34 -16.70 14.04
C HIS A 699 -11.56 -17.87 13.17
N ASN A 700 -12.37 -18.78 13.67
CA ASN A 700 -12.85 -19.87 12.83
C ASN A 700 -14.36 -19.88 12.97
N ARG A 701 -15.02 -20.99 12.64
CA ARG A 701 -16.49 -21.06 12.77
C ARG A 701 -16.87 -22.23 13.67
N ILE A 702 -16.09 -22.49 14.70
CA ILE A 702 -16.44 -23.58 15.62
C ILE A 702 -17.70 -23.16 16.38
N SER A 703 -18.74 -24.00 16.36
CA SER A 703 -19.93 -23.76 17.17
C SER A 703 -20.11 -24.83 18.28
N HIS A 704 -19.29 -25.87 18.23
CA HIS A 704 -19.46 -27.00 19.16
C HIS A 704 -18.16 -27.60 19.60
N LEU A 705 -18.00 -27.77 20.90
CA LEU A 705 -16.81 -28.42 21.42
C LEU A 705 -17.16 -29.85 21.70
N PRO A 706 -16.45 -30.79 21.07
CA PRO A 706 -16.74 -32.20 21.23
C PRO A 706 -16.55 -32.72 22.67
N SER A 707 -17.45 -33.61 23.08
CA SER A 707 -17.31 -34.38 24.32
C SER A 707 -15.90 -35.00 24.41
N GLY A 708 -15.20 -34.69 25.49
CA GLY A 708 -13.80 -35.02 25.60
C GLY A 708 -12.97 -34.16 24.66
N PHE A 709 -12.92 -32.86 24.94
CA PHE A 709 -11.98 -31.96 24.25
C PHE A 709 -11.19 -31.09 25.21
N LEU A 710 -11.86 -30.50 26.21
CA LEU A 710 -11.12 -29.78 27.26
C LEU A 710 -10.14 -30.73 27.99
N SER A 711 -9.78 -31.81 27.26
CA SER A 711 -8.93 -32.98 27.62
C SER A 711 -9.68 -34.25 27.14
N GLU A 712 -9.05 -35.43 27.10
CA GLU A 712 -7.63 -35.63 27.43
C GLU A 712 -6.72 -35.14 26.31
N VAL A 713 -6.01 -34.05 26.58
CA VAL A 713 -4.69 -33.78 26.02
C VAL A 713 -3.94 -33.12 27.16
N SER A 714 -3.28 -33.93 27.97
CA SER A 714 -2.60 -33.42 29.16
C SER A 714 -1.36 -32.57 28.88
N SER A 715 -0.85 -32.60 27.64
CA SER A 715 0.30 -31.74 27.28
C SER A 715 -0.15 -30.33 26.97
N LEU A 716 -1.43 -30.16 26.64
CA LEU A 716 -1.93 -28.85 26.22
C LEU A 716 -1.91 -27.85 27.36
N LYS A 717 -1.21 -26.74 27.15
CA LYS A 717 -1.09 -25.66 28.12
C LYS A 717 -1.89 -24.42 27.71
N HIS A 718 -2.06 -24.24 26.40
CA HIS A 718 -2.68 -23.04 25.86
C HIS A 718 -3.64 -23.39 24.73
N LEU A 719 -4.91 -23.10 24.92
CA LEU A 719 -5.91 -23.39 23.94
C LEU A 719 -6.63 -22.08 23.66
N ASP A 720 -6.67 -21.69 22.39
CA ASP A 720 -7.30 -20.43 22.00
C ASP A 720 -8.49 -20.65 21.12
N LEU A 721 -9.68 -20.38 21.70
CA LEU A 721 -10.94 -20.61 21.01
C LEU A 721 -11.68 -19.30 20.83
N SER A 722 -10.93 -18.19 20.98
CA SER A 722 -11.55 -16.89 20.88
C SER A 722 -12.10 -16.65 19.48
N SER A 723 -13.11 -15.77 19.38
CA SER A 723 -13.68 -15.35 18.13
C SER A 723 -14.15 -16.54 17.28
N ASN A 724 -14.98 -17.39 17.86
CA ASN A 724 -15.61 -18.43 17.07
C ASN A 724 -17.10 -18.25 17.23
N LEU A 725 -17.87 -19.33 17.08
CA LEU A 725 -19.33 -19.26 17.07
C LEU A 725 -19.96 -20.03 18.25
N LEU A 726 -19.25 -20.09 19.36
CA LEU A 726 -19.69 -20.89 20.50
C LEU A 726 -20.78 -20.19 21.32
N LYS A 727 -21.93 -20.83 21.49
CA LYS A 727 -23.06 -20.26 22.26
C LYS A 727 -23.03 -20.74 23.70
N THR A 728 -22.35 -21.87 23.85
CA THR A 728 -22.22 -22.51 25.13
C THR A 728 -20.95 -23.33 25.19
N ILE A 729 -20.54 -23.64 26.39
CA ILE A 729 -19.49 -24.64 26.56
C ILE A 729 -20.06 -25.88 27.24
N ASN A 730 -20.29 -26.91 26.43
CA ASN A 730 -21.03 -28.10 26.84
C ASN A 730 -20.42 -28.88 27.98
N LYS A 731 -21.28 -29.51 28.77
CA LYS A 731 -20.91 -30.66 29.61
C LYS A 731 -20.33 -31.75 28.68
N SER A 732 -19.32 -32.49 29.15
CA SER A 732 -18.66 -33.57 28.37
C SER A 732 -17.38 -33.13 27.64
N ALA A 733 -17.42 -31.99 26.94
CA ALA A 733 -16.18 -31.31 26.55
C ALA A 733 -15.57 -30.88 27.87
N LEU A 734 -16.47 -30.66 28.82
CA LEU A 734 -16.15 -30.59 30.23
C LEU A 734 -15.97 -32.00 30.75
N GLU A 735 -14.73 -32.47 30.74
CA GLU A 735 -14.34 -33.62 31.52
C GLU A 735 -13.20 -33.14 32.40
N THR A 736 -12.63 -34.04 33.19
CA THR A 736 -11.45 -33.70 33.99
C THR A 736 -10.51 -34.88 34.23
N LYS A 737 -9.67 -35.17 33.22
CA LYS A 737 -8.63 -36.21 33.30
C LYS A 737 -7.53 -35.98 32.25
N THR A 738 -6.26 -36.25 32.57
CA THR A 738 -5.81 -36.65 33.91
C THR A 738 -5.67 -35.43 34.81
N THR A 739 -4.57 -34.70 34.65
CA THR A 739 -4.49 -33.32 35.12
C THR A 739 -4.61 -32.45 33.88
N THR A 740 -5.75 -31.77 33.76
CA THR A 740 -5.94 -30.76 32.75
C THR A 740 -4.93 -29.65 33.07
N LYS A 741 -3.70 -29.83 32.57
CA LYS A 741 -2.62 -28.89 32.87
C LYS A 741 -2.71 -27.66 31.96
N LEU A 742 -3.90 -27.47 31.40
CA LEU A 742 -4.31 -26.25 30.73
C LEU A 742 -4.06 -25.13 31.70
N SER A 743 -3.39 -24.09 31.24
CA SER A 743 -3.16 -22.97 32.11
C SER A 743 -3.61 -21.71 31.39
N MET A 744 -3.90 -21.84 30.10
CA MET A 744 -4.55 -20.77 29.36
C MET A 744 -5.64 -21.26 28.38
N LEU A 745 -6.85 -20.77 28.64
CA LEU A 745 -8.00 -20.97 27.81
C LEU A 745 -8.56 -19.62 27.43
N GLU A 746 -8.58 -19.31 26.13
CA GLU A 746 -9.16 -18.07 25.62
C GLU A 746 -10.53 -18.34 25.00
N LEU A 747 -11.50 -17.49 25.36
CA LEU A 747 -12.89 -17.62 24.97
C LEU A 747 -13.60 -16.33 24.54
N HIS A 748 -12.91 -15.18 24.62
CA HIS A 748 -13.57 -13.88 24.32
C HIS A 748 -13.99 -13.88 22.91
N GLY A 749 -15.01 -13.09 22.59
CA GLY A 749 -15.50 -13.02 21.25
C GLY A 749 -16.41 -14.16 20.83
N ASN A 750 -16.94 -14.96 21.74
CA ASN A 750 -17.95 -15.95 21.30
C ASN A 750 -19.36 -15.46 21.64
N PRO A 751 -20.33 -15.72 20.75
CA PRO A 751 -21.74 -15.31 21.01
C PRO A 751 -22.41 -16.12 22.11
N PHE A 752 -21.93 -16.03 23.35
CA PHE A 752 -22.51 -16.86 24.40
C PHE A 752 -23.98 -16.64 24.79
N GLU A 753 -24.61 -17.74 25.17
CA GLU A 753 -25.99 -17.76 25.61
C GLU A 753 -26.01 -17.78 27.12
N CYS A 754 -26.49 -16.72 27.73
CA CYS A 754 -26.40 -16.68 29.16
C CYS A 754 -27.77 -16.98 29.77
N THR A 755 -28.14 -18.24 29.69
CA THR A 755 -29.24 -18.83 30.43
C THR A 755 -28.51 -19.68 31.47
N CYS A 756 -29.25 -20.55 32.15
CA CYS A 756 -28.63 -21.44 33.14
C CYS A 756 -27.84 -22.56 32.45
N ASP A 757 -27.87 -22.59 31.11
CA ASP A 757 -26.92 -23.42 30.34
C ASP A 757 -25.46 -22.96 30.39
N ILE A 758 -25.18 -21.82 30.99
CA ILE A 758 -23.82 -21.36 31.16
C ILE A 758 -23.36 -21.72 32.58
N GLY A 759 -24.22 -22.45 33.29
CA GLY A 759 -23.97 -22.83 34.68
C GLY A 759 -22.90 -23.88 34.87
N ASP A 760 -22.96 -24.95 34.08
CA ASP A 760 -21.92 -25.98 34.03
C ASP A 760 -20.55 -25.32 33.87
N PHE A 761 -20.36 -24.63 32.75
CA PHE A 761 -19.08 -24.05 32.46
C PHE A 761 -18.56 -23.19 33.61
N ARG A 762 -19.44 -22.37 34.18
CA ARG A 762 -19.09 -21.48 35.30
C ARG A 762 -18.67 -22.22 36.58
N ARG A 763 -19.28 -23.38 36.82
CA ARG A 763 -18.90 -24.31 37.90
C ARG A 763 -17.52 -24.91 37.60
N TRP A 764 -17.37 -25.51 36.41
CA TRP A 764 -16.06 -25.93 35.90
C TRP A 764 -14.99 -24.89 36.14
N MET A 765 -15.26 -23.63 35.79
CA MET A 765 -14.28 -22.54 35.92
C MET A 765 -13.76 -22.35 37.35
N ASP A 766 -14.54 -22.86 38.30
CA ASP A 766 -14.22 -22.70 39.72
C ASP A 766 -13.59 -23.96 40.30
N GLU A 767 -13.99 -25.13 39.80
CA GLU A 767 -13.27 -26.37 40.05
C GLU A 767 -11.78 -26.31 39.62
N HIS A 768 -11.53 -25.87 38.39
CA HIS A 768 -10.15 -25.80 37.84
C HIS A 768 -9.62 -24.41 37.82
N LEU A 769 -9.13 -23.98 38.98
CA LEU A 769 -8.58 -22.64 39.18
C LEU A 769 -7.19 -22.48 38.59
N ASN A 770 -6.53 -23.59 38.27
CA ASN A 770 -5.18 -23.49 37.71
C ASN A 770 -5.28 -22.92 36.30
N VAL A 771 -6.31 -23.38 35.58
CA VAL A 771 -6.70 -22.86 34.27
C VAL A 771 -7.08 -21.38 34.32
N LYS A 772 -6.19 -20.54 33.81
CA LYS A 772 -6.46 -19.12 33.64
C LYS A 772 -7.34 -18.88 32.43
N ILE A 773 -8.43 -18.15 32.63
CA ILE A 773 -9.16 -17.59 31.51
C ILE A 773 -8.89 -16.09 31.52
N PRO A 774 -8.12 -15.61 30.55
CA PRO A 774 -7.81 -14.16 30.53
C PRO A 774 -9.01 -13.37 30.10
N ARG A 775 -9.08 -12.08 30.47
CA ARG A 775 -9.95 -11.18 29.72
C ARG A 775 -11.44 -11.58 29.89
N LEU A 776 -11.70 -12.32 30.96
CA LEU A 776 -13.00 -12.77 31.43
C LEU A 776 -14.08 -11.73 31.20
N VAL A 777 -13.73 -10.49 31.45
CA VAL A 777 -14.56 -9.32 31.12
C VAL A 777 -15.02 -9.24 29.65
N ASP A 778 -14.29 -9.87 28.75
CA ASP A 778 -14.64 -9.84 27.31
C ASP A 778 -15.32 -11.11 26.82
N VAL A 779 -15.45 -12.07 27.74
CA VAL A 779 -16.25 -13.26 27.51
C VAL A 779 -17.70 -12.89 27.79
N ILE A 780 -18.37 -12.45 26.73
CA ILE A 780 -19.64 -11.69 26.74
C ILE A 780 -20.83 -12.54 26.28
N CYS A 781 -21.98 -12.38 26.97
CA CYS A 781 -23.30 -12.85 26.52
C CYS A 781 -23.79 -12.15 25.25
N ALA A 782 -24.19 -12.91 24.25
CA ALA A 782 -24.83 -12.32 23.09
C ALA A 782 -26.36 -12.37 23.26
N SER A 783 -26.83 -13.16 24.23
CA SER A 783 -28.24 -13.40 24.45
C SER A 783 -28.44 -14.02 25.85
N PRO A 784 -29.65 -13.92 26.41
CA PRO A 784 -30.80 -13.17 25.88
C PRO A 784 -30.57 -11.67 26.02
N GLY A 785 -31.51 -10.87 25.50
CA GLY A 785 -31.43 -9.40 25.46
C GLY A 785 -31.03 -8.80 26.80
N ASP A 786 -31.63 -9.29 27.88
CA ASP A 786 -31.31 -8.73 29.19
C ASP A 786 -29.94 -9.10 29.73
N GLN A 787 -29.27 -10.07 29.13
CA GLN A 787 -27.90 -10.40 29.56
C GLN A 787 -26.87 -9.83 28.59
N ARG A 788 -27.32 -9.45 27.39
CA ARG A 788 -26.42 -9.02 26.30
C ARG A 788 -25.44 -7.93 26.74
N GLY A 789 -24.16 -8.08 26.41
CA GLY A 789 -23.14 -7.12 26.79
C GLY A 789 -22.47 -7.41 28.14
N LYS A 790 -23.05 -8.31 28.94
CA LYS A 790 -22.49 -8.65 30.24
C LYS A 790 -21.50 -9.80 30.16
N SER A 791 -20.57 -9.87 31.11
CA SER A 791 -19.61 -10.97 31.19
C SER A 791 -20.34 -12.22 31.60
N ILE A 792 -19.93 -13.36 31.07
CA ILE A 792 -20.58 -14.61 31.46
C ILE A 792 -20.48 -14.82 32.97
N VAL A 793 -19.55 -14.12 33.60
CA VAL A 793 -19.30 -14.26 35.04
C VAL A 793 -20.44 -13.65 35.91
N SER A 794 -21.09 -12.61 35.41
CA SER A 794 -21.99 -11.77 36.19
C SER A 794 -23.41 -12.32 36.37
N LEU A 795 -23.62 -13.61 36.13
CA LEU A 795 -24.96 -14.19 36.16
C LEU A 795 -25.10 -15.23 37.26
N GLU A 796 -26.19 -15.15 38.01
CA GLU A 796 -26.25 -15.85 39.28
C GLU A 796 -26.72 -17.30 39.27
N LEU A 797 -26.21 -18.07 40.23
CA LEU A 797 -26.64 -19.45 40.45
C LEU A 797 -27.96 -19.47 41.24
N ARG B 10 -42.48 -5.28 -20.35
CA ARG B 10 -41.11 -4.95 -19.85
C ARG B 10 -40.08 -6.03 -20.21
N SER B 11 -38.92 -5.58 -20.69
CA SER B 11 -37.88 -6.45 -21.26
C SER B 11 -37.15 -7.31 -20.23
N TYR B 12 -37.12 -8.61 -20.48
CA TYR B 12 -36.61 -9.56 -19.50
C TYR B 12 -36.17 -10.91 -20.13
N PRO B 13 -35.05 -11.49 -19.66
CA PRO B 13 -34.16 -11.01 -18.58
C PRO B 13 -33.11 -10.02 -19.07
N CYS B 14 -33.04 -9.83 -20.38
CA CYS B 14 -32.05 -8.97 -21.00
C CYS B 14 -32.47 -7.50 -21.00
N ASP B 15 -31.49 -6.61 -20.92
CA ASP B 15 -31.72 -5.19 -21.14
C ASP B 15 -31.58 -4.92 -22.62
N GLU B 16 -32.61 -4.35 -23.21
CA GLU B 16 -32.63 -4.23 -24.67
C GLU B 16 -32.64 -2.77 -25.17
N LYS B 17 -31.43 -2.21 -25.31
CA LYS B 17 -31.23 -0.88 -25.90
C LYS B 17 -31.25 -1.01 -27.42
N LYS B 18 -31.51 0.10 -28.12
CA LYS B 18 -31.51 0.08 -29.58
C LYS B 18 -30.58 1.14 -30.22
N GLN B 19 -30.06 0.81 -31.39
CA GLN B 19 -29.20 1.73 -32.14
C GLN B 19 -29.41 1.65 -33.66
N ASN B 20 -30.50 2.28 -34.11
CA ASN B 20 -30.66 2.82 -35.48
C ASN B 20 -31.99 3.55 -35.76
N ASP B 21 -33.18 2.92 -35.74
CA ASP B 21 -33.57 1.48 -35.87
C ASP B 21 -32.56 0.30 -36.01
N SER B 22 -32.15 -0.27 -34.88
CA SER B 22 -31.44 -1.56 -34.79
C SER B 22 -31.42 -1.91 -33.31
N VAL B 23 -31.60 -3.18 -32.95
CA VAL B 23 -31.83 -3.52 -31.54
C VAL B 23 -30.86 -4.55 -30.95
N ILE B 24 -30.26 -4.16 -29.82
CA ILE B 24 -29.18 -4.90 -29.16
C ILE B 24 -29.69 -5.48 -27.84
N ALA B 25 -29.40 -6.75 -27.57
CA ALA B 25 -29.87 -7.39 -26.34
C ALA B 25 -28.74 -7.71 -25.35
N GLU B 26 -28.61 -6.88 -24.32
CA GLU B 26 -27.57 -7.04 -23.30
C GLU B 26 -28.02 -8.07 -22.27
N CYS B 27 -27.41 -9.26 -22.32
CA CYS B 27 -27.81 -10.35 -21.44
C CYS B 27 -26.61 -11.08 -20.81
N SER B 28 -25.52 -10.34 -20.61
CA SER B 28 -24.30 -10.89 -20.04
C SER B 28 -24.33 -10.86 -18.52
N ASN B 29 -23.48 -11.68 -17.91
CA ASN B 29 -23.26 -11.69 -16.47
C ASN B 29 -24.57 -11.70 -15.67
N ARG B 30 -25.35 -12.75 -15.85
CA ARG B 30 -26.75 -12.72 -15.47
C ARG B 30 -27.22 -14.03 -14.84
N ARG B 31 -26.27 -14.95 -14.65
CA ARG B 31 -26.51 -16.27 -14.03
C ARG B 31 -27.51 -17.16 -14.78
N LEU B 32 -27.57 -17.03 -16.11
CA LEU B 32 -28.55 -17.81 -16.89
C LEU B 32 -28.16 -19.28 -17.12
N GLN B 33 -29.12 -20.18 -16.98
CA GLN B 33 -28.88 -21.62 -17.11
C GLN B 33 -28.95 -22.09 -18.56
N GLU B 34 -29.92 -21.56 -19.29
CA GLU B 34 -30.13 -21.89 -20.69
C GLU B 34 -30.39 -20.56 -21.39
N VAL B 35 -30.51 -20.59 -22.71
CA VAL B 35 -30.83 -19.37 -23.47
C VAL B 35 -32.31 -18.99 -23.27
N PRO B 36 -32.56 -17.77 -22.78
CA PRO B 36 -33.93 -17.29 -22.57
C PRO B 36 -34.77 -17.31 -23.86
N GLN B 37 -36.09 -17.43 -23.68
CA GLN B 37 -37.04 -17.42 -24.80
C GLN B 37 -37.74 -16.06 -24.91
N THR B 38 -37.65 -15.29 -23.83
CA THR B 38 -38.30 -13.98 -23.70
C THR B 38 -37.44 -12.85 -24.26
N VAL B 39 -36.52 -13.22 -25.14
CA VAL B 39 -35.70 -12.24 -25.86
C VAL B 39 -36.56 -11.56 -26.91
N GLY B 40 -36.48 -10.23 -26.95
CA GLY B 40 -37.21 -9.43 -27.94
C GLY B 40 -37.00 -10.00 -29.32
N LYS B 41 -38.04 -10.67 -29.83
CA LYS B 41 -37.99 -11.42 -31.09
C LYS B 41 -37.30 -10.69 -32.25
N TYR B 42 -37.23 -9.37 -32.16
CA TYR B 42 -36.75 -8.52 -33.26
C TYR B 42 -35.29 -8.08 -33.17
N VAL B 43 -34.54 -8.54 -32.15
CA VAL B 43 -33.17 -8.07 -31.91
C VAL B 43 -32.13 -8.45 -32.98
N THR B 44 -31.24 -7.52 -33.28
CA THR B 44 -30.13 -7.75 -34.22
C THR B 44 -28.86 -8.34 -33.57
N GLU B 45 -28.53 -7.88 -32.36
CA GLU B 45 -27.32 -8.34 -31.65
C GLU B 45 -27.63 -8.79 -30.23
N LEU B 46 -27.30 -10.05 -29.92
CA LEU B 46 -27.54 -10.63 -28.60
C LEU B 46 -26.25 -11.03 -27.89
N ASP B 47 -26.03 -10.46 -26.72
CA ASP B 47 -24.83 -10.71 -25.93
C ASP B 47 -25.20 -11.51 -24.68
N LEU B 48 -24.71 -12.76 -24.60
CA LEU B 48 -25.01 -13.69 -23.50
C LEU B 48 -23.75 -14.16 -22.79
N SER B 49 -22.71 -13.34 -22.79
CA SER B 49 -21.46 -13.73 -22.16
C SER B 49 -21.53 -13.81 -20.63
N ASP B 50 -20.64 -14.62 -20.06
CA ASP B 50 -20.46 -14.79 -18.61
C ASP B 50 -21.70 -15.34 -17.91
N ASN B 51 -22.16 -16.48 -18.39
CA ASN B 51 -23.33 -17.11 -17.80
C ASN B 51 -23.05 -18.55 -17.42
N PHE B 52 -24.12 -19.33 -17.27
CA PHE B 52 -24.01 -20.76 -16.94
C PHE B 52 -24.64 -21.63 -18.02
N ILE B 53 -24.87 -21.03 -19.19
CA ILE B 53 -25.39 -21.72 -20.35
C ILE B 53 -24.55 -22.97 -20.63
N THR B 54 -25.20 -24.13 -20.52
CA THR B 54 -24.55 -25.42 -20.77
C THR B 54 -24.79 -25.95 -22.19
N HIS B 55 -25.99 -25.73 -22.73
CA HIS B 55 -26.37 -26.30 -24.02
C HIS B 55 -26.86 -25.29 -25.01
N ILE B 56 -26.38 -25.42 -26.24
CA ILE B 56 -26.93 -24.68 -27.37
C ILE B 56 -27.52 -25.70 -28.35
N THR B 57 -28.79 -25.52 -28.73
CA THR B 57 -29.46 -26.53 -29.56
C THR B 57 -30.02 -26.00 -30.87
N ASN B 58 -30.46 -26.95 -31.69
CA ASN B 58 -31.36 -26.70 -32.82
C ASN B 58 -32.48 -25.71 -32.43
N GLU B 59 -32.86 -25.75 -31.15
CA GLU B 59 -34.09 -25.12 -30.64
C GLU B 59 -33.87 -23.89 -29.72
N SER B 60 -32.60 -23.61 -29.38
CA SER B 60 -32.26 -22.56 -28.40
C SER B 60 -32.54 -21.12 -28.85
N PHE B 61 -32.26 -20.82 -30.13
CA PHE B 61 -32.62 -19.54 -30.75
C PHE B 61 -33.67 -19.82 -31.82
N GLN B 62 -34.91 -19.39 -31.61
CA GLN B 62 -36.01 -19.79 -32.51
C GLN B 62 -36.69 -18.68 -33.32
N GLY B 63 -37.18 -17.65 -32.64
CA GLY B 63 -37.96 -16.61 -33.30
C GLY B 63 -37.15 -15.51 -33.95
N LEU B 64 -35.83 -15.70 -34.02
CA LEU B 64 -34.91 -14.62 -34.36
C LEU B 64 -34.33 -14.75 -35.77
N GLN B 65 -35.10 -14.28 -36.74
CA GLN B 65 -34.72 -14.31 -38.15
C GLN B 65 -33.69 -13.21 -38.42
N ASN B 66 -33.70 -12.18 -37.58
CA ASN B 66 -32.90 -10.97 -37.82
C ASN B 66 -31.52 -10.90 -37.11
N LEU B 67 -31.16 -11.94 -36.36
CA LEU B 67 -29.89 -11.94 -35.61
C LEU B 67 -28.64 -11.90 -36.47
N THR B 68 -27.88 -10.82 -36.36
CA THR B 68 -26.63 -10.69 -37.10
C THR B 68 -25.42 -11.08 -36.25
N LYS B 69 -25.53 -10.90 -34.94
CA LYS B 69 -24.41 -11.13 -34.00
C LYS B 69 -24.79 -11.88 -32.72
N ILE B 70 -24.07 -12.96 -32.42
CA ILE B 70 -24.23 -13.66 -31.13
C ILE B 70 -22.92 -13.75 -30.32
N ASN B 71 -23.01 -13.44 -29.03
CA ASN B 71 -21.88 -13.56 -28.10
C ASN B 71 -22.19 -14.55 -27.00
N LEU B 72 -21.39 -15.60 -26.94
CA LEU B 72 -21.58 -16.66 -25.98
C LEU B 72 -20.31 -16.93 -25.20
N ASN B 73 -19.38 -15.96 -25.22
CA ASN B 73 -18.11 -16.06 -24.48
C ASN B 73 -18.31 -16.42 -23.01
N HIS B 74 -17.38 -17.21 -22.47
CA HIS B 74 -17.37 -17.60 -21.05
C HIS B 74 -18.67 -18.22 -20.60
N ASN B 75 -19.07 -19.29 -21.28
CA ASN B 75 -20.21 -20.10 -20.86
C ASN B 75 -19.76 -21.55 -20.84
N PRO B 76 -19.89 -22.22 -19.69
CA PRO B 76 -20.17 -21.64 -18.38
C PRO B 76 -18.86 -21.32 -17.64
N ASN B 77 -18.94 -21.01 -16.35
CA ASN B 77 -17.75 -20.86 -15.50
C ASN B 77 -17.93 -21.19 -14.01
N GLY B 91 -17.72 -28.02 -20.41
CA GLY B 91 -17.78 -26.91 -21.35
C GLY B 91 -19.10 -26.85 -22.09
N LEU B 92 -19.24 -25.87 -22.98
CA LEU B 92 -20.48 -25.65 -23.72
C LEU B 92 -20.74 -26.69 -24.81
N ASN B 93 -21.90 -27.37 -24.71
CA ASN B 93 -22.32 -28.41 -25.66
C ASN B 93 -23.15 -27.82 -26.80
N ILE B 94 -22.61 -27.91 -28.02
CA ILE B 94 -23.23 -27.36 -29.22
C ILE B 94 -23.46 -28.48 -30.25
N THR B 95 -24.73 -28.65 -30.64
CA THR B 95 -25.12 -29.69 -31.58
C THR B 95 -24.84 -29.29 -33.02
N ASP B 96 -24.64 -30.29 -33.87
CA ASP B 96 -24.39 -30.11 -35.29
C ASP B 96 -25.53 -29.29 -35.90
N GLY B 97 -25.16 -28.30 -36.71
CA GLY B 97 -26.13 -27.42 -37.37
C GLY B 97 -26.94 -26.52 -36.45
N ALA B 98 -26.56 -26.50 -35.17
CA ALA B 98 -27.25 -25.71 -34.14
C ALA B 98 -27.61 -24.27 -34.54
N PHE B 99 -26.74 -23.64 -35.33
CA PHE B 99 -26.90 -22.22 -35.69
C PHE B 99 -27.52 -21.97 -37.06
N LEU B 100 -27.85 -23.03 -37.81
CA LEU B 100 -28.25 -22.90 -39.23
C LEU B 100 -29.60 -22.24 -39.47
N ASN B 101 -30.51 -22.39 -38.51
CA ASN B 101 -31.84 -21.78 -38.55
C ASN B 101 -31.80 -20.25 -38.64
N LEU B 102 -30.65 -19.68 -38.30
CA LEU B 102 -30.46 -18.22 -38.26
C LEU B 102 -29.68 -17.72 -39.49
N LYS B 103 -30.42 -17.25 -40.48
CA LYS B 103 -29.87 -16.98 -41.81
C LYS B 103 -29.12 -15.64 -41.89
N ASN B 104 -29.28 -14.78 -40.89
CA ASN B 104 -28.68 -13.46 -40.96
C ASN B 104 -27.35 -13.28 -40.22
N LEU B 105 -26.87 -14.36 -39.61
CA LEU B 105 -25.71 -14.31 -38.72
C LEU B 105 -24.39 -13.97 -39.42
N ARG B 106 -23.81 -12.82 -39.11
CA ARG B 106 -22.49 -12.46 -39.66
C ARG B 106 -21.39 -12.76 -38.64
N GLU B 107 -21.65 -12.45 -37.37
CA GLU B 107 -20.63 -12.47 -36.33
C GLU B 107 -21.00 -13.42 -35.19
N LEU B 108 -20.13 -14.42 -34.97
CA LEU B 108 -20.33 -15.40 -33.90
C LEU B 108 -19.11 -15.50 -32.99
N LEU B 109 -19.36 -15.36 -31.68
CA LEU B 109 -18.29 -15.36 -30.69
C LEU B 109 -18.40 -16.49 -29.65
N LEU B 110 -17.46 -17.43 -29.75
CA LEU B 110 -17.45 -18.57 -28.85
C LEU B 110 -16.09 -18.67 -28.16
N GLU B 111 -15.79 -17.69 -27.31
CA GLU B 111 -14.51 -17.66 -26.59
C GLU B 111 -14.63 -18.23 -25.18
N ASP B 112 -13.65 -19.03 -24.78
CA ASP B 112 -13.56 -19.58 -23.42
C ASP B 112 -14.81 -20.43 -23.07
N ASN B 113 -15.22 -21.27 -24.02
CA ASN B 113 -16.36 -22.12 -23.83
C ASN B 113 -15.97 -23.56 -23.61
N GLN B 114 -14.66 -23.84 -23.63
CA GLN B 114 -14.14 -25.18 -23.40
C GLN B 114 -14.58 -26.14 -24.53
N LEU B 115 -14.50 -25.66 -25.77
CA LEU B 115 -14.92 -26.45 -26.92
C LEU B 115 -13.85 -27.48 -27.31
N PRO B 116 -14.26 -28.75 -27.45
CA PRO B 116 -13.29 -29.78 -27.86
C PRO B 116 -13.05 -29.78 -29.37
N GLN B 117 -13.96 -29.19 -30.13
CA GLN B 117 -13.86 -29.14 -31.60
C GLN B 117 -14.56 -27.89 -32.13
N ILE B 118 -14.21 -27.50 -33.35
CA ILE B 118 -14.99 -26.50 -34.08
C ILE B 118 -16.41 -27.08 -34.25
N PRO B 119 -17.45 -26.37 -33.75
CA PRO B 119 -18.83 -26.83 -33.88
C PRO B 119 -19.16 -27.04 -35.35
N SER B 120 -19.30 -28.29 -35.77
CA SER B 120 -19.50 -28.58 -37.18
C SER B 120 -20.89 -28.11 -37.62
N GLY B 121 -21.05 -27.95 -38.94
CA GLY B 121 -22.25 -27.36 -39.51
C GLY B 121 -22.54 -25.98 -38.98
N LEU B 122 -21.63 -25.04 -39.23
CA LEU B 122 -21.86 -23.62 -38.91
C LEU B 122 -22.33 -22.86 -40.15
N PRO B 123 -23.19 -21.84 -39.96
CA PRO B 123 -23.84 -21.12 -41.08
C PRO B 123 -22.85 -20.45 -42.04
N GLU B 124 -23.08 -20.59 -43.36
CA GLU B 124 -22.17 -20.02 -44.35
C GLU B 124 -22.31 -18.48 -44.40
N SER B 125 -23.33 -17.98 -43.72
CA SER B 125 -23.52 -16.55 -43.59
C SER B 125 -22.42 -15.85 -42.74
N LEU B 126 -21.55 -16.65 -42.12
CA LEU B 126 -20.58 -16.13 -41.15
C LEU B 126 -19.47 -15.27 -41.76
N THR B 127 -19.41 -14.03 -41.30
CA THR B 127 -18.38 -13.06 -41.69
C THR B 127 -17.22 -13.00 -40.67
N GLU B 128 -17.57 -13.22 -39.41
CA GLU B 128 -16.65 -13.16 -38.27
C GLU B 128 -16.88 -14.35 -37.36
N LEU B 129 -15.81 -15.07 -37.09
CA LEU B 129 -15.85 -16.17 -36.14
C LEU B 129 -14.67 -16.12 -35.17
N SER B 130 -14.98 -16.24 -33.89
CA SER B 130 -13.95 -16.34 -32.88
C SER B 130 -14.14 -17.53 -31.98
N LEU B 131 -13.09 -18.34 -31.89
CA LEU B 131 -13.08 -19.51 -31.01
C LEU B 131 -11.82 -19.52 -30.15
N ILE B 132 -11.40 -18.35 -29.68
CA ILE B 132 -10.19 -18.28 -28.83
C ILE B 132 -10.46 -18.85 -27.43
N GLN B 133 -9.42 -19.37 -26.79
CA GLN B 133 -9.52 -19.94 -25.44
C GLN B 133 -10.40 -21.19 -25.28
N ASN B 134 -10.25 -22.10 -26.22
CA ASN B 134 -10.97 -23.37 -26.21
C ASN B 134 -9.96 -24.51 -26.27
N ASN B 135 -10.43 -25.72 -26.54
CA ASN B 135 -9.53 -26.88 -26.58
C ASN B 135 -9.45 -27.52 -27.96
N ILE B 136 -9.49 -26.66 -28.97
CA ILE B 136 -9.48 -27.05 -30.39
C ILE B 136 -8.07 -27.31 -30.89
N TYR B 137 -7.71 -28.60 -30.95
CA TYR B 137 -6.38 -29.00 -31.37
C TYR B 137 -6.35 -29.32 -32.85
N ASN B 138 -7.52 -29.60 -33.43
CA ASN B 138 -7.58 -29.93 -34.84
C ASN B 138 -8.40 -28.91 -35.63
N ILE B 139 -7.75 -28.23 -36.57
CA ILE B 139 -8.40 -27.27 -37.48
C ILE B 139 -8.81 -27.98 -38.77
N THR B 140 -10.10 -28.27 -38.91
CA THR B 140 -10.62 -29.18 -39.96
C THR B 140 -11.26 -28.45 -41.14
N LYS B 141 -11.11 -29.01 -42.33
CA LYS B 141 -11.87 -28.55 -43.50
C LYS B 141 -13.38 -28.64 -43.29
N GLU B 142 -13.81 -29.61 -42.49
CA GLU B 142 -15.21 -29.83 -42.15
C GLU B 142 -15.80 -28.71 -41.28
N GLY B 143 -15.02 -28.29 -40.28
CA GLY B 143 -15.44 -27.23 -39.37
C GLY B 143 -15.55 -25.89 -40.07
N ILE B 144 -14.55 -25.57 -40.90
CA ILE B 144 -14.43 -24.21 -41.41
C ILE B 144 -14.38 -23.99 -42.95
N SER B 145 -14.01 -25.01 -43.73
CA SER B 145 -13.71 -24.82 -45.18
C SER B 145 -14.89 -24.32 -46.02
N ARG B 146 -16.10 -24.66 -45.60
CA ARG B 146 -17.32 -24.21 -46.29
C ARG B 146 -17.84 -22.86 -45.78
N LEU B 147 -17.15 -22.26 -44.80
CA LEU B 147 -17.55 -20.97 -44.26
C LEU B 147 -16.96 -19.85 -45.12
N ILE B 148 -17.21 -19.93 -46.42
CA ILE B 148 -16.44 -19.23 -47.44
C ILE B 148 -16.62 -17.72 -47.48
N ASN B 149 -17.56 -17.21 -46.68
CA ASN B 149 -17.75 -15.76 -46.56
C ASN B 149 -17.00 -15.08 -45.40
N LEU B 150 -16.16 -15.82 -44.70
CA LEU B 150 -15.48 -15.20 -43.56
C LEU B 150 -14.31 -14.26 -43.93
N LYS B 151 -14.28 -13.13 -43.25
CA LYS B 151 -13.21 -12.15 -43.41
C LYS B 151 -12.26 -12.22 -42.22
N ASN B 152 -12.82 -12.28 -41.01
CA ASN B 152 -12.05 -12.31 -39.76
C ASN B 152 -12.22 -13.65 -39.05
N LEU B 153 -11.12 -14.34 -38.77
CA LEU B 153 -11.17 -15.59 -38.01
C LEU B 153 -10.14 -15.63 -36.86
N TYR B 154 -10.62 -15.85 -35.65
CA TYR B 154 -9.78 -15.88 -34.43
C TYR B 154 -9.75 -17.28 -33.84
N LEU B 155 -8.57 -17.90 -33.81
CA LEU B 155 -8.38 -19.23 -33.22
C LEU B 155 -7.29 -19.26 -32.17
N ALA B 156 -6.89 -18.10 -31.66
CA ALA B 156 -5.79 -18.02 -30.69
C ALA B 156 -6.12 -18.75 -29.39
N TRP B 157 -5.07 -19.16 -28.66
CA TRP B 157 -5.21 -19.70 -27.31
C TRP B 157 -5.94 -21.03 -27.32
N ASN B 158 -5.55 -21.93 -28.21
CA ASN B 158 -6.23 -23.23 -28.23
C ASN B 158 -5.38 -24.40 -27.80
N CYS B 159 -4.21 -24.56 -28.41
CA CYS B 159 -3.32 -25.64 -28.05
C CYS B 159 -2.12 -24.99 -27.36
N TYR B 160 -2.37 -24.44 -26.17
CA TYR B 160 -1.42 -23.55 -25.52
C TYR B 160 -1.00 -24.03 -24.13
N PHE B 161 0.27 -24.43 -24.01
CA PHE B 161 0.79 -25.03 -22.77
C PHE B 161 -0.17 -26.08 -22.20
N ASN B 162 -0.67 -26.90 -23.13
CA ASN B 162 -1.68 -27.89 -22.87
C ASN B 162 -1.01 -29.24 -22.79
N LYS B 163 -1.33 -30.01 -21.75
CA LYS B 163 -0.68 -31.31 -21.55
C LYS B 163 -1.14 -32.33 -22.61
N VAL B 164 -2.42 -32.26 -22.97
CA VAL B 164 -3.01 -33.20 -23.93
C VAL B 164 -2.73 -32.87 -25.41
N CYS B 165 -2.48 -31.60 -25.73
CA CYS B 165 -2.09 -31.21 -27.09
C CYS B 165 -0.63 -30.77 -27.14
N GLU B 166 0.14 -31.44 -27.99
CA GLU B 166 1.57 -31.12 -28.13
C GLU B 166 1.81 -30.23 -29.35
N LYS B 167 0.99 -30.38 -30.39
CA LYS B 167 1.07 -29.55 -31.60
C LYS B 167 -0.34 -29.32 -32.14
N THR B 168 -0.65 -28.10 -32.57
CA THR B 168 -1.90 -27.87 -33.29
C THR B 168 -1.80 -28.53 -34.66
N ASN B 169 -2.85 -29.27 -35.05
CA ASN B 169 -2.90 -29.85 -36.39
C ASN B 169 -3.81 -29.03 -37.28
N ILE B 170 -3.19 -28.42 -38.30
CA ILE B 170 -3.88 -27.60 -39.27
C ILE B 170 -3.88 -28.39 -40.57
N GLU B 171 -5.04 -28.97 -40.88
CA GLU B 171 -5.14 -29.87 -42.02
C GLU B 171 -4.98 -29.13 -43.34
N ASP B 172 -4.13 -29.71 -44.19
CA ASP B 172 -3.62 -29.10 -45.42
C ASP B 172 -4.70 -28.37 -46.24
N GLY B 173 -4.37 -27.18 -46.71
CA GLY B 173 -5.30 -26.33 -47.44
C GLY B 173 -6.55 -25.83 -46.72
N VAL B 174 -6.66 -26.09 -45.40
CA VAL B 174 -7.89 -25.73 -44.65
C VAL B 174 -8.31 -24.27 -44.87
N PHE B 175 -7.34 -23.38 -45.09
CA PHE B 175 -7.63 -21.95 -45.27
C PHE B 175 -7.74 -21.51 -46.74
N GLU B 176 -7.25 -22.35 -47.65
CA GLU B 176 -7.14 -22.03 -49.07
C GLU B 176 -8.46 -21.56 -49.69
N THR B 177 -9.58 -22.13 -49.23
CA THR B 177 -10.89 -21.88 -49.82
C THR B 177 -11.52 -20.60 -49.30
N LEU B 178 -10.95 -20.05 -48.23
CA LEU B 178 -11.60 -18.98 -47.46
C LEU B 178 -11.70 -17.63 -48.16
N THR B 179 -10.83 -17.45 -49.15
CA THR B 179 -11.03 -16.54 -50.30
C THR B 179 -11.39 -15.04 -50.03
N ASN B 180 -12.29 -14.75 -49.08
CA ASN B 180 -12.52 -13.38 -48.61
C ASN B 180 -11.89 -13.06 -47.24
N LEU B 181 -10.97 -13.93 -46.81
CA LEU B 181 -10.39 -13.82 -45.47
C LEU B 181 -9.39 -12.68 -45.38
N GLU B 182 -9.63 -11.80 -44.42
CA GLU B 182 -8.81 -10.60 -44.26
C GLU B 182 -7.93 -10.71 -43.04
N LEU B 183 -8.50 -11.26 -41.97
CA LEU B 183 -7.83 -11.38 -40.70
C LEU B 183 -7.78 -12.83 -40.25
N LEU B 184 -6.56 -13.30 -40.02
CA LEU B 184 -6.35 -14.62 -39.43
C LEU B 184 -5.47 -14.53 -38.18
N SER B 185 -5.99 -15.03 -37.06
CA SER B 185 -5.20 -15.12 -35.83
C SER B 185 -5.06 -16.54 -35.29
N LEU B 186 -3.80 -16.97 -35.21
CA LEU B 186 -3.45 -18.30 -34.75
C LEU B 186 -2.49 -18.20 -33.55
N SER B 187 -2.34 -16.99 -33.01
CA SER B 187 -1.41 -16.69 -31.88
C SER B 187 -1.69 -17.58 -30.69
N PHE B 188 -0.65 -17.85 -29.90
CA PHE B 188 -0.81 -18.58 -28.65
C PHE B 188 -1.38 -20.01 -28.90
N ASN B 189 -0.69 -20.72 -29.79
CA ASN B 189 -0.97 -22.07 -30.22
C ASN B 189 0.37 -22.68 -30.52
N SER B 190 0.61 -23.93 -30.14
CA SER B 190 1.81 -24.63 -30.59
C SER B 190 1.68 -24.97 -32.09
N LEU B 191 2.32 -24.19 -32.96
CA LEU B 191 2.27 -24.45 -34.41
C LEU B 191 3.59 -24.99 -34.96
N SER B 192 4.69 -24.44 -34.45
CA SER B 192 6.07 -24.75 -34.89
C SER B 192 6.44 -24.43 -36.35
N HIS B 193 5.47 -24.48 -37.27
CA HIS B 193 5.64 -23.96 -38.66
C HIS B 193 4.46 -23.13 -39.08
N VAL B 194 4.70 -22.16 -39.97
CA VAL B 194 3.64 -21.39 -40.63
C VAL B 194 2.83 -22.35 -41.53
N PRO B 195 1.48 -22.36 -41.41
CA PRO B 195 0.69 -23.27 -42.24
C PRO B 195 0.83 -22.95 -43.72
N PRO B 196 0.99 -23.99 -44.58
CA PRO B 196 1.05 -23.67 -46.02
C PRO B 196 -0.34 -23.36 -46.55
N LYS B 197 -0.41 -22.93 -47.81
CA LYS B 197 -1.68 -22.74 -48.51
C LYS B 197 -2.58 -21.68 -47.88
N LEU B 198 -2.02 -20.48 -47.70
CA LEU B 198 -2.84 -19.41 -47.15
C LEU B 198 -3.50 -18.56 -48.25
N PRO B 199 -4.74 -18.11 -48.02
CA PRO B 199 -5.46 -17.34 -49.01
C PRO B 199 -4.85 -15.97 -49.23
N SER B 200 -4.64 -15.61 -50.51
CA SER B 200 -3.88 -14.41 -50.88
C SER B 200 -4.65 -13.09 -50.67
N SER B 201 -5.85 -13.19 -50.09
CA SER B 201 -6.63 -12.02 -49.72
C SER B 201 -6.38 -11.55 -48.28
N LEU B 202 -5.39 -12.13 -47.61
CA LEU B 202 -5.13 -11.78 -46.22
C LEU B 202 -4.47 -10.41 -46.08
N ARG B 203 -4.99 -9.63 -45.14
CA ARG B 203 -4.46 -8.33 -44.80
C ARG B 203 -3.63 -8.41 -43.52
N LYS B 204 -4.12 -9.18 -42.55
CA LYS B 204 -3.53 -9.23 -41.22
C LYS B 204 -3.30 -10.67 -40.81
N LEU B 205 -2.05 -11.00 -40.49
CA LEU B 205 -1.69 -12.35 -40.07
C LEU B 205 -0.97 -12.37 -38.71
N PHE B 206 -1.68 -12.86 -37.69
CA PHE B 206 -1.19 -12.92 -36.30
C PHE B 206 -0.59 -14.28 -35.93
N LEU B 207 0.72 -14.30 -35.67
CA LEU B 207 1.39 -15.54 -35.29
C LEU B 207 2.28 -15.35 -34.06
N SER B 208 1.81 -14.55 -33.09
CA SER B 208 2.52 -14.37 -31.84
C SER B 208 2.50 -15.66 -31.01
N ASN B 209 3.64 -15.99 -30.42
CA ASN B 209 3.69 -17.04 -29.42
C ASN B 209 3.21 -18.40 -29.98
N THR B 210 3.76 -18.77 -31.13
CA THR B 210 3.35 -19.96 -31.84
C THR B 210 4.50 -20.96 -31.93
N GLN B 211 5.62 -20.64 -31.30
CA GLN B 211 6.82 -21.49 -31.30
C GLN B 211 7.31 -21.80 -32.72
N ILE B 212 7.23 -20.79 -33.57
CA ILE B 212 7.77 -20.86 -34.90
C ILE B 212 9.17 -20.25 -34.81
N LYS B 213 10.18 -21.10 -34.81
CA LYS B 213 11.57 -20.66 -34.71
C LYS B 213 12.17 -20.28 -36.07
N TYR B 214 11.48 -20.57 -37.15
CA TYR B 214 12.09 -20.42 -38.46
C TYR B 214 11.09 -19.96 -39.51
N ILE B 215 11.49 -18.96 -40.26
CA ILE B 215 10.65 -18.44 -41.33
C ILE B 215 11.44 -18.61 -42.63
N SER B 216 10.79 -19.20 -43.63
CA SER B 216 11.44 -19.50 -44.91
C SER B 216 10.94 -18.56 -45.99
N GLU B 217 11.67 -18.51 -47.10
CA GLU B 217 11.28 -17.79 -48.31
C GLU B 217 9.83 -18.07 -48.75
N GLU B 218 9.32 -19.25 -48.39
CA GLU B 218 8.08 -19.78 -48.91
C GLU B 218 6.87 -19.63 -47.99
N ASP B 219 7.11 -19.35 -46.72
CA ASP B 219 6.01 -19.28 -45.76
C ASP B 219 5.03 -18.15 -46.10
N PHE B 220 5.56 -17.04 -46.64
CA PHE B 220 4.75 -15.84 -46.92
C PHE B 220 4.62 -15.44 -48.40
N LYS B 221 5.45 -16.00 -49.28
CA LYS B 221 5.40 -15.63 -50.71
C LYS B 221 3.97 -15.64 -51.27
N GLY B 222 3.65 -14.66 -52.10
CA GLY B 222 2.32 -14.60 -52.70
C GLY B 222 1.17 -14.19 -51.79
N LEU B 223 1.50 -13.66 -50.61
CA LEU B 223 0.52 -12.96 -49.76
C LEU B 223 0.67 -11.45 -49.95
N ILE B 224 0.43 -11.03 -51.18
CA ILE B 224 0.73 -9.68 -51.63
C ILE B 224 -0.23 -8.61 -51.08
N ASN B 225 -1.31 -9.01 -50.42
CA ASN B 225 -2.22 -8.02 -49.80
C ASN B 225 -1.98 -7.83 -48.29
N LEU B 226 -0.86 -8.35 -47.80
CA LEU B 226 -0.55 -8.26 -46.37
C LEU B 226 -0.10 -6.85 -45.92
N THR B 227 -0.86 -6.30 -44.99
CA THR B 227 -0.52 -5.03 -44.34
C THR B 227 0.03 -5.24 -42.90
N LEU B 228 -0.31 -6.37 -42.27
CA LEU B 228 0.13 -6.69 -40.91
C LEU B 228 0.58 -8.12 -40.72
N LEU B 229 1.79 -8.26 -40.21
CA LEU B 229 2.32 -9.56 -39.79
C LEU B 229 2.87 -9.51 -38.35
N ASP B 230 2.43 -10.44 -37.50
CA ASP B 230 2.86 -10.47 -36.11
C ASP B 230 3.58 -11.78 -35.78
N LEU B 231 4.88 -11.68 -35.55
CA LEU B 231 5.73 -12.84 -35.30
C LEU B 231 6.35 -12.80 -33.88
N SER B 232 5.79 -11.95 -33.02
CA SER B 232 6.33 -11.68 -31.69
C SER B 232 6.30 -12.91 -30.84
N GLY B 233 7.21 -12.97 -29.86
CA GLY B 233 7.13 -13.99 -28.80
C GLY B 233 7.52 -15.36 -29.31
N ASN B 234 8.23 -15.40 -30.43
CA ASN B 234 8.79 -16.65 -30.94
C ASN B 234 10.29 -16.63 -30.74
N CYS B 235 10.80 -17.55 -29.90
CA CYS B 235 12.12 -17.40 -29.26
C CYS B 235 12.15 -16.18 -28.31
N PRO B 236 11.33 -16.23 -27.26
CA PRO B 236 11.17 -15.02 -26.44
C PRO B 236 12.40 -14.60 -25.62
N ARG B 237 12.49 -13.30 -25.35
CA ARG B 237 13.26 -12.78 -24.24
C ARG B 237 12.24 -12.65 -23.08
N CYS B 238 12.39 -13.51 -22.06
CA CYS B 238 11.34 -13.59 -21.02
C CYS B 238 11.47 -12.51 -19.96
N PHE B 239 10.77 -11.41 -20.15
CA PHE B 239 10.85 -10.28 -19.22
C PHE B 239 9.42 -9.97 -18.77
N ASN B 240 9.06 -10.41 -17.56
CA ASN B 240 7.75 -10.12 -16.97
C ASN B 240 6.50 -10.50 -17.80
N ALA B 241 6.57 -11.59 -18.54
CA ALA B 241 5.43 -11.99 -19.37
C ALA B 241 4.22 -12.34 -18.50
N PRO B 242 3.02 -11.89 -18.89
CA PRO B 242 1.79 -12.32 -18.19
C PRO B 242 1.23 -13.70 -18.64
N PHE B 243 2.01 -14.45 -19.40
CA PHE B 243 1.65 -15.81 -19.83
C PHE B 243 2.92 -16.69 -19.77
N PRO B 244 2.78 -18.02 -19.87
CA PRO B 244 4.04 -18.80 -19.88
C PRO B 244 4.97 -18.36 -21.00
N CYS B 245 6.27 -18.44 -20.71
CA CYS B 245 7.36 -17.97 -21.56
C CYS B 245 8.53 -18.96 -21.49
N VAL B 246 8.96 -19.44 -22.64
CA VAL B 246 10.02 -20.43 -22.76
C VAL B 246 11.02 -19.96 -23.84
N PRO B 247 12.21 -19.47 -23.43
CA PRO B 247 13.19 -19.09 -24.44
C PRO B 247 13.55 -20.27 -25.34
N CYS B 248 13.94 -20.00 -26.59
CA CYS B 248 14.57 -21.00 -27.44
C CYS B 248 15.83 -21.49 -26.71
N ASP B 249 16.21 -22.75 -26.91
CA ASP B 249 17.44 -23.18 -26.24
C ASP B 249 18.66 -22.59 -26.94
N GLY B 250 19.71 -22.40 -26.16
CA GLY B 250 20.83 -21.55 -26.53
C GLY B 250 20.50 -20.11 -26.15
N GLY B 251 21.34 -19.19 -26.60
CA GLY B 251 20.94 -17.80 -26.72
C GLY B 251 20.49 -17.65 -28.17
N ALA B 252 19.31 -18.17 -28.47
CA ALA B 252 18.89 -18.30 -29.85
C ALA B 252 17.72 -17.41 -30.29
N SER B 253 18.01 -16.67 -31.35
CA SER B 253 17.12 -15.74 -31.98
C SER B 253 16.17 -16.50 -32.91
N ILE B 254 15.05 -15.89 -33.26
CA ILE B 254 14.25 -16.43 -34.33
C ILE B 254 15.14 -16.42 -35.60
N ASN B 255 14.80 -17.29 -36.56
CA ASN B 255 15.62 -17.48 -37.73
C ASN B 255 14.79 -17.12 -38.95
N ILE B 256 15.00 -15.91 -39.45
CA ILE B 256 14.21 -15.43 -40.56
C ILE B 256 15.07 -15.39 -41.82
N ASP B 257 14.63 -16.12 -42.85
CA ASP B 257 15.34 -16.18 -44.13
C ASP B 257 15.52 -14.78 -44.71
N ARG B 258 16.71 -14.51 -45.23
CA ARG B 258 17.04 -13.23 -45.90
C ARG B 258 15.93 -12.76 -46.86
N PHE B 259 15.31 -13.68 -47.60
CA PHE B 259 14.25 -13.32 -48.54
C PHE B 259 12.83 -13.64 -48.04
N ALA B 260 12.66 -13.81 -46.74
CA ALA B 260 11.35 -14.19 -46.19
C ALA B 260 10.22 -13.23 -46.51
N PHE B 261 10.53 -11.93 -46.65
CA PHE B 261 9.48 -10.92 -46.82
C PHE B 261 9.55 -10.23 -48.18
N GLN B 262 10.13 -10.92 -49.16
CA GLN B 262 10.41 -10.36 -50.49
C GLN B 262 9.13 -9.87 -51.22
N ASN B 263 8.06 -10.66 -51.12
CA ASN B 263 6.81 -10.38 -51.83
C ASN B 263 5.77 -9.77 -50.90
N LEU B 264 6.23 -9.12 -49.83
CA LEU B 264 5.35 -8.49 -48.83
C LEU B 264 5.26 -6.97 -48.98
N THR B 265 5.17 -6.53 -50.23
CA THR B 265 5.25 -5.10 -50.60
C THR B 265 4.23 -4.19 -49.90
N GLN B 266 3.12 -4.75 -49.43
CA GLN B 266 2.08 -3.92 -48.78
C GLN B 266 2.21 -3.74 -47.23
N LEU B 267 3.24 -4.34 -46.63
CA LEU B 267 3.31 -4.44 -45.16
C LEU B 267 3.42 -3.06 -44.50
N ARG B 268 2.46 -2.75 -43.64
CA ARG B 268 2.49 -1.54 -42.84
C ARG B 268 2.97 -1.80 -41.40
N TYR B 269 2.58 -2.96 -40.84
CA TYR B 269 2.78 -3.29 -39.41
C TYR B 269 3.58 -4.55 -39.31
N LEU B 270 4.72 -4.48 -38.63
CA LEU B 270 5.52 -5.66 -38.39
C LEU B 270 5.87 -5.79 -36.92
N ASN B 271 5.47 -6.90 -36.30
CA ASN B 271 5.74 -7.12 -34.92
C ASN B 271 6.73 -8.23 -34.71
N LEU B 272 7.94 -7.85 -34.28
CA LEU B 272 9.01 -8.80 -34.02
C LEU B 272 9.47 -8.72 -32.55
N SER B 273 8.58 -8.33 -31.65
CA SER B 273 8.93 -8.19 -30.25
C SER B 273 9.25 -9.55 -29.70
N SER B 274 10.23 -9.60 -28.80
CA SER B 274 10.50 -10.80 -28.07
C SER B 274 10.80 -11.97 -29.01
N THR B 275 11.75 -11.78 -29.91
CA THR B 275 12.18 -12.87 -30.78
C THR B 275 13.68 -13.10 -30.63
N SER B 276 14.25 -12.53 -29.57
CA SER B 276 15.69 -12.63 -29.24
C SER B 276 16.62 -12.23 -30.39
N LEU B 277 16.18 -11.32 -31.24
CA LEU B 277 17.02 -10.83 -32.33
C LEU B 277 18.23 -10.15 -31.75
N ARG B 278 19.41 -10.51 -32.28
CA ARG B 278 20.68 -9.84 -32.07
C ARG B 278 21.09 -9.03 -33.31
N LYS B 279 20.49 -9.35 -34.45
CA LYS B 279 20.86 -8.79 -35.76
C LYS B 279 19.61 -8.57 -36.57
N ILE B 280 19.50 -7.42 -37.20
CA ILE B 280 18.41 -7.16 -38.13
C ILE B 280 19.01 -7.19 -39.53
N ASN B 281 18.53 -8.15 -40.33
CA ASN B 281 18.85 -8.21 -41.76
C ASN B 281 18.14 -7.08 -42.48
N ALA B 282 18.92 -6.12 -42.97
CA ALA B 282 18.36 -5.00 -43.76
C ALA B 282 17.60 -5.50 -44.99
N ALA B 283 18.05 -6.61 -45.60
CA ALA B 283 17.34 -7.22 -46.75
C ALA B 283 15.85 -7.53 -46.49
N TRP B 284 15.50 -7.87 -45.24
CA TRP B 284 14.11 -8.09 -44.85
C TRP B 284 13.21 -6.97 -45.23
N PHE B 285 13.76 -5.76 -45.34
CA PHE B 285 12.98 -4.54 -45.62
C PHE B 285 13.11 -4.01 -47.06
N LYS B 286 13.99 -4.64 -47.84
CA LYS B 286 14.29 -4.25 -49.23
C LYS B 286 13.03 -3.92 -50.04
N ASN B 287 11.97 -4.71 -49.86
CA ASN B 287 10.75 -4.55 -50.65
C ASN B 287 9.54 -4.15 -49.83
N MET B 288 9.77 -3.42 -48.73
CA MET B 288 8.68 -2.94 -47.87
C MET B 288 8.61 -1.42 -47.84
N PRO B 289 8.35 -0.78 -48.99
CA PRO B 289 8.43 0.68 -49.00
C PRO B 289 7.41 1.38 -48.10
N HIS B 290 6.37 0.65 -47.67
CA HIS B 290 5.28 1.26 -46.89
C HIS B 290 5.35 1.06 -45.37
N LEU B 291 6.37 0.37 -44.86
CA LEU B 291 6.38 0.03 -43.42
C LEU B 291 6.17 1.25 -42.54
N LYS B 292 5.16 1.14 -41.67
CA LYS B 292 4.71 2.25 -40.88
C LYS B 292 5.07 2.06 -39.39
N VAL B 293 4.91 0.83 -38.90
CA VAL B 293 5.05 0.54 -37.50
C VAL B 293 5.90 -0.73 -37.36
N LEU B 294 7.05 -0.57 -36.70
CA LEU B 294 8.03 -1.61 -36.46
C LEU B 294 8.27 -1.81 -34.95
N ASP B 295 7.86 -2.98 -34.44
CA ASP B 295 8.05 -3.35 -33.03
C ASP B 295 9.27 -4.23 -32.89
N LEU B 296 10.28 -3.73 -32.20
CA LEU B 296 11.48 -4.51 -31.86
C LEU B 296 11.79 -4.62 -30.36
N GLU B 297 10.77 -4.45 -29.50
CA GLU B 297 10.88 -4.56 -28.02
C GLU B 297 11.40 -5.92 -27.60
N PHE B 298 12.10 -5.97 -26.45
CA PHE B 298 12.50 -7.23 -25.82
C PHE B 298 13.33 -8.09 -26.78
N ASN B 299 14.35 -7.51 -27.39
CA ASN B 299 15.34 -8.29 -28.16
C ASN B 299 16.71 -7.93 -27.60
N TYR B 300 17.77 -8.21 -28.36
CA TYR B 300 19.13 -7.97 -27.88
C TYR B 300 19.85 -7.07 -28.88
N LEU B 301 19.25 -5.91 -29.08
CA LEU B 301 19.56 -5.08 -30.23
C LEU B 301 20.47 -3.87 -29.94
N VAL B 302 21.03 -3.76 -28.74
CA VAL B 302 21.96 -2.65 -28.46
C VAL B 302 23.02 -2.43 -29.58
N GLY B 303 23.69 -3.51 -29.98
CA GLY B 303 24.64 -3.47 -31.09
C GLY B 303 24.04 -2.92 -32.38
N GLU B 304 22.86 -3.43 -32.76
CA GLU B 304 22.11 -2.94 -33.93
C GLU B 304 21.67 -1.50 -33.79
N ILE B 305 21.33 -1.07 -32.58
CA ILE B 305 20.93 0.33 -32.38
C ILE B 305 22.11 1.27 -32.72
N ALA B 306 23.32 0.85 -32.38
CA ALA B 306 24.55 1.64 -32.62
C ALA B 306 25.01 1.63 -34.09
N SER B 307 24.66 0.59 -34.85
CA SER B 307 24.96 0.52 -36.29
C SER B 307 23.71 0.59 -37.19
N GLY B 308 22.86 -0.42 -37.12
CA GLY B 308 21.58 -0.41 -37.84
C GLY B 308 21.60 -0.02 -39.31
N ALA B 309 22.15 -0.89 -40.15
CA ALA B 309 22.03 -0.74 -41.61
C ALA B 309 20.55 -0.75 -42.03
N PHE B 310 19.76 -1.59 -41.35
CA PHE B 310 18.33 -1.75 -41.61
C PHE B 310 17.52 -0.44 -41.52
N LEU B 311 18.04 0.52 -40.77
CA LEU B 311 17.38 1.82 -40.59
C LEU B 311 17.31 2.68 -41.83
N THR B 312 18.23 2.43 -42.79
CA THR B 312 18.26 3.13 -44.10
C THR B 312 17.11 2.70 -45.03
N MET B 313 16.54 1.52 -44.74
CA MET B 313 15.45 0.94 -45.53
C MET B 313 14.05 1.34 -45.08
N LEU B 314 13.94 2.41 -44.30
CA LEU B 314 12.67 2.68 -43.62
C LEU B 314 12.23 4.15 -43.65
N PRO B 315 12.20 4.75 -44.85
CA PRO B 315 11.94 6.19 -44.89
C PRO B 315 10.49 6.58 -44.61
N ARG B 316 9.58 5.60 -44.53
CA ARG B 316 8.17 5.89 -44.21
C ARG B 316 7.70 5.46 -42.79
N LEU B 317 8.60 4.87 -42.00
CA LEU B 317 8.24 4.35 -40.68
C LEU B 317 7.80 5.49 -39.77
N GLU B 318 6.68 5.33 -39.10
CA GLU B 318 6.17 6.37 -38.21
C GLU B 318 6.48 6.06 -36.73
N ILE B 319 6.45 4.77 -36.38
CA ILE B 319 6.57 4.33 -35.03
C ILE B 319 7.59 3.20 -34.93
N LEU B 320 8.65 3.48 -34.17
CA LEU B 320 9.69 2.50 -33.90
C LEU B 320 9.79 2.30 -32.41
N ASP B 321 9.59 1.05 -31.98
CA ASP B 321 9.75 0.67 -30.59
C ASP B 321 10.99 -0.19 -30.40
N LEU B 322 11.99 0.32 -29.67
CA LEU B 322 13.19 -0.43 -29.38
C LEU B 322 13.37 -0.64 -27.86
N SER B 323 12.25 -0.74 -27.15
CA SER B 323 12.31 -0.85 -25.69
C SER B 323 12.82 -2.21 -25.20
N PHE B 324 13.50 -2.21 -24.05
CA PHE B 324 13.91 -3.43 -23.35
C PHE B 324 14.86 -4.30 -24.19
N ASN B 325 15.90 -3.65 -24.69
CA ASN B 325 16.95 -4.32 -25.43
C ASN B 325 18.26 -4.25 -24.66
N TYR B 326 18.17 -3.91 -23.38
CA TYR B 326 19.36 -3.80 -22.55
C TYR B 326 20.23 -5.08 -22.51
N ILE B 327 21.51 -4.86 -22.37
CA ILE B 327 22.44 -5.94 -22.07
C ILE B 327 22.46 -6.18 -20.57
N LYS B 328 22.17 -7.42 -20.14
CA LYS B 328 22.26 -7.84 -18.75
C LYS B 328 23.56 -7.39 -18.14
N GLY B 329 23.47 -6.68 -17.01
CA GLY B 329 24.68 -6.40 -16.24
C GLY B 329 25.47 -5.22 -16.71
N SER B 330 24.97 -4.49 -17.69
CA SER B 330 25.76 -3.37 -18.11
C SER B 330 25.00 -2.04 -18.08
N TYR B 331 25.71 -1.01 -17.63
CA TYR B 331 25.13 0.30 -17.35
C TYR B 331 26.01 1.28 -18.04
N PRO B 332 25.87 1.40 -19.37
CA PRO B 332 26.85 2.19 -20.11
C PRO B 332 26.63 3.65 -19.82
N GLN B 333 27.72 4.40 -19.96
CA GLN B 333 27.73 5.81 -19.77
C GLN B 333 26.71 6.52 -20.65
N HIS B 334 26.63 6.12 -21.92
CA HIS B 334 25.86 6.87 -22.91
C HIS B 334 25.03 5.94 -23.74
N ILE B 335 23.96 6.46 -24.29
CA ILE B 335 23.22 5.68 -25.26
C ILE B 335 24.00 5.90 -26.59
N ASN B 336 24.23 4.82 -27.34
CA ASN B 336 24.91 4.83 -28.63
C ASN B 336 23.86 4.66 -29.76
N ILE B 337 23.39 5.79 -30.30
CA ILE B 337 22.44 5.89 -31.40
C ILE B 337 23.18 6.02 -32.78
N SER B 338 22.92 5.09 -33.69
CA SER B 338 23.48 5.17 -35.05
C SER B 338 23.09 6.46 -35.81
N ARG B 339 24.06 7.01 -36.54
CA ARG B 339 23.78 8.12 -37.47
C ARG B 339 22.64 7.75 -38.42
N ASN B 340 22.55 6.46 -38.76
CA ASN B 340 21.48 5.99 -39.65
C ASN B 340 20.04 6.31 -39.23
N PHE B 341 19.83 6.65 -37.95
CA PHE B 341 18.53 7.16 -37.45
C PHE B 341 18.07 8.44 -38.16
N SER B 342 19.03 9.18 -38.74
CA SER B 342 18.68 10.40 -39.53
C SER B 342 17.91 10.08 -40.82
N LYS B 343 17.92 8.81 -41.21
CA LYS B 343 17.22 8.32 -42.41
C LYS B 343 15.75 8.02 -42.18
N LEU B 344 15.32 8.10 -40.92
CA LEU B 344 13.94 7.80 -40.52
C LEU B 344 13.04 9.01 -40.71
N LEU B 345 13.04 9.55 -41.92
CA LEU B 345 12.42 10.83 -42.25
C LEU B 345 10.97 10.96 -41.78
N SER B 346 10.24 9.85 -41.76
CA SER B 346 8.84 9.91 -41.34
C SER B 346 8.54 9.65 -39.82
N LEU B 347 9.57 9.32 -39.04
CA LEU B 347 9.34 8.92 -37.63
C LEU B 347 8.56 9.97 -36.84
N ARG B 348 7.44 9.55 -36.25
CA ARG B 348 6.71 10.40 -35.30
C ARG B 348 7.00 10.02 -33.81
N ALA B 349 7.21 8.73 -33.54
CA ALA B 349 7.41 8.26 -32.16
C ALA B 349 8.52 7.26 -32.06
N LEU B 350 9.43 7.54 -31.13
CA LEU B 350 10.52 6.63 -30.76
C LEU B 350 10.43 6.13 -29.31
N HIS B 351 10.43 4.81 -29.16
CA HIS B 351 10.29 4.20 -27.84
C HIS B 351 11.56 3.50 -27.52
N LEU B 352 12.22 4.02 -26.49
CA LEU B 352 13.50 3.54 -26.07
C LEU B 352 13.56 3.33 -24.58
N ARG B 353 12.52 2.71 -24.04
CA ARG B 353 12.57 2.28 -22.65
C ARG B 353 13.60 1.18 -22.44
N GLY B 354 14.18 1.13 -21.24
CA GLY B 354 14.93 -0.08 -20.84
C GLY B 354 16.10 -0.41 -21.76
N TYR B 355 16.79 0.65 -22.21
CA TYR B 355 18.12 0.52 -22.78
C TYR B 355 19.12 0.47 -21.63
N VAL B 356 18.97 1.41 -20.65
CA VAL B 356 19.77 1.48 -19.37
C VAL B 356 21.09 2.17 -19.64
N PHE B 357 21.19 3.44 -19.27
CA PHE B 357 22.41 4.19 -19.52
C PHE B 357 22.44 5.35 -18.56
N GLN B 358 23.63 5.95 -18.36
CA GLN B 358 23.84 6.82 -17.21
C GLN B 358 23.54 8.27 -17.48
N GLU B 359 23.85 8.71 -18.69
CA GLU B 359 23.90 10.12 -19.00
C GLU B 359 23.41 10.33 -20.43
N LEU B 360 22.57 11.36 -20.64
CA LEU B 360 22.18 11.79 -21.99
C LEU B 360 22.79 13.15 -22.35
N ARG B 361 23.78 13.18 -23.28
CA ARG B 361 24.36 14.47 -23.75
C ARG B 361 23.72 14.90 -25.05
N GLU B 362 23.84 16.20 -25.36
CA GLU B 362 23.41 16.69 -26.67
C GLU B 362 24.05 15.94 -27.85
N ASP B 363 25.33 15.61 -27.73
CA ASP B 363 26.03 14.84 -28.75
C ASP B 363 25.31 13.58 -29.21
N ASP B 364 24.71 12.84 -28.26
CA ASP B 364 24.21 11.48 -28.50
C ASP B 364 22.85 11.44 -29.23
N PHE B 365 22.16 12.57 -29.34
CA PHE B 365 20.84 12.61 -29.98
C PHE B 365 20.81 13.43 -31.30
N GLN B 366 21.99 13.80 -31.81
CA GLN B 366 22.15 14.43 -33.13
C GLN B 366 21.30 13.85 -34.27
N PRO B 367 21.39 12.52 -34.53
CA PRO B 367 20.60 11.90 -35.60
C PRO B 367 19.10 12.17 -35.54
N LEU B 368 18.57 12.28 -34.32
CA LEU B 368 17.14 12.54 -34.12
C LEU B 368 16.75 13.96 -34.39
N MET B 369 17.66 14.90 -34.18
CA MET B 369 17.34 16.33 -34.32
C MET B 369 17.07 16.69 -35.80
N GLN B 370 17.61 15.88 -36.71
CA GLN B 370 17.26 15.87 -38.15
C GLN B 370 15.76 15.74 -38.44
N LEU B 371 15.06 14.99 -37.60
CA LEU B 371 13.76 14.43 -37.96
C LEU B 371 12.57 15.38 -37.80
N PRO B 372 11.98 15.82 -38.91
CA PRO B 372 11.03 16.94 -38.84
C PRO B 372 9.74 16.61 -38.11
N ASN B 373 9.34 15.34 -38.07
CA ASN B 373 8.06 14.95 -37.48
C ASN B 373 8.09 14.20 -36.14
N LEU B 374 9.28 14.01 -35.58
CA LEU B 374 9.41 13.28 -34.33
C LEU B 374 8.76 14.08 -33.20
N SER B 375 7.63 13.60 -32.72
CA SER B 375 6.89 14.35 -31.75
C SER B 375 6.87 13.71 -30.35
N THR B 376 7.12 12.39 -30.28
CA THR B 376 7.20 11.65 -29.00
C THR B 376 8.56 10.99 -28.82
N ILE B 377 9.21 11.28 -27.69
CA ILE B 377 10.45 10.59 -27.32
C ILE B 377 10.21 9.89 -26.02
N ASN B 378 10.27 8.57 -26.05
CA ASN B 378 9.95 7.81 -24.86
C ASN B 378 11.22 7.20 -24.26
N LEU B 379 11.68 7.75 -23.12
CA LEU B 379 12.89 7.25 -22.45
C LEU B 379 12.66 6.73 -21.03
N GLY B 380 11.47 6.22 -20.75
CA GLY B 380 11.14 5.73 -19.44
C GLY B 380 12.04 4.58 -19.08
N ILE B 381 12.32 4.42 -17.79
CA ILE B 381 12.97 3.27 -17.25
C ILE B 381 14.36 3.03 -17.87
N ASN B 382 15.19 4.07 -17.82
CA ASN B 382 16.56 3.91 -18.24
C ASN B 382 17.58 4.16 -17.13
N PHE B 383 17.11 4.48 -15.92
CA PHE B 383 18.03 4.76 -14.82
C PHE B 383 19.03 5.87 -15.17
N ILE B 384 18.60 6.81 -16.01
CA ILE B 384 19.42 7.95 -16.38
C ILE B 384 19.68 8.88 -15.18
N LYS B 385 20.96 9.17 -14.95
CA LYS B 385 21.40 10.02 -13.83
C LYS B 385 21.36 11.49 -14.20
N GLN B 386 21.68 11.81 -15.45
CA GLN B 386 21.65 13.20 -15.83
C GLN B 386 21.50 13.41 -17.31
N ILE B 387 20.92 14.55 -17.65
CA ILE B 387 20.54 14.87 -19.00
C ILE B 387 20.87 16.32 -19.27
N ASP B 388 21.46 16.59 -20.42
CA ASP B 388 21.60 17.97 -20.87
C ASP B 388 20.25 18.43 -21.46
N PHE B 389 19.36 18.91 -20.59
CA PHE B 389 18.00 19.24 -20.99
C PHE B 389 17.84 20.17 -22.19
N LYS B 390 18.84 21.02 -22.45
CA LYS B 390 18.81 21.97 -23.61
C LYS B 390 18.73 21.26 -24.97
N LEU B 391 19.26 20.04 -25.04
CA LEU B 391 19.21 19.24 -26.27
C LEU B 391 17.78 19.11 -26.79
N PHE B 392 16.80 19.18 -25.89
CA PHE B 392 15.39 19.08 -26.30
C PHE B 392 14.83 20.28 -27.08
N GLN B 393 15.56 21.39 -27.08
CA GLN B 393 15.22 22.58 -27.88
C GLN B 393 15.50 22.40 -29.37
N ASN B 394 16.54 21.62 -29.68
CA ASN B 394 16.98 21.40 -31.05
C ASN B 394 16.12 20.34 -31.79
N PHE B 395 14.82 20.42 -31.62
CA PHE B 395 13.93 19.51 -32.28
C PHE B 395 12.91 20.41 -32.87
N SER B 396 12.36 19.97 -33.99
CA SER B 396 11.38 20.73 -34.71
C SER B 396 9.94 20.55 -34.13
N ASN B 397 9.54 19.31 -33.88
CA ASN B 397 8.14 19.07 -33.53
C ASN B 397 7.91 18.21 -32.27
N LEU B 398 8.87 18.24 -31.35
CA LEU B 398 8.77 17.48 -30.09
C LEU B 398 7.63 17.94 -29.19
N GLU B 399 6.70 17.04 -28.87
CA GLU B 399 5.51 17.34 -28.06
C GLU B 399 5.47 16.58 -26.73
N ILE B 400 6.14 15.42 -26.69
CA ILE B 400 6.10 14.54 -25.54
C ILE B 400 7.50 14.04 -25.23
N ILE B 401 8.02 14.47 -24.10
CA ILE B 401 9.32 14.03 -23.62
C ILE B 401 8.99 13.19 -22.37
N TYR B 402 8.97 11.87 -22.54
CA TYR B 402 8.61 10.98 -21.45
C TYR B 402 9.86 10.45 -20.77
N LEU B 403 10.11 10.93 -19.56
CA LEU B 403 11.32 10.59 -18.82
C LEU B 403 11.02 9.96 -17.47
N SER B 404 9.85 9.32 -17.34
CA SER B 404 9.43 8.72 -16.08
C SER B 404 10.34 7.55 -15.72
N GLU B 405 10.57 7.34 -14.41
CA GLU B 405 11.39 6.22 -13.89
C GLU B 405 12.82 6.33 -14.32
N ASN B 406 13.42 7.45 -14.00
CA ASN B 406 14.84 7.61 -14.21
C ASN B 406 15.39 8.09 -12.89
N ARG B 407 16.56 8.72 -12.90
CA ARG B 407 17.28 9.01 -11.67
C ARG B 407 17.83 10.45 -11.71
N ILE B 408 17.08 11.31 -12.40
CA ILE B 408 17.33 12.74 -12.45
C ILE B 408 17.25 13.32 -11.03
N SER B 409 18.18 14.20 -10.72
CA SER B 409 18.39 14.75 -9.40
C SER B 409 18.08 16.25 -9.35
N PRO B 410 18.09 16.83 -8.13
CA PRO B 410 17.97 18.30 -8.06
C PRO B 410 19.20 18.93 -8.70
N LEU B 411 18.96 19.87 -9.63
CA LEU B 411 20.04 20.53 -10.36
C LEU B 411 20.39 21.87 -9.71
N VAL B 412 21.58 21.94 -9.11
CA VAL B 412 22.09 23.11 -8.36
C VAL B 412 23.37 23.61 -9.02
N LYS B 413 23.84 24.80 -8.61
CA LYS B 413 25.05 25.46 -9.19
C LYS B 413 25.23 25.24 -10.71
N PHE B 439 -5.98 -11.45 -17.11
CA PHE B 439 -5.52 -10.54 -18.16
C PHE B 439 -6.40 -10.63 -19.41
N ASP B 440 -6.14 -9.76 -20.40
CA ASP B 440 -6.95 -9.74 -21.63
C ASP B 440 -6.21 -10.37 -22.83
N PRO B 441 -6.73 -11.50 -23.36
CA PRO B 441 -6.07 -12.28 -24.43
C PRO B 441 -6.00 -11.56 -25.78
N HIS B 442 -6.76 -10.47 -25.94
CA HIS B 442 -6.70 -9.61 -27.14
C HIS B 442 -5.71 -8.48 -27.07
N SER B 443 -4.97 -8.39 -25.97
CA SER B 443 -4.03 -7.29 -25.69
C SER B 443 -2.90 -7.17 -26.68
N ASN B 444 -2.48 -5.93 -26.89
CA ASN B 444 -1.12 -5.67 -27.36
C ASN B 444 -0.21 -5.81 -26.14
N PHE B 445 0.49 -6.95 -26.04
CA PHE B 445 1.25 -7.36 -24.85
C PHE B 445 2.63 -6.73 -24.75
N TYR B 446 3.23 -6.35 -25.88
CA TYR B 446 4.63 -5.93 -25.85
C TYR B 446 4.83 -4.43 -25.90
N HIS B 447 3.84 -3.74 -26.46
CA HIS B 447 3.97 -2.31 -26.73
C HIS B 447 3.33 -1.53 -25.63
N PHE B 448 3.90 -0.36 -25.30
CA PHE B 448 3.32 0.53 -24.30
C PHE B 448 2.15 1.30 -24.94
N THR B 449 0.94 0.83 -24.64
CA THR B 449 -0.24 1.11 -25.45
C THR B 449 -1.11 2.34 -25.06
N ARG B 450 -1.25 2.59 -23.74
CA ARG B 450 -1.96 3.76 -23.22
C ARG B 450 -1.18 5.06 -23.53
N PRO B 451 -1.85 6.22 -23.46
CA PRO B 451 -1.06 7.43 -23.67
C PRO B 451 0.00 7.52 -22.57
N LEU B 452 1.23 7.83 -22.97
CA LEU B 452 2.35 8.07 -22.06
C LEU B 452 2.05 9.16 -21.03
N ILE B 453 1.38 10.23 -21.48
CA ILE B 453 0.98 11.30 -20.57
C ILE B 453 -0.53 11.49 -20.69
N LYS B 454 -1.21 11.80 -19.59
CA LYS B 454 -2.66 12.08 -19.66
C LYS B 454 -2.96 12.99 -20.86
N PRO B 455 -3.91 12.58 -21.71
CA PRO B 455 -4.32 13.45 -22.85
C PRO B 455 -4.79 14.83 -22.40
N GLN B 456 -5.48 14.89 -21.25
CA GLN B 456 -5.88 16.19 -20.67
C GLN B 456 -4.66 17.12 -20.39
N CYS B 457 -3.51 16.55 -20.06
CA CYS B 457 -2.30 17.35 -19.85
C CYS B 457 -1.60 17.69 -21.18
N ALA B 458 -1.38 16.66 -22.00
CA ALA B 458 -0.63 16.81 -23.26
C ALA B 458 -1.30 17.78 -24.25
N ALA B 459 -2.63 17.89 -24.17
CA ALA B 459 -3.44 18.83 -25.00
C ALA B 459 -3.00 20.28 -24.89
N TYR B 460 -2.35 20.65 -23.78
CA TYR B 460 -2.00 22.04 -23.61
C TYR B 460 -0.71 22.44 -24.36
N GLY B 461 0.06 21.46 -24.81
CA GLY B 461 1.27 21.77 -25.53
C GLY B 461 2.37 20.81 -25.15
N LYS B 462 3.61 21.27 -25.29
CA LYS B 462 4.77 20.45 -25.01
C LYS B 462 4.70 19.91 -23.58
N ALA B 463 4.89 18.60 -23.46
CA ALA B 463 4.65 17.87 -22.24
C ALA B 463 5.98 17.27 -21.79
N LEU B 464 6.31 17.42 -20.51
CA LEU B 464 7.52 16.84 -19.98
C LEU B 464 7.16 15.97 -18.78
N ASP B 465 7.55 14.70 -18.80
CA ASP B 465 7.19 13.82 -17.68
C ASP B 465 8.46 13.41 -16.87
N LEU B 466 8.59 13.91 -15.65
CA LEU B 466 9.72 13.56 -14.79
C LEU B 466 9.24 12.89 -13.49
N SER B 467 8.11 12.19 -13.57
CA SER B 467 7.58 11.43 -12.45
C SER B 467 8.53 10.25 -12.11
N LEU B 468 8.56 9.86 -10.83
CA LEU B 468 9.36 8.72 -10.34
C LEU B 468 10.83 8.86 -10.64
N ASN B 469 11.37 10.05 -10.46
CA ASN B 469 12.82 10.28 -10.56
C ASN B 469 13.35 10.52 -9.10
N SER B 470 14.54 11.10 -8.90
CA SER B 470 14.95 11.55 -7.57
C SER B 470 15.07 13.06 -7.44
N ILE B 471 14.08 13.77 -7.94
CA ILE B 471 14.04 15.20 -7.79
C ILE B 471 13.41 15.49 -6.40
N PHE B 472 14.21 15.35 -5.34
CA PHE B 472 13.68 15.37 -3.97
C PHE B 472 13.48 16.80 -3.47
N PHE B 473 14.04 17.77 -4.20
CA PHE B 473 13.57 19.15 -4.11
C PHE B 473 13.80 19.82 -5.47
N ILE B 474 13.35 21.04 -5.68
CA ILE B 474 13.48 21.69 -7.00
C ILE B 474 14.69 22.59 -6.97
N GLY B 475 15.77 22.14 -7.63
CA GLY B 475 17.01 22.91 -7.65
C GLY B 475 16.79 24.18 -8.45
N PRO B 476 17.60 25.22 -8.19
CA PRO B 476 17.47 26.51 -8.91
C PRO B 476 17.70 26.33 -10.39
N ASN B 477 18.45 25.30 -10.79
CA ASN B 477 18.70 25.01 -12.21
C ASN B 477 17.79 23.95 -12.80
N GLN B 478 16.77 23.49 -12.07
CA GLN B 478 16.02 22.30 -12.48
C GLN B 478 15.52 22.37 -13.92
N PHE B 479 15.00 23.52 -14.31
CA PHE B 479 14.38 23.64 -15.60
C PHE B 479 15.09 24.62 -16.55
N GLU B 480 16.31 25.04 -16.21
CA GLU B 480 17.15 25.86 -17.12
C GLU B 480 17.19 25.29 -18.55
N ASN B 481 17.03 26.14 -19.56
CA ASN B 481 17.25 25.75 -20.99
C ASN B 481 16.28 24.73 -21.59
N LEU B 482 15.13 24.58 -20.96
CA LEU B 482 14.09 23.66 -21.42
C LEU B 482 13.28 24.37 -22.49
N PRO B 483 12.58 23.62 -23.35
CA PRO B 483 11.58 24.31 -24.19
C PRO B 483 10.42 24.91 -23.36
N ASP B 484 9.44 25.48 -24.05
CA ASP B 484 8.28 26.09 -23.43
C ASP B 484 7.30 24.97 -23.05
N ILE B 485 7.44 24.47 -21.84
CA ILE B 485 6.61 23.39 -21.33
C ILE B 485 5.24 23.95 -20.92
N ALA B 486 4.17 23.28 -21.33
CA ALA B 486 2.78 23.57 -20.94
C ALA B 486 2.22 22.49 -20.00
N CYS B 487 2.81 21.29 -20.04
CA CYS B 487 2.33 20.16 -19.27
C CYS B 487 3.54 19.50 -18.58
N LEU B 488 3.51 19.46 -17.24
CA LEU B 488 4.68 19.02 -16.48
C LEU B 488 4.28 18.01 -15.39
N ASN B 489 4.89 16.84 -15.42
CA ASN B 489 4.60 15.83 -14.42
C ASN B 489 5.77 15.64 -13.46
N LEU B 490 5.55 15.89 -12.16
CA LEU B 490 6.61 15.67 -11.14
C LEU B 490 6.17 14.68 -10.07
N SER B 491 5.16 13.88 -10.37
CA SER B 491 4.63 12.91 -9.43
C SER B 491 5.72 12.02 -8.83
N ALA B 492 5.59 11.75 -7.52
CA ALA B 492 6.31 10.64 -6.84
C ALA B 492 7.78 10.85 -6.95
N ASN B 493 8.25 12.01 -6.52
CA ASN B 493 9.68 12.29 -6.51
C ASN B 493 10.25 12.46 -5.06
N SER B 494 9.48 12.05 -4.05
CA SER B 494 9.67 12.47 -2.64
C SER B 494 10.02 13.93 -2.51
N ASN B 495 9.35 14.76 -3.29
CA ASN B 495 9.78 16.13 -3.39
C ASN B 495 9.26 16.93 -2.19
N ALA B 496 10.18 17.52 -1.44
CA ALA B 496 9.87 18.25 -0.20
C ALA B 496 10.11 19.78 -0.33
N GLN B 497 10.01 20.30 -1.55
CA GLN B 497 10.22 21.70 -1.84
C GLN B 497 9.24 22.61 -1.05
N VAL B 498 9.80 23.68 -0.50
CA VAL B 498 8.99 24.77 0.04
C VAL B 498 8.74 25.77 -1.11
N LEU B 499 7.55 25.77 -1.68
CA LEU B 499 7.21 26.60 -2.81
C LEU B 499 7.06 28.06 -2.38
N SER B 500 7.74 28.94 -3.09
CA SER B 500 7.89 30.30 -2.60
C SER B 500 7.66 31.29 -3.74
N GLY B 501 7.28 30.77 -4.91
CA GLY B 501 6.98 31.60 -6.07
C GLY B 501 8.09 31.81 -7.09
N THR B 502 9.21 31.09 -6.97
CA THR B 502 10.30 31.29 -7.93
C THR B 502 10.81 30.00 -8.60
N GLU B 503 10.31 28.85 -8.15
CA GLU B 503 10.84 27.54 -8.55
C GLU B 503 10.61 27.20 -10.00
N PHE B 504 9.51 27.70 -10.57
CA PHE B 504 9.13 27.41 -11.96
C PHE B 504 9.37 28.56 -12.95
N SER B 505 10.16 29.56 -12.58
CA SER B 505 10.27 30.75 -13.47
C SER B 505 10.89 30.51 -14.85
N ALA B 506 11.57 29.39 -15.05
CA ALA B 506 12.17 29.07 -16.36
C ALA B 506 11.19 28.39 -17.32
N ILE B 507 10.13 27.82 -16.80
CA ILE B 507 9.06 27.33 -17.66
C ILE B 507 7.77 27.96 -17.13
N PRO B 508 7.62 29.28 -17.34
CA PRO B 508 6.55 29.99 -16.66
C PRO B 508 5.17 29.81 -17.32
N HIS B 509 5.09 29.07 -18.42
CA HIS B 509 3.80 28.87 -19.07
C HIS B 509 3.18 27.52 -18.86
N VAL B 510 3.56 26.82 -17.80
CA VAL B 510 2.93 25.54 -17.49
C VAL B 510 1.42 25.77 -17.29
N LYS B 511 0.59 24.95 -17.96
CA LYS B 511 -0.86 25.07 -17.83
C LYS B 511 -1.43 23.94 -16.97
N TYR B 512 -0.74 22.80 -17.00
CA TYR B 512 -1.21 21.62 -16.27
C TYR B 512 -0.01 21.07 -15.50
N LEU B 513 -0.11 21.08 -14.17
CA LEU B 513 1.00 20.68 -13.31
C LEU B 513 0.62 19.53 -12.37
N ASP B 514 1.35 18.41 -12.50
CA ASP B 514 1.09 17.21 -11.70
C ASP B 514 2.18 17.12 -10.63
N LEU B 515 1.79 17.36 -9.38
CA LEU B 515 2.74 17.47 -8.22
C LEU B 515 2.45 16.37 -7.22
N THR B 516 1.64 15.44 -7.70
CA THR B 516 1.05 14.28 -7.03
C THR B 516 2.06 13.39 -6.29
N ASN B 517 1.56 12.78 -5.21
CA ASN B 517 2.35 11.90 -4.35
C ASN B 517 3.76 12.39 -3.94
N ASN B 518 3.82 13.61 -3.44
CA ASN B 518 5.06 14.22 -2.98
C ASN B 518 4.88 14.74 -1.55
N ARG B 519 5.80 15.62 -1.11
CA ARG B 519 5.77 16.19 0.25
C ARG B 519 5.99 17.69 0.28
N LEU B 520 5.27 18.38 -0.58
CA LEU B 520 5.48 19.77 -0.84
C LEU B 520 4.88 20.63 0.25
N ASP B 521 5.50 21.78 0.48
CA ASP B 521 4.90 22.81 1.34
C ASP B 521 4.39 23.94 0.44
N PHE B 522 3.08 24.17 0.45
CA PHE B 522 2.51 25.31 -0.27
C PHE B 522 1.80 26.31 0.68
N ASP B 523 2.34 26.50 1.89
CA ASP B 523 1.76 27.43 2.86
C ASP B 523 2.01 28.90 2.51
N ASN B 524 3.09 29.18 1.79
CA ASN B 524 3.46 30.52 1.40
C ASN B 524 2.41 31.06 0.38
N ALA B 525 1.97 32.31 0.54
CA ALA B 525 0.92 32.86 -0.35
C ALA B 525 1.43 33.05 -1.79
N SER B 526 2.76 33.04 -1.95
CA SER B 526 3.42 33.09 -3.24
C SER B 526 3.61 31.76 -3.97
N ALA B 527 3.36 30.64 -3.28
CA ALA B 527 3.47 29.30 -3.88
C ALA B 527 2.92 29.21 -5.31
N LEU B 528 3.78 28.87 -6.25
CA LEU B 528 3.36 28.59 -7.64
C LEU B 528 2.78 29.81 -8.41
N THR B 529 2.83 31.02 -7.81
CA THR B 529 2.26 32.21 -8.46
C THR B 529 3.12 32.72 -9.64
N GLU B 530 4.28 32.11 -9.89
CA GLU B 530 5.03 32.42 -11.11
C GLU B 530 4.40 31.70 -12.31
N LEU B 531 3.48 30.78 -12.04
CA LEU B 531 2.74 30.11 -13.11
C LEU B 531 1.37 30.76 -13.33
N SER B 532 1.39 31.95 -13.95
CA SER B 532 0.21 32.79 -14.19
C SER B 532 -0.86 32.10 -14.98
N ASP B 533 -0.44 31.26 -15.92
CA ASP B 533 -1.39 30.63 -16.81
C ASP B 533 -1.89 29.29 -16.31
N LEU B 534 -1.56 28.91 -15.09
CA LEU B 534 -1.88 27.56 -14.62
C LEU B 534 -3.36 27.27 -14.62
N GLU B 535 -3.78 26.15 -15.21
CA GLU B 535 -5.20 25.81 -15.29
C GLU B 535 -5.59 24.58 -14.49
N VAL B 536 -4.67 23.62 -14.39
CA VAL B 536 -4.90 22.39 -13.67
C VAL B 536 -3.71 22.16 -12.71
N LEU B 537 -4.02 21.99 -11.43
CA LEU B 537 -3.04 21.70 -10.42
C LEU B 537 -3.48 20.40 -9.73
N ASP B 538 -2.61 19.39 -9.73
CA ASP B 538 -2.95 18.11 -9.09
C ASP B 538 -1.96 17.93 -7.97
N LEU B 539 -2.50 18.03 -6.75
CA LEU B 539 -1.75 17.91 -5.52
C LEU B 539 -2.16 16.68 -4.74
N SER B 540 -2.94 15.77 -5.36
CA SER B 540 -3.35 14.51 -4.69
C SER B 540 -2.23 13.82 -3.92
N TYR B 541 -2.56 13.34 -2.71
CA TYR B 541 -1.63 12.57 -1.83
C TYR B 541 -0.43 13.37 -1.32
N ASN B 542 -0.48 14.68 -1.41
CA ASN B 542 0.57 15.43 -0.77
C ASN B 542 0.57 15.23 0.75
N SER B 543 1.70 14.84 1.31
CA SER B 543 1.79 14.79 2.78
C SER B 543 2.79 15.82 3.27
N HIS B 544 2.25 16.72 4.08
CA HIS B 544 2.97 17.86 4.57
C HIS B 544 3.95 17.39 5.61
N TYR B 545 5.22 17.80 5.47
CA TYR B 545 6.33 17.41 6.38
C TYR B 545 6.89 18.55 7.26
N PHE B 546 6.36 19.75 7.10
CA PHE B 546 6.79 20.89 7.88
C PHE B 546 5.61 21.63 8.53
N ARG B 547 4.68 20.89 9.14
CA ARG B 547 3.47 21.46 9.70
C ARG B 547 3.78 22.50 10.77
N ILE B 548 3.24 23.71 10.63
CA ILE B 548 3.37 24.74 11.66
C ILE B 548 1.98 25.08 12.18
N ALA B 549 1.75 24.86 13.47
CA ALA B 549 0.48 25.20 14.11
C ALA B 549 0.21 26.69 13.88
N GLY B 550 -0.98 27.02 13.40
CA GLY B 550 -1.29 28.40 13.10
C GLY B 550 -0.93 28.82 11.67
N VAL B 551 -0.29 27.94 10.89
CA VAL B 551 0.04 28.25 9.48
C VAL B 551 -0.50 27.17 8.54
N THR B 552 -0.12 25.91 8.76
CA THR B 552 -0.59 24.81 7.94
C THR B 552 -2.05 24.41 8.23
N HIS B 553 -2.89 24.19 7.21
CA HIS B 553 -2.65 24.52 5.80
C HIS B 553 -3.10 25.94 5.52
N HIS B 554 -2.35 26.64 4.67
CA HIS B 554 -2.63 28.03 4.28
C HIS B 554 -2.78 27.98 2.77
N LEU B 555 -4.00 28.18 2.28
CA LEU B 555 -4.27 27.97 0.86
C LEU B 555 -4.42 29.26 0.04
N GLU B 556 -3.98 30.38 0.62
CA GLU B 556 -4.08 31.74 0.03
C GLU B 556 -3.55 31.84 -1.42
N PHE B 557 -2.46 31.12 -1.71
CA PHE B 557 -1.88 31.10 -3.06
C PHE B 557 -2.92 30.85 -4.14
N ILE B 558 -3.92 30.04 -3.82
CA ILE B 558 -5.01 29.77 -4.75
C ILE B 558 -5.67 31.05 -5.30
N GLN B 559 -5.83 32.09 -4.48
CA GLN B 559 -6.46 33.33 -4.95
C GLN B 559 -5.68 34.05 -6.04
N ASN B 560 -4.37 33.78 -6.14
CA ASN B 560 -3.53 34.58 -7.01
C ASN B 560 -3.74 34.32 -8.52
N PHE B 561 -4.33 33.18 -8.86
CA PHE B 561 -4.51 32.77 -10.26
C PHE B 561 -5.83 33.24 -10.85
N THR B 562 -5.78 33.80 -12.05
CA THR B 562 -6.97 34.29 -12.71
C THR B 562 -7.55 33.26 -13.70
N ASN B 563 -6.81 32.18 -13.98
CA ASN B 563 -7.38 31.17 -14.85
C ASN B 563 -7.18 29.72 -14.38
N LEU B 564 -6.97 29.55 -13.09
CA LEU B 564 -6.98 28.23 -12.47
C LEU B 564 -8.38 27.61 -12.48
N LYS B 565 -8.51 26.44 -13.12
CA LYS B 565 -9.83 25.85 -13.34
C LYS B 565 -10.10 24.62 -12.50
N VAL B 566 -9.06 23.80 -12.31
CA VAL B 566 -9.19 22.49 -11.66
C VAL B 566 -8.10 22.30 -10.62
N LEU B 567 -8.52 22.01 -9.41
CA LEU B 567 -7.62 21.93 -8.30
C LEU B 567 -7.94 20.64 -7.56
N ASN B 568 -6.96 19.77 -7.44
CA ASN B 568 -7.18 18.51 -6.75
C ASN B 568 -6.32 18.45 -5.48
N LEU B 569 -6.99 18.55 -4.33
CA LEU B 569 -6.36 18.47 -3.03
C LEU B 569 -6.75 17.17 -2.33
N SER B 570 -7.05 16.12 -3.08
CA SER B 570 -7.42 14.87 -2.41
C SER B 570 -6.26 14.33 -1.54
N HIS B 571 -6.66 13.66 -0.46
CA HIS B 571 -5.74 12.91 0.44
C HIS B 571 -4.54 13.72 0.84
N ASN B 572 -4.81 14.98 1.21
CA ASN B 572 -3.82 15.89 1.73
C ASN B 572 -3.88 15.93 3.27
N ASN B 573 -4.81 15.15 3.83
CA ASN B 573 -5.01 15.14 5.27
C ASN B 573 -5.13 16.55 5.86
N ILE B 574 -5.93 17.39 5.21
CA ILE B 574 -6.18 18.74 5.70
C ILE B 574 -7.19 18.68 6.84
N TYR B 575 -6.73 19.07 8.04
CA TYR B 575 -7.59 19.13 9.22
C TYR B 575 -7.47 20.47 9.92
N THR B 576 -6.62 21.36 9.38
CA THR B 576 -6.47 22.74 9.90
C THR B 576 -6.32 23.72 8.70
N LEU B 577 -6.87 24.92 8.86
CA LEU B 577 -6.86 25.98 7.82
C LEU B 577 -6.65 27.31 8.49
N THR B 578 -5.85 28.17 7.87
CA THR B 578 -5.41 29.41 8.55
C THR B 578 -5.63 30.67 7.73
N ASP B 579 -6.43 30.57 6.68
CA ASP B 579 -6.76 31.76 5.89
C ASP B 579 -7.72 32.68 6.68
N LYS B 580 -7.31 33.93 6.87
CA LYS B 580 -8.09 34.92 7.64
C LYS B 580 -9.53 35.13 7.09
N TYR B 581 -9.65 35.10 5.76
CA TYR B 581 -10.91 35.32 5.05
C TYR B 581 -11.22 34.21 4.06
N ASN B 582 -12.49 34.14 3.64
CA ASN B 582 -12.90 33.30 2.52
C ASN B 582 -11.96 33.50 1.32
N LEU B 583 -11.43 32.40 0.80
CA LEU B 583 -10.56 32.50 -0.38
C LEU B 583 -11.40 32.71 -1.64
N GLU B 584 -10.95 33.63 -2.48
CA GLU B 584 -11.72 34.07 -3.64
C GLU B 584 -11.06 33.55 -4.89
N SER B 585 -11.74 32.64 -5.60
CA SER B 585 -11.34 32.32 -6.96
C SER B 585 -12.53 32.59 -7.81
N LYS B 586 -12.33 33.40 -8.84
CA LYS B 586 -13.36 33.58 -9.87
C LYS B 586 -13.24 32.56 -10.99
N SER B 587 -12.13 31.82 -11.03
CA SER B 587 -11.89 30.89 -12.16
C SER B 587 -12.18 29.41 -11.80
N LEU B 588 -12.04 29.05 -10.53
CA LEU B 588 -12.15 27.64 -10.17
C LEU B 588 -13.53 27.07 -10.44
N VAL B 589 -13.52 25.94 -11.13
CA VAL B 589 -14.73 25.33 -11.64
C VAL B 589 -14.90 23.95 -10.97
N GLU B 590 -13.76 23.32 -10.64
CA GLU B 590 -13.75 22.01 -10.03
C GLU B 590 -12.74 21.95 -8.87
N LEU B 591 -13.23 21.51 -7.72
CA LEU B 591 -12.41 21.32 -6.54
C LEU B 591 -12.62 19.91 -6.02
N VAL B 592 -11.55 19.11 -6.02
CA VAL B 592 -11.58 17.76 -5.40
C VAL B 592 -11.01 17.89 -4.01
N PHE B 593 -11.87 17.70 -3.01
CA PHE B 593 -11.40 17.82 -1.63
C PHE B 593 -11.53 16.51 -0.86
N SER B 594 -11.54 15.39 -1.54
CA SER B 594 -11.77 14.13 -0.90
C SER B 594 -10.58 13.68 -0.05
N GLY B 595 -10.84 12.76 0.88
CA GLY B 595 -9.77 12.21 1.74
C GLY B 595 -9.07 13.25 2.56
N ASN B 596 -9.82 14.25 3.01
CA ASN B 596 -9.31 15.20 3.99
C ASN B 596 -10.16 15.10 5.25
N ARG B 597 -10.15 16.11 6.11
CA ARG B 597 -10.87 16.01 7.37
C ARG B 597 -11.87 17.13 7.60
N LEU B 598 -12.88 17.20 6.72
CA LEU B 598 -13.97 18.17 6.88
C LEU B 598 -14.74 17.89 8.18
N ASP B 599 -14.80 16.63 8.59
CA ASP B 599 -15.39 16.29 9.89
C ASP B 599 -14.78 17.12 11.04
N ILE B 600 -13.45 17.25 11.05
CA ILE B 600 -12.78 18.11 12.06
C ILE B 600 -13.03 19.60 11.81
N LEU B 601 -12.75 20.06 10.60
CA LEU B 601 -13.05 21.44 10.21
C LEU B 601 -14.46 21.89 10.56
N TRP B 602 -15.46 21.04 10.31
CA TRP B 602 -16.84 21.42 10.52
C TRP B 602 -17.42 21.13 11.92
N ASN B 603 -16.63 20.52 12.80
CA ASN B 603 -17.04 20.41 14.21
C ASN B 603 -16.27 21.38 15.09
N ASP B 604 -15.51 22.26 14.44
CA ASP B 604 -14.84 23.38 15.09
C ASP B 604 -15.78 24.16 16.02
N ASP B 605 -15.40 24.24 17.29
CA ASP B 605 -16.18 24.93 18.31
C ASP B 605 -16.54 26.37 17.94
N ASP B 606 -15.56 27.11 17.43
CA ASP B 606 -15.78 28.49 16.99
C ASP B 606 -16.38 28.64 15.56
N ASN B 607 -16.81 27.53 14.94
CA ASN B 607 -17.42 27.56 13.59
C ASN B 607 -16.61 28.36 12.56
N ARG B 608 -15.29 28.26 12.63
CA ARG B 608 -14.39 29.07 11.79
C ARG B 608 -14.41 28.69 10.30
N TYR B 609 -14.85 27.47 9.97
CA TYR B 609 -14.68 26.90 8.63
C TYR B 609 -16.03 26.67 7.95
N ILE B 610 -17.00 27.41 8.46
CA ILE B 610 -18.36 27.45 7.99
C ILE B 610 -18.44 27.91 6.53
N SER B 611 -17.55 28.81 6.13
CA SER B 611 -17.65 29.40 4.79
C SER B 611 -16.45 29.12 3.89
N ILE B 612 -15.75 28.00 4.10
CA ILE B 612 -14.46 27.87 3.47
C ILE B 612 -14.50 27.82 1.95
N PHE B 613 -15.59 27.33 1.37
CA PHE B 613 -15.79 27.25 -0.08
C PHE B 613 -16.60 28.41 -0.68
N LYS B 614 -17.26 29.22 0.16
CA LYS B 614 -18.17 30.28 -0.36
C LYS B 614 -17.58 31.20 -1.45
N GLY B 615 -16.33 31.58 -1.29
CA GLY B 615 -15.72 32.54 -2.19
C GLY B 615 -15.26 31.89 -3.48
N LEU B 616 -15.48 30.57 -3.65
CA LEU B 616 -15.27 29.92 -4.95
C LEU B 616 -16.52 30.12 -5.81
N LYS B 617 -16.66 31.32 -6.36
CA LYS B 617 -17.93 31.73 -6.92
C LYS B 617 -18.30 31.10 -8.28
N ASN B 618 -17.33 30.55 -9.02
CA ASN B 618 -17.59 29.87 -10.30
C ASN B 618 -17.65 28.32 -10.15
N LEU B 619 -17.52 27.79 -8.93
CA LEU B 619 -17.45 26.32 -8.76
C LEU B 619 -18.70 25.60 -9.29
N THR B 620 -18.47 24.64 -10.17
CA THR B 620 -19.57 23.86 -10.71
C THR B 620 -19.54 22.41 -10.22
N ARG B 621 -18.37 21.93 -9.80
CA ARG B 621 -18.21 20.56 -9.30
C ARG B 621 -17.35 20.47 -8.01
N LEU B 622 -17.90 19.84 -6.98
CA LEU B 622 -17.26 19.76 -5.69
C LEU B 622 -17.31 18.34 -5.24
N ASP B 623 -16.15 17.82 -4.86
CA ASP B 623 -16.06 16.46 -4.38
C ASP B 623 -15.63 16.42 -2.90
N LEU B 624 -16.57 15.99 -2.05
CA LEU B 624 -16.34 15.88 -0.59
C LEU B 624 -16.37 14.45 -0.11
N SER B 625 -16.16 13.49 -1.00
CA SER B 625 -16.12 12.08 -0.60
C SER B 625 -15.02 11.85 0.44
N LEU B 626 -15.14 10.76 1.21
CA LEU B 626 -14.05 10.29 2.13
C LEU B 626 -13.56 11.36 3.06
N ASN B 627 -14.49 12.15 3.59
CA ASN B 627 -14.16 13.10 4.63
C ASN B 627 -14.65 12.73 6.03
N ARG B 628 -15.15 11.50 6.20
CA ARG B 628 -15.60 11.02 7.50
C ARG B 628 -16.76 11.83 8.04
N LEU B 629 -17.57 12.37 7.12
CA LEU B 629 -18.69 13.21 7.51
C LEU B 629 -19.85 12.40 8.05
N LYS B 630 -20.26 12.74 9.27
CA LYS B 630 -21.45 12.14 9.90
C LYS B 630 -22.65 13.08 9.74
N HIS B 631 -22.39 14.38 9.76
CA HIS B 631 -23.41 15.38 9.44
C HIS B 631 -22.71 16.63 8.98
N ILE B 632 -23.36 17.39 8.11
CA ILE B 632 -22.86 18.70 7.72
C ILE B 632 -23.75 19.75 8.38
N PRO B 633 -23.17 20.68 9.16
CA PRO B 633 -23.96 21.78 9.71
C PRO B 633 -24.78 22.51 8.64
N ASN B 634 -26.02 22.86 9.00
CA ASN B 634 -26.90 23.59 8.11
C ASN B 634 -26.20 24.81 7.54
N GLU B 635 -25.53 25.57 8.41
CA GLU B 635 -24.77 26.77 8.01
C GLU B 635 -23.66 26.46 6.99
N ALA B 636 -22.98 25.34 7.19
CA ALA B 636 -21.89 24.95 6.32
C ALA B 636 -22.39 24.58 4.93
N PHE B 637 -23.52 23.88 4.88
CA PHE B 637 -24.12 23.42 3.64
C PHE B 637 -24.68 24.59 2.86
N LEU B 638 -25.18 25.59 3.58
CA LEU B 638 -25.77 26.79 2.96
C LEU B 638 -24.71 27.68 2.36
N ASN B 639 -23.48 27.50 2.81
CA ASN B 639 -22.36 28.32 2.33
C ASN B 639 -21.56 27.66 1.18
N LEU B 640 -21.98 26.47 0.74
CA LEU B 640 -21.38 25.86 -0.45
C LEU B 640 -21.77 26.74 -1.66
N PRO B 641 -20.88 26.85 -2.66
CA PRO B 641 -21.17 27.78 -3.76
C PRO B 641 -22.53 27.55 -4.45
N ALA B 642 -23.33 28.61 -4.57
CA ALA B 642 -24.63 28.55 -5.23
C ALA B 642 -24.56 28.15 -6.73
N SER B 643 -23.38 28.33 -7.33
CA SER B 643 -23.09 27.89 -8.70
C SER B 643 -23.09 26.35 -8.93
N LEU B 644 -23.07 25.52 -7.88
CA LEU B 644 -22.79 24.09 -8.08
C LEU B 644 -23.79 23.40 -9.01
N THR B 645 -23.25 22.60 -9.95
CA THR B 645 -24.06 21.73 -10.78
C THR B 645 -23.90 20.27 -10.35
N GLU B 646 -22.79 19.97 -9.69
CA GLU B 646 -22.48 18.58 -9.37
C GLU B 646 -21.84 18.54 -8.00
N LEU B 647 -22.45 17.78 -7.09
CA LEU B 647 -21.96 17.69 -5.71
C LEU B 647 -21.82 16.22 -5.28
N HIS B 648 -20.59 15.84 -4.87
CA HIS B 648 -20.35 14.50 -4.37
C HIS B 648 -20.03 14.50 -2.91
N ILE B 649 -20.83 13.75 -2.16
CA ILE B 649 -20.59 13.57 -0.73
C ILE B 649 -20.62 12.07 -0.43
N ASN B 650 -20.28 11.28 -1.44
CA ASN B 650 -20.33 9.83 -1.30
C ASN B 650 -19.24 9.34 -0.35
N ASP B 651 -19.44 8.12 0.17
CA ASP B 651 -18.49 7.43 1.06
C ASP B 651 -18.03 8.30 2.22
N ASN B 652 -18.99 8.94 2.87
CA ASN B 652 -18.75 9.50 4.18
C ASN B 652 -19.46 8.58 5.18
N MET B 653 -20.03 9.14 6.24
CA MET B 653 -20.87 8.35 7.14
C MET B 653 -22.11 9.15 7.50
N LEU B 654 -22.68 9.82 6.51
CA LEU B 654 -23.84 10.67 6.78
C LEU B 654 -25.04 9.87 7.32
N LYS B 655 -25.45 10.29 8.50
CA LYS B 655 -26.61 9.72 9.17
C LYS B 655 -27.77 10.72 9.06
N PHE B 656 -27.50 11.88 8.48
CA PHE B 656 -28.47 12.97 8.38
C PHE B 656 -28.23 13.87 7.17
N PHE B 657 -29.32 14.22 6.49
CA PHE B 657 -29.28 15.17 5.37
C PHE B 657 -30.52 16.08 5.32
N ASN B 658 -30.26 17.38 5.35
CA ASN B 658 -31.31 18.38 5.25
C ASN B 658 -31.70 18.75 3.79
N TRP B 659 -32.71 18.05 3.29
CA TRP B 659 -33.24 18.22 1.93
C TRP B 659 -33.72 19.60 1.59
N THR B 660 -34.26 20.32 2.56
CA THR B 660 -34.84 21.64 2.26
C THR B 660 -33.76 22.63 1.74
N LEU B 661 -32.50 22.39 2.12
CA LEU B 661 -31.41 23.28 1.73
C LEU B 661 -31.06 23.23 0.22
N LEU B 662 -31.57 22.24 -0.51
CA LEU B 662 -31.34 22.19 -1.96
C LEU B 662 -31.96 23.38 -2.72
N GLN B 663 -32.87 24.08 -2.02
CA GLN B 663 -33.41 25.39 -2.43
C GLN B 663 -32.35 26.43 -2.79
N GLN B 664 -31.20 26.33 -2.11
CA GLN B 664 -30.12 27.27 -2.27
C GLN B 664 -29.28 26.98 -3.50
N PHE B 665 -29.62 25.91 -4.22
CA PHE B 665 -28.83 25.44 -5.35
C PHE B 665 -29.65 25.23 -6.62
N PRO B 666 -30.06 26.36 -7.24
CA PRO B 666 -30.97 26.27 -8.41
C PRO B 666 -30.32 25.62 -9.64
N ARG B 667 -29.01 25.40 -9.60
CA ARG B 667 -28.29 24.82 -10.75
C ARG B 667 -27.87 23.36 -10.54
N LEU B 668 -28.21 22.78 -9.38
CA LEU B 668 -27.77 21.44 -9.04
C LEU B 668 -28.42 20.40 -9.94
N GLU B 669 -27.59 19.59 -10.59
CA GLU B 669 -28.08 18.60 -11.52
C GLU B 669 -27.82 17.21 -11.02
N LEU B 670 -26.69 17.04 -10.30
CA LEU B 670 -26.32 15.75 -9.74
C LEU B 670 -25.94 15.82 -8.25
N LEU B 671 -26.56 14.96 -7.47
CA LEU B 671 -26.29 14.85 -6.06
C LEU B 671 -26.01 13.38 -5.80
N ASP B 672 -24.78 13.11 -5.34
CA ASP B 672 -24.27 11.78 -5.13
C ASP B 672 -24.09 11.57 -3.63
N LEU B 673 -24.95 10.75 -3.05
CA LEU B 673 -24.95 10.48 -1.61
C LEU B 673 -24.66 9.01 -1.32
N ARG B 674 -24.11 8.32 -2.33
CA ARG B 674 -23.79 6.91 -2.21
C ARG B 674 -22.87 6.63 -1.04
N GLY B 675 -22.98 5.42 -0.49
CA GLY B 675 -22.08 4.94 0.57
C GLY B 675 -22.09 5.69 1.89
N ASN B 676 -23.26 6.12 2.34
CA ASN B 676 -23.40 6.76 3.65
C ASN B 676 -24.35 5.93 4.51
N LYS B 677 -24.93 6.54 5.53
CA LYS B 677 -25.80 5.81 6.46
C LYS B 677 -27.17 6.46 6.60
N LEU B 678 -27.72 6.94 5.48
CA LEU B 678 -28.98 7.69 5.51
C LEU B 678 -30.20 6.79 5.56
N LEU B 679 -31.21 7.22 6.32
CA LEU B 679 -32.49 6.52 6.40
C LEU B 679 -33.68 7.39 5.98
N PHE B 680 -33.45 8.70 5.93
CA PHE B 680 -34.51 9.70 5.85
C PHE B 680 -34.59 10.34 4.46
N LEU B 681 -35.71 10.09 3.78
CA LEU B 681 -36.07 10.77 2.52
C LEU B 681 -37.27 11.70 2.75
N THR B 682 -37.20 12.91 2.21
CA THR B 682 -38.28 13.89 2.33
C THR B 682 -39.41 13.52 1.39
N ASP B 683 -40.65 13.79 1.79
CA ASP B 683 -41.81 13.54 0.92
C ASP B 683 -42.01 14.59 -0.18
N SER B 684 -41.28 15.69 -0.09
CA SER B 684 -41.51 16.82 -0.99
C SER B 684 -40.25 17.37 -1.67
N LEU B 685 -39.52 16.49 -2.37
CA LEU B 685 -38.34 16.89 -3.14
C LEU B 685 -38.64 18.02 -4.13
N SER B 686 -39.78 17.94 -4.81
CA SER B 686 -40.28 18.95 -5.75
C SER B 686 -40.23 20.38 -5.24
N ASP B 687 -40.52 20.54 -3.95
CA ASP B 687 -40.56 21.84 -3.28
C ASP B 687 -39.19 22.48 -3.05
N PHE B 688 -38.13 21.68 -3.20
CA PHE B 688 -36.78 22.15 -2.88
C PHE B 688 -35.90 22.28 -4.09
N THR B 689 -36.27 21.61 -5.18
CA THR B 689 -35.48 21.64 -6.40
C THR B 689 -36.30 21.46 -7.67
N SER B 690 -35.99 22.24 -8.69
CA SER B 690 -36.51 21.95 -10.01
C SER B 690 -35.35 21.83 -11.00
N SER B 691 -34.16 21.60 -10.49
CA SER B 691 -32.97 21.44 -11.32
C SER B 691 -32.41 20.02 -11.24
N LEU B 692 -32.62 19.35 -10.11
CA LEU B 692 -31.99 18.05 -9.85
C LEU B 692 -32.36 17.00 -10.87
N ARG B 693 -31.35 16.45 -11.55
CA ARG B 693 -31.56 15.46 -12.61
C ARG B 693 -31.23 14.05 -12.13
N THR B 694 -30.11 13.91 -11.41
CA THR B 694 -29.63 12.61 -10.96
C THR B 694 -29.46 12.60 -9.45
N LEU B 695 -30.05 11.61 -8.80
CA LEU B 695 -29.94 11.49 -7.36
C LEU B 695 -29.48 10.08 -7.00
N LEU B 696 -28.26 9.98 -6.50
CA LEU B 696 -27.66 8.68 -6.23
C LEU B 696 -27.62 8.41 -4.75
N LEU B 697 -28.30 7.34 -4.36
CA LEU B 697 -28.55 7.02 -2.96
C LEU B 697 -28.18 5.59 -2.58
N SER B 698 -27.57 4.88 -3.52
CA SER B 698 -27.19 3.49 -3.28
C SER B 698 -26.22 3.34 -2.12
N HIS B 699 -26.23 2.16 -1.53
CA HIS B 699 -25.41 1.87 -0.34
C HIS B 699 -25.67 2.81 0.80
N ASN B 700 -26.93 2.94 1.18
CA ASN B 700 -27.28 3.67 2.40
C ASN B 700 -27.98 2.80 3.45
N ARG B 701 -29.12 3.25 3.97
CA ARG B 701 -29.90 2.45 4.92
C ARG B 701 -31.42 2.71 4.81
N ILE B 702 -31.87 3.23 3.68
CA ILE B 702 -33.29 3.59 3.55
C ILE B 702 -34.22 2.38 3.40
N SER B 703 -35.32 2.41 4.12
CA SER B 703 -36.30 1.32 4.14
C SER B 703 -37.72 1.76 3.74
N HIS B 704 -37.94 3.08 3.65
CA HIS B 704 -39.24 3.62 3.31
C HIS B 704 -39.16 4.74 2.29
N LEU B 705 -39.95 4.64 1.23
CA LEU B 705 -40.18 5.76 0.31
C LEU B 705 -41.46 6.51 0.68
N PRO B 706 -41.33 7.83 0.94
CA PRO B 706 -42.49 8.63 1.34
C PRO B 706 -43.49 8.73 0.22
N SER B 707 -44.77 8.89 0.56
CA SER B 707 -45.82 9.07 -0.44
C SER B 707 -45.57 10.34 -1.25
N GLY B 708 -45.67 10.23 -2.56
CA GLY B 708 -45.31 11.33 -3.46
C GLY B 708 -43.79 11.39 -3.62
N PHE B 709 -43.22 10.29 -4.10
CA PHE B 709 -41.78 10.20 -4.28
C PHE B 709 -41.42 9.32 -5.47
N SER B 714 -39.98 15.77 -9.88
CA SER B 714 -40.39 16.34 -11.16
C SER B 714 -39.22 16.43 -12.11
N SER B 715 -38.18 17.15 -11.67
CA SER B 715 -36.92 17.30 -12.41
C SER B 715 -36.19 15.96 -12.65
N LEU B 716 -36.28 15.10 -11.66
CA LEU B 716 -35.52 13.86 -11.60
C LEU B 716 -35.68 12.99 -12.85
N LYS B 717 -34.55 12.53 -13.38
CA LYS B 717 -34.51 11.60 -14.52
C LYS B 717 -33.89 10.28 -14.08
N HIS B 718 -33.04 10.35 -13.06
CA HIS B 718 -32.27 9.21 -12.61
C HIS B 718 -32.26 9.14 -11.11
N LEU B 719 -32.95 8.15 -10.57
CA LEU B 719 -32.93 7.91 -9.14
C LEU B 719 -32.33 6.54 -8.84
N ASP B 720 -31.24 6.52 -8.08
CA ASP B 720 -30.56 5.27 -7.73
C ASP B 720 -30.81 4.93 -6.27
N LEU B 721 -31.55 3.85 -6.06
CA LEU B 721 -31.89 3.39 -4.71
C LEU B 721 -31.44 1.97 -4.51
N SER B 722 -30.59 1.50 -5.44
CA SER B 722 -30.02 0.16 -5.37
C SER B 722 -29.23 -0.01 -4.07
N SER B 723 -28.96 -1.24 -3.67
CA SER B 723 -28.27 -1.55 -2.41
C SER B 723 -28.78 -0.76 -1.21
N ASN B 724 -30.09 -0.74 -1.04
CA ASN B 724 -30.68 -0.17 0.17
C ASN B 724 -31.36 -1.23 1.05
N LEU B 725 -32.32 -0.82 1.89
CA LEU B 725 -33.06 -1.76 2.75
C LEU B 725 -34.59 -1.70 2.49
N LEU B 726 -34.97 -1.50 1.24
CA LEU B 726 -36.39 -1.47 0.86
C LEU B 726 -37.02 -2.86 0.80
N LYS B 727 -37.99 -3.09 1.69
CA LYS B 727 -38.78 -4.32 1.70
C LYS B 727 -39.97 -4.18 0.78
N THR B 728 -40.44 -2.95 0.59
CA THR B 728 -41.56 -2.68 -0.30
C THR B 728 -41.64 -1.20 -0.65
N ILE B 729 -42.31 -0.95 -1.77
CA ILE B 729 -42.83 0.35 -2.14
C ILE B 729 -44.33 0.18 -1.95
N ASN B 730 -44.96 1.10 -1.20
CA ASN B 730 -46.39 0.97 -0.94
C ASN B 730 -47.27 1.71 -1.94
N LYS B 731 -48.58 1.47 -1.84
CA LYS B 731 -49.61 2.12 -2.67
C LYS B 731 -49.44 3.65 -2.73
N SER B 732 -49.31 4.28 -1.55
CA SER B 732 -49.27 5.73 -1.43
C SER B 732 -48.06 6.38 -2.10
N ALA B 733 -46.96 5.64 -2.22
CA ALA B 733 -45.72 6.14 -2.83
C ALA B 733 -45.82 6.32 -4.36
N LEU B 734 -46.97 5.96 -4.92
CA LEU B 734 -47.17 5.85 -6.38
C LEU B 734 -48.26 6.79 -6.89
N GLU B 735 -47.96 7.49 -7.99
CA GLU B 735 -48.89 8.47 -8.60
C GLU B 735 -48.67 8.67 -10.11
N THR B 736 -49.66 8.28 -10.89
CA THR B 736 -49.69 8.49 -12.36
C THR B 736 -49.79 10.03 -12.64
N LYS B 737 -49.53 10.52 -13.85
CA LYS B 737 -49.34 9.76 -15.09
C LYS B 737 -48.00 10.04 -15.77
N THR B 738 -47.76 9.29 -16.85
CA THR B 738 -46.44 9.20 -17.49
C THR B 738 -45.78 10.53 -17.90
N THR B 739 -46.41 11.27 -18.81
CA THR B 739 -45.75 12.41 -19.50
C THR B 739 -44.34 12.00 -20.01
N THR B 740 -43.31 12.19 -19.20
CA THR B 740 -42.00 11.53 -19.35
C THR B 740 -41.34 11.34 -17.97
N LYS B 741 -41.55 12.32 -17.09
CA LYS B 741 -41.07 12.29 -15.70
C LYS B 741 -39.63 11.76 -15.58
N LEU B 742 -39.44 10.77 -14.71
CA LEU B 742 -38.15 10.09 -14.57
C LEU B 742 -38.03 8.91 -15.53
N SER B 743 -36.83 8.71 -16.03
CA SER B 743 -36.59 7.73 -17.07
C SER B 743 -35.58 6.66 -16.62
N MET B 744 -35.22 6.65 -15.33
CA MET B 744 -34.40 5.56 -14.77
C MET B 744 -34.45 5.44 -13.25
N LEU B 745 -34.81 4.23 -12.80
CA LEU B 745 -34.86 3.91 -11.39
C LEU B 745 -34.11 2.60 -11.13
N GLU B 746 -33.17 2.61 -10.18
CA GLU B 746 -32.37 1.42 -9.80
C GLU B 746 -32.80 0.94 -8.43
N LEU B 747 -32.97 -0.38 -8.30
CA LEU B 747 -33.52 -1.00 -7.09
C LEU B 747 -32.90 -2.34 -6.75
N HIS B 748 -32.00 -2.84 -7.62
CA HIS B 748 -31.31 -4.10 -7.33
C HIS B 748 -30.59 -4.05 -6.03
N GLY B 749 -30.37 -5.22 -5.41
CA GLY B 749 -29.72 -5.32 -4.11
C GLY B 749 -30.57 -4.91 -2.91
N ASN B 750 -31.89 -4.73 -3.10
CA ASN B 750 -32.82 -4.48 -1.97
C ASN B 750 -33.48 -5.77 -1.43
N PRO B 751 -33.66 -5.88 -0.09
CA PRO B 751 -34.28 -7.08 0.49
C PRO B 751 -35.82 -7.05 0.43
N PHE B 752 -36.34 -7.02 -0.80
CA PHE B 752 -37.76 -6.89 -1.08
C PHE B 752 -38.60 -8.02 -0.45
N GLU B 753 -39.74 -7.63 0.11
CA GLU B 753 -40.72 -8.57 0.63
C GLU B 753 -41.63 -8.99 -0.51
N CYS B 754 -41.63 -10.28 -0.83
CA CYS B 754 -42.45 -10.77 -1.94
C CYS B 754 -43.74 -11.44 -1.47
N THR B 755 -44.68 -10.62 -1.00
CA THR B 755 -46.01 -11.03 -0.61
C THR B 755 -46.98 -10.37 -1.60
N CYS B 756 -48.16 -9.98 -1.11
CA CYS B 756 -49.14 -9.30 -1.95
C CYS B 756 -48.90 -7.78 -2.01
N ASP B 757 -48.18 -7.26 -1.01
CA ASP B 757 -47.83 -5.84 -0.93
C ASP B 757 -47.13 -5.39 -2.21
N ILE B 758 -46.19 -6.23 -2.66
CA ILE B 758 -45.35 -5.95 -3.83
C ILE B 758 -46.13 -5.93 -5.14
N GLY B 759 -47.34 -6.48 -5.12
CA GLY B 759 -48.22 -6.53 -6.30
C GLY B 759 -48.60 -5.14 -6.77
N ASP B 760 -48.80 -4.23 -5.82
CA ASP B 760 -49.20 -2.85 -6.11
C ASP B 760 -48.08 -2.16 -6.90
N PHE B 761 -46.85 -2.56 -6.60
CA PHE B 761 -45.67 -2.07 -7.32
C PHE B 761 -45.51 -2.77 -8.67
N ARG B 762 -45.75 -4.07 -8.67
CA ARG B 762 -45.67 -4.89 -9.89
C ARG B 762 -46.63 -4.43 -10.99
N ARG B 763 -47.67 -3.68 -10.60
CA ARG B 763 -48.61 -3.10 -11.57
C ARG B 763 -48.19 -1.71 -12.04
N TRP B 764 -47.64 -0.91 -11.12
CA TRP B 764 -47.10 0.44 -11.46
C TRP B 764 -45.98 0.37 -12.45
N MET B 765 -45.25 -0.74 -12.39
CA MET B 765 -44.14 -0.98 -13.27
C MET B 765 -44.62 -1.15 -14.70
N ASP B 766 -45.67 -1.95 -14.88
CA ASP B 766 -46.29 -2.15 -16.18
C ASP B 766 -46.97 -0.88 -16.68
N GLU B 767 -47.41 -0.02 -15.76
CA GLU B 767 -48.16 1.19 -16.11
C GLU B 767 -47.30 2.37 -16.55
N HIS B 768 -45.98 2.28 -16.34
CA HIS B 768 -45.01 3.30 -16.77
C HIS B 768 -43.83 2.70 -17.48
N LEU B 769 -43.96 2.45 -18.79
CA LEU B 769 -42.91 1.78 -19.55
C LEU B 769 -41.70 2.66 -19.87
N ASN B 770 -41.88 3.98 -19.91
CA ASN B 770 -40.76 4.88 -20.16
C ASN B 770 -39.87 5.06 -18.91
N VAL B 771 -40.22 4.35 -17.84
CA VAL B 771 -39.41 4.31 -16.62
C VAL B 771 -38.54 3.06 -16.66
N LYS B 772 -37.31 3.21 -17.14
CA LYS B 772 -36.38 2.08 -17.29
C LYS B 772 -35.83 1.59 -15.94
N ILE B 773 -35.89 0.29 -15.73
CA ILE B 773 -35.25 -0.34 -14.58
C ILE B 773 -34.22 -1.36 -15.07
N PRO B 774 -32.96 -1.21 -14.63
CA PRO B 774 -31.92 -2.12 -15.09
C PRO B 774 -31.69 -3.30 -14.16
N ARG B 775 -30.90 -4.27 -14.63
CA ARG B 775 -30.47 -5.41 -13.82
C ARG B 775 -31.67 -6.00 -13.11
N LEU B 776 -32.76 -6.17 -13.87
CA LEU B 776 -34.03 -6.67 -13.35
C LEU B 776 -33.83 -8.01 -12.68
N VAL B 777 -32.92 -8.81 -13.22
CA VAL B 777 -32.53 -10.09 -12.60
C VAL B 777 -31.92 -9.97 -11.19
N ASP B 778 -31.40 -8.79 -10.83
CA ASP B 778 -30.78 -8.59 -9.52
C ASP B 778 -31.67 -7.82 -8.54
N VAL B 779 -32.88 -7.48 -8.98
CA VAL B 779 -33.94 -6.96 -8.12
C VAL B 779 -34.63 -8.19 -7.50
N ILE B 780 -34.22 -8.53 -6.27
CA ILE B 780 -34.40 -9.89 -5.73
C ILE B 780 -35.12 -9.99 -4.36
N CYS B 781 -36.06 -10.95 -4.26
CA CYS B 781 -36.79 -11.26 -3.01
C CYS B 781 -35.92 -11.73 -1.85
N ALA B 782 -36.24 -11.24 -0.65
CA ALA B 782 -35.67 -11.79 0.58
C ALA B 782 -36.76 -12.49 1.41
N SER B 783 -38.02 -12.11 1.18
CA SER B 783 -39.19 -12.68 1.86
C SER B 783 -40.22 -13.18 0.86
N PRO B 784 -40.87 -14.33 1.17
CA PRO B 784 -40.63 -15.26 2.28
C PRO B 784 -39.57 -16.32 1.95
N GLY B 785 -39.53 -17.40 2.74
CA GLY B 785 -38.47 -18.42 2.68
C GLY B 785 -38.17 -19.04 1.31
N ASP B 786 -39.23 -19.39 0.58
CA ASP B 786 -39.07 -19.99 -0.75
C ASP B 786 -38.71 -18.96 -1.82
N GLN B 787 -39.13 -17.71 -1.59
CA GLN B 787 -38.91 -16.60 -2.53
C GLN B 787 -37.47 -16.10 -2.62
N ARG B 788 -36.73 -16.22 -1.53
CA ARG B 788 -35.30 -15.94 -1.54
C ARG B 788 -34.62 -17.05 -2.36
N GLY B 789 -33.94 -16.68 -3.43
CA GLY B 789 -33.84 -15.30 -3.89
C GLY B 789 -34.20 -15.24 -5.36
N LYS B 790 -35.48 -15.49 -5.65
CA LYS B 790 -36.05 -15.27 -6.97
C LYS B 790 -36.12 -13.77 -7.27
N SER B 791 -36.14 -13.41 -8.55
CA SER B 791 -36.40 -12.04 -8.98
C SER B 791 -37.81 -11.62 -8.53
N ILE B 792 -38.14 -10.35 -8.66
CA ILE B 792 -39.49 -9.89 -8.31
C ILE B 792 -40.40 -9.73 -9.54
N VAL B 793 -40.08 -10.44 -10.62
CA VAL B 793 -41.01 -10.58 -11.75
C VAL B 793 -42.02 -11.70 -11.47
N SER B 794 -41.77 -12.46 -10.40
CA SER B 794 -42.69 -13.50 -9.92
C SER B 794 -43.51 -13.02 -8.73
C1 NAG C . 16.31 14.88 24.75
C2 NAG C . 15.02 14.06 24.65
C3 NAG C . 14.78 13.11 25.85
C4 NAG C . 16.02 12.30 26.23
C5 NAG C . 17.17 13.29 26.32
C6 NAG C . 18.45 12.54 26.62
C7 NAG C . 12.97 14.76 23.67
C8 NAG C . 11.79 15.66 23.84
N2 NAG C . 13.88 14.91 24.62
O3 NAG C . 13.73 12.22 25.54
O4 NAG C . 15.94 11.72 27.50
O5 NAG C . 17.33 13.95 25.07
O6 NAG C . 18.64 11.57 25.60
O7 NAG C . 13.10 13.94 22.72
C1 NAG C . 15.46 10.38 27.55
C2 NAG C . 15.92 9.71 28.82
C3 NAG C . 15.35 8.29 28.83
C4 NAG C . 13.83 8.21 28.58
C5 NAG C . 13.49 9.07 27.38
C6 NAG C . 11.99 9.07 27.20
C7 NAG C . 17.92 9.66 30.14
C8 NAG C . 19.41 9.37 30.17
N2 NAG C . 17.35 9.50 28.94
O3 NAG C . 15.65 7.67 30.03
O4 NAG C . 13.53 6.89 28.19
O5 NAG C . 14.06 10.38 27.56
O6 NAG C . 11.36 10.07 28.02
O7 NAG C . 17.30 10.03 31.16
C1 BMA C . 13.08 6.08 29.13
C2 BMA C . 12.01 5.19 28.51
C3 BMA C . 11.32 4.33 29.56
C4 BMA C . 12.35 3.62 30.43
C5 BMA C . 13.40 4.59 30.94
C6 BMA C . 14.47 3.87 31.75
O2 BMA C . 12.60 4.36 27.51
O3 BMA C . 10.49 3.37 28.92
O4 BMA C . 11.69 3.00 31.55
O5 BMA C . 14.01 5.26 29.84
O6 BMA C . 15.01 4.76 32.73
C1 NAG D . 16.76 -3.57 6.05
C2 NAG D . 16.40 -3.90 7.51
C3 NAG D . 14.89 -3.80 7.70
C4 NAG D . 14.44 -2.40 7.25
C5 NAG D . 14.86 -2.22 5.79
C6 NAG D . 14.39 -0.92 5.18
C7 NAG D . 17.71 -5.57 8.68
C8 NAG D . 18.15 -7.00 8.71
N2 NAG D . 16.89 -5.22 7.71
O3 NAG D . 14.59 -4.09 9.06
O4 NAG D . 13.02 -2.30 7.25
O5 NAG D . 16.26 -2.30 5.72
O6 NAG D . 15.10 0.14 5.77
O7 NAG D . 18.08 -4.80 9.54
C1 NAG D . 12.56 -1.47 8.31
C2 NAG D . 11.16 -1.00 8.00
C3 NAG D . 10.63 -0.17 9.16
C4 NAG D . 10.58 -1.02 10.40
C5 NAG D . 11.85 -1.82 10.65
C6 NAG D . 11.38 -3.15 11.18
C7 NAG D . 10.44 -0.49 5.76
C8 NAG D . 10.48 0.40 4.54
N2 NAG D . 11.18 -0.17 6.80
O3 NAG D . 9.31 0.25 8.97
O4 NAG D . 10.40 -0.16 11.50
O5 NAG D . 12.62 -2.19 9.51
O6 NAG D . 12.11 -3.33 12.35
O7 NAG D . 9.74 -1.48 5.77
C1 BMA D . 9.11 -0.29 12.14
C2 BMA D . 9.36 -0.30 13.64
C3 BMA D . 8.05 -0.53 14.39
C4 BMA D . 6.99 0.50 13.95
C5 BMA D . 6.96 0.77 12.44
C6 BMA D . 6.26 2.10 12.16
O2 BMA D . 9.93 0.97 14.01
O3 BMA D . 8.28 -0.49 15.81
O4 BMA D . 5.73 -0.08 14.27
O5 BMA D . 8.26 0.81 11.83
O6 BMA D . 6.01 2.20 10.76
C1 NAG E . 11.27 -13.47 7.54
C2 NAG E . 10.86 -12.15 8.18
C3 NAG E . 11.79 -11.93 9.38
C4 NAG E . 11.79 -13.09 10.37
C5 NAG E . 12.21 -14.33 9.58
C6 NAG E . 12.25 -15.58 10.47
C7 NAG E . 10.10 -10.19 6.95
C8 NAG E . 10.36 -8.97 6.09
N2 NAG E . 11.09 -10.97 7.33
O3 NAG E . 11.45 -10.71 9.98
O4 NAG E . 12.80 -12.76 11.32
O5 NAG E . 11.32 -14.51 8.51
O6 NAG E . 10.96 -15.95 10.91
O7 NAG E . 8.97 -10.48 7.31
C1 NAG E . 12.38 -13.14 12.63
C2 NAG E . 13.59 -13.09 13.52
C3 NAG E . 13.15 -13.39 14.94
C4 NAG E . 12.03 -12.47 15.36
C5 NAG E . 10.91 -12.41 14.35
C6 NAG E . 10.20 -11.08 14.58
C7 NAG E . 15.73 -13.75 12.70
C8 NAG E . 16.73 -14.83 12.37
N2 NAG E . 14.56 -14.11 13.18
O3 NAG E . 14.21 -13.05 15.76
O4 NAG E . 11.47 -12.90 16.58
O5 NAG E . 11.34 -12.31 13.04
O6 NAG E . 8.95 -11.49 14.15
O7 NAG E . 16.02 -12.56 12.51
C1 BMA E . 11.41 -11.82 17.53
C2 BMA E . 10.44 -12.23 18.62
C3 BMA E . 10.40 -11.15 19.71
C4 BMA E . 11.80 -10.87 20.26
C5 BMA E . 12.69 -10.42 19.10
C6 BMA E . 14.12 -9.97 19.51
O2 BMA E . 10.93 -13.47 19.12
O3 BMA E . 9.40 -11.35 20.73
O4 BMA E . 11.67 -9.77 21.17
O5 BMA E . 12.70 -11.45 18.07
O6 BMA E . 15.04 -11.03 19.91
C1 NAG F . 2.22 -6.96 -32.49
C2 NAG F . 1.15 -7.24 -31.43
C3 NAG F . -0.27 -7.06 -31.93
C4 NAG F . -0.49 -5.74 -32.68
C5 NAG F . 0.71 -5.40 -33.55
C6 NAG F . 0.64 -3.92 -33.92
C7 NAG F . 1.27 -8.71 -29.53
C8 NAG F . 1.29 -10.11 -29.01
N2 NAG F . 1.22 -8.56 -30.86
O3 NAG F . -1.04 -7.05 -30.78
O4 NAG F . -1.68 -5.70 -33.46
O5 NAG F . 2.00 -5.66 -32.96
O6 NAG F . 1.50 -3.85 -35.05
O7 NAG F . 1.31 -7.77 -28.73
C1 NAG F . -2.72 -4.95 -32.80
C2 NAG F . -3.73 -4.40 -33.81
C3 NAG F . -4.85 -3.63 -33.08
C4 NAG F . -5.47 -4.46 -31.96
C5 NAG F . -4.33 -4.92 -31.06
C6 NAG F . -4.87 -5.70 -29.89
C7 NAG F . -3.44 -3.53 -36.04
C8 NAG F . -2.80 -2.54 -36.94
N2 NAG F . -3.12 -3.46 -34.74
O3 NAG F . -5.82 -3.21 -34.00
O4 NAG F . -6.42 -3.72 -31.23
O5 NAG F . -3.40 -5.71 -31.80
O6 NAG F . -5.18 -6.97 -30.36
O7 NAG F . -4.22 -4.35 -36.48
C1 NAG G . 2.27 11.49 -13.94
C2 NAG G . 1.02 11.09 -14.70
C3 NAG G . 0.24 10.08 -13.89
C4 NAG G . 1.16 8.91 -13.55
C5 NAG G . 2.38 9.41 -12.77
C6 NAG G . 3.34 8.25 -12.48
C7 NAG G . -0.04 12.90 -15.98
C8 NAG G . -0.78 14.22 -15.90
N2 NAG G . 0.28 12.33 -14.81
O3 NAG G . -0.90 9.65 -14.61
O4 NAG G . 0.45 7.98 -12.75
O5 NAG G . 3.07 10.42 -13.51
O6 NAG G . 3.90 7.69 -13.65
O7 NAG G . 0.24 12.36 -17.05
C1 NAG G . 0.11 6.78 -13.47
C2 NAG G . -0.02 5.61 -12.51
C3 NAG G . -0.45 4.37 -13.26
C4 NAG G . -1.73 4.59 -14.04
C5 NAG G . -1.75 5.92 -14.78
C6 NAG G . -3.20 6.32 -14.89
C7 NAG G . 1.36 5.35 -10.54
C8 NAG G . 2.68 4.93 -9.95
N2 NAG G . 1.23 5.25 -11.86
O3 NAG G . -0.68 3.33 -12.35
O4 NAG G . -1.83 3.55 -14.99
O5 NAG G . -1.07 7.01 -14.18
O6 NAG G . -3.31 6.98 -16.11
O7 NAG G . 0.45 5.75 -9.80
C1 BMA G . -2.96 2.69 -14.73
C2 BMA G . -3.75 2.46 -16.02
C3 BMA G . -4.90 1.47 -15.84
C4 BMA G . -4.52 0.26 -14.96
C5 BMA G . -3.77 0.72 -13.70
C6 BMA G . -3.39 -0.42 -12.73
O2 BMA G . -2.87 1.98 -17.03
O3 BMA G . -5.35 1.05 -17.16
O4 BMA G . -5.72 -0.42 -14.56
O5 BMA G . -2.60 1.43 -14.13
O6 BMA G . -2.27 -1.15 -13.21
C1 NAG H . -7.49 15.05 -9.33
C2 NAG H . -7.23 13.67 -9.95
C3 NAG H . -7.36 13.75 -11.48
C4 NAG H . -8.66 14.38 -11.90
C5 NAG H . -8.77 15.75 -11.24
C6 NAG H . -10.09 16.43 -11.58
C7 NAG H . -5.83 11.91 -8.98
C8 NAG H . -4.47 11.30 -8.72
N2 NAG H . -5.93 13.08 -9.67
O3 NAG H . -7.35 12.46 -12.00
O4 NAG H . -8.63 14.45 -13.29
O5 NAG H . -8.74 15.50 -9.85
O6 NAG H . -11.17 15.68 -11.08
O7 NAG H . -6.83 11.33 -8.59
C1 NAG H . -9.91 14.21 -13.87
C2 NAG H . -9.86 14.71 -15.32
C3 NAG H . -11.08 14.28 -16.15
C4 NAG H . -11.31 12.77 -15.99
C5 NAG H . -11.27 12.28 -14.55
C6 NAG H . -10.96 10.79 -14.60
C7 NAG H . -8.77 16.82 -15.77
C8 NAG H . -8.81 18.32 -15.65
N2 NAG H . -9.78 16.15 -15.27
O3 NAG H . -10.81 14.59 -17.49
O4 NAG H . -12.54 12.37 -16.52
O5 NAG H . -10.23 12.84 -13.76
O6 NAG H . -11.43 10.28 -13.39
O7 NAG H . -7.85 16.26 -16.34
C1 BMA H . -12.41 11.57 -17.71
C2 BMA H . -13.67 10.72 -17.69
C3 BMA H . -13.76 9.84 -18.93
C4 BMA H . -13.54 10.64 -20.19
C5 BMA H . -12.28 11.50 -20.07
C6 BMA H . -12.11 12.38 -21.31
O2 BMA H . -14.82 11.57 -17.62
O3 BMA H . -15.06 9.21 -18.97
O4 BMA H . -13.41 9.75 -21.30
O5 BMA H . -12.38 12.33 -18.92
O6 BMA H . -11.27 11.69 -22.26
C1 NAG I . 37.24 2.89 24.28
C2 NAG I . 37.78 3.82 25.36
C3 NAG I . 38.42 3.06 26.53
C4 NAG I . 37.49 1.92 26.99
C5 NAG I . 37.13 1.06 25.78
C6 NAG I . 36.22 -0.15 26.07
C7 NAG I . 38.47 6.11 24.86
C8 NAG I . 37.32 6.62 25.69
N2 NAG I . 38.67 4.79 24.74
O3 NAG I . 38.64 4.02 27.55
O4 NAG I . 38.14 1.08 27.91
O5 NAG I . 36.44 1.89 24.88
O6 NAG I . 35.03 0.33 26.67
O7 NAG I . 39.23 6.90 24.32
C1 NAG J . 24.24 -20.34 -13.55
C2 NAG J . 24.02 -20.60 -15.05
C3 NAG J . 25.37 -21.02 -15.66
C4 NAG J . 26.42 -19.96 -15.41
C5 NAG J . 26.44 -19.52 -13.94
C6 NAG J . 27.24 -18.22 -13.79
C7 NAG J . 21.81 -21.35 -15.80
C8 NAG J . 20.85 -22.51 -15.89
N2 NAG J . 22.99 -21.61 -15.22
O3 NAG J . 25.29 -21.18 -17.05
O4 NAG J . 27.66 -20.56 -15.67
O5 NAG J . 25.13 -19.29 -13.43
O6 NAG J . 26.51 -17.10 -14.27
O7 NAG J . 21.49 -20.26 -16.26
C1 NAG K . 43.79 6.22 7.91
C2 NAG K . 44.18 7.32 6.93
C3 NAG K . 45.31 8.20 7.45
C4 NAG K . 45.11 8.64 8.90
C5 NAG K . 44.63 7.49 9.78
C6 NAG K . 44.25 8.03 11.16
C7 NAG K . 43.79 6.83 4.58
C8 NAG K . 44.33 6.13 3.35
N2 NAG K . 44.55 6.71 5.67
O3 NAG K . 45.43 9.36 6.66
O4 NAG K . 46.32 9.12 9.41
O5 NAG K . 43.53 6.85 9.16
O6 NAG K . 44.53 7.05 12.13
O7 NAG K . 42.75 7.48 4.55
C1 NAG L . 19.67 -28.11 13.57
C2 NAG L . 21.05 -27.49 13.40
C3 NAG L . 21.65 -27.07 14.73
C4 NAG L . 20.73 -26.17 15.51
C5 NAG L . 19.40 -26.89 15.68
C6 NAG L . 18.45 -25.90 16.33
C7 NAG L . 22.70 -28.33 11.81
C8 NAG L . 23.46 -29.52 11.27
N2 NAG L . 21.87 -28.54 12.84
O3 NAG L . 22.80 -26.39 14.47
O4 NAG L . 21.30 -26.11 16.79
O5 NAG L . 18.87 -27.34 14.44
O6 NAG L . 17.27 -26.63 16.49
O7 NAG L . 22.87 -27.22 11.30
C1 NAG M . -7.47 -38.65 7.57
C2 NAG M . -8.43 -39.33 6.59
C3 NAG M . -8.60 -40.83 6.87
C4 NAG M . -7.25 -41.51 7.06
C5 NAG M . -6.52 -40.74 8.18
C6 NAG M . -5.29 -41.47 8.70
C7 NAG M . -10.17 -37.94 5.56
C8 NAG M . -11.59 -37.43 5.69
N2 NAG M . -9.74 -38.73 6.56
O3 NAG M . -9.33 -41.42 5.82
O4 NAG M . -7.37 -42.88 7.40
O5 NAG M . -6.28 -39.40 7.74
O6 NAG M . -4.31 -41.61 7.69
O7 NAG M . -9.49 -37.62 4.57
C1 NAG N . 28.12 -25.38 -3.46
C2 NAG N . 28.54 -26.76 -3.97
C3 NAG N . 30.04 -26.73 -4.28
C4 NAG N . 30.36 -25.62 -5.28
C5 NAG N . 29.79 -24.27 -4.81
C6 NAG N . 29.87 -23.21 -5.91
C7 NAG N . 27.11 -28.45 -2.91
C8 NAG N . 27.02 -29.50 -1.83
N2 NAG N . 28.27 -27.79 -2.98
O3 NAG N . 30.48 -27.98 -4.79
O4 NAG N . 31.76 -25.56 -5.39
O5 NAG N . 28.44 -24.38 -4.41
O6 NAG N . 28.87 -23.39 -6.89
O7 NAG N . 26.13 -28.21 -3.66
O6 BU3 O . 13.29 -26.46 -0.66
C3 BU3 O . 11.90 -26.76 -0.83
C4 BU3 O . 11.53 -26.83 -2.32
C2 BU3 O . 11.11 -25.64 -0.22
O5 BU3 O . 10.30 -25.10 -1.30
C1 BU3 O . 12.05 -24.60 0.36
C1 NAG P . 5.20 14.92 -41.56
C2 NAG P . 5.26 14.35 -42.98
C3 NAG P . 4.65 15.37 -43.93
C4 NAG P . 3.24 15.80 -43.47
C5 NAG P . 3.18 16.10 -41.96
C6 NAG P . 1.75 16.22 -41.44
C7 NAG P . 7.08 12.87 -43.78
C8 NAG P . 6.16 11.69 -43.80
N2 NAG P . 6.63 14.07 -43.40
O3 NAG P . 4.65 14.80 -45.22
O4 NAG P . 2.88 16.94 -44.20
O5 NAG P . 3.84 15.09 -41.21
O6 NAG P . 1.35 15.02 -40.82
O7 NAG P . 8.25 12.75 -44.11
C1 NAG Q . 7.32 33.44 1.14
C2 NAG Q . 7.90 33.80 2.52
C3 NAG Q . 8.87 34.99 2.46
C4 NAG Q . 9.77 34.98 1.23
C5 NAG Q . 9.04 34.54 -0.03
C6 NAG Q . 10.01 34.33 -1.20
C7 NAG Q . 6.47 33.38 4.47
C8 NAG Q . 5.34 33.91 5.33
N2 NAG Q . 6.84 34.13 3.45
O3 NAG Q . 9.72 34.93 3.59
O4 NAG Q . 10.30 36.27 1.07
O5 NAG Q . 8.37 33.32 0.22
O6 NAG Q . 10.85 33.21 -0.94
O7 NAG Q . 6.98 32.29 4.76
C1 NAG R . -32.94 22.47 7.61
C2 NAG R . -33.43 22.48 9.06
C3 NAG R . -34.43 23.63 9.27
C4 NAG R . -33.77 24.96 8.94
C5 NAG R . -33.17 24.92 7.53
C6 NAG R . -32.30 26.14 7.26
C7 NAG R . -33.40 20.36 10.26
C8 NAG R . -34.14 19.08 10.56
N2 NAG R . -34.01 21.20 9.43
O3 NAG R . -34.80 23.71 10.62
O4 NAG R . -34.72 26.00 9.04
O5 NAG R . -32.37 23.75 7.37
O6 NAG R . -31.16 26.15 8.10
O7 NAG R . -32.29 20.56 10.77
C1 NAG S . 20.87 20.84 -33.89
C2 NAG S . 22.32 20.46 -33.61
C3 NAG S . 23.07 20.37 -34.94
C4 NAG S . 22.32 19.49 -35.96
C5 NAG S . 20.87 19.98 -36.09
C6 NAG S . 20.02 19.15 -37.04
C7 NAG S . 23.09 21.21 -31.38
C8 NAG S . 23.65 22.36 -30.58
N2 NAG S . 22.87 21.45 -32.68
O3 NAG S . 24.40 19.90 -34.76
O4 NAG S . 22.94 19.52 -37.22
O5 NAG S . 20.28 19.93 -34.81
O6 NAG S . 18.76 19.75 -37.24
O7 NAG S . 22.89 20.13 -30.84
#